data_7JNM
# 
_entry.id   7JNM 
# 
_audit_conform.dict_name       mmcif_pdbx.dic 
_audit_conform.dict_version    5.380 
_audit_conform.dict_location   http://mmcif.pdb.org/dictionaries/ascii/mmcif_pdbx.dic 
# 
loop_
_database_2.database_id 
_database_2.database_code 
_database_2.pdbx_database_accession 
_database_2.pdbx_DOI 
PDB   7JNM         pdb_00007jnm 10.2210/pdb7jnm/pdb 
WWPDB D_1000250916 ?            ?                   
# 
_pdbx_database_status.status_code                     REL 
_pdbx_database_status.status_code_sf                  REL 
_pdbx_database_status.status_code_mr                  ? 
_pdbx_database_status.entry_id                        7JNM 
_pdbx_database_status.recvd_initial_deposition_date   2020-08-04 
_pdbx_database_status.SG_entry                        N 
_pdbx_database_status.deposit_site                    RCSB 
_pdbx_database_status.process_site                    RCSB 
_pdbx_database_status.status_code_cs                  ? 
_pdbx_database_status.status_code_nmr_data            ? 
_pdbx_database_status.methods_development_category    ? 
_pdbx_database_status.pdb_format_compatible           Y 
# 
loop_
_audit_author.name 
_audit_author.pdbx_ordinal 
_audit_author.identifier_ORCID 
'Simmons, C.R.'      1 0000-0002-2290-6132 
'MacCulloch, T.'     2 0000-0001-5875-3361 
'Stephanopoulos, N.' 3 0000-0001-7859-410X 
'Yan, H.'            4 0000-0001-7397-9852 
# 
_citation.abstract                  ? 
_citation.abstract_id_CAS           ? 
_citation.book_id_ISBN              ? 
_citation.book_publisher            ? 
_citation.book_publisher_city       ? 
_citation.book_title                ? 
_citation.coordinate_linkage        ? 
_citation.country                   UK 
_citation.database_id_Medline       ? 
_citation.details                   ? 
_citation.id                        primary 
_citation.journal_abbrev            'Nat Commun' 
_citation.journal_id_ASTM           ? 
_citation.journal_id_CSD            ? 
_citation.journal_id_ISSN           2041-1723 
_citation.journal_full              ? 
_citation.journal_issue             ? 
_citation.journal_volume            13 
_citation.language                  ? 
_citation.page_first                3112 
_citation.page_last                 3112 
_citation.title                     'The influence of Holliday junction sequence and dynamics on DNA crystal self-assembly.' 
_citation.year                      2022 
_citation.database_id_CSD           ? 
_citation.pdbx_database_id_DOI      10.1038/s41467-022-30779-6 
_citation.pdbx_database_id_PubMed   35662248 
_citation.unpublished_flag          ? 
# 
loop_
_citation_author.citation_id 
_citation_author.name 
_citation_author.ordinal 
_citation_author.identifier_ORCID 
primary 'Simmons, C.R.'      1  ?                   
primary 'MacCulloch, T.'     2  ?                   
primary 'Krepl, M.'          3  0000-0002-9833-4281 
primary 'Matthies, M.'       4  ?                   
primary 'Buchberger, A.'     5  ?                   
primary 'Crawford, I.'       6  ?                   
primary 'Sponer, J.'         7  0000-0001-6558-6186 
primary 'Sulc, P.'           8  0000-0003-1565-6769 
primary 'Stephanopoulos, N.' 9  0000-0001-7859-410X 
primary 'Yan, H.'            10 0000-0001-7397-9852 
# 
_cell.angle_alpha                  90.000 
_cell.angle_alpha_esd              ? 
_cell.angle_beta                   90.000 
_cell.angle_beta_esd               ? 
_cell.angle_gamma                  120.000 
_cell.angle_gamma_esd              ? 
_cell.entry_id                     7JNM 
_cell.details                      ? 
_cell.formula_units_Z              ? 
_cell.length_a                     112.705 
_cell.length_a_esd                 ? 
_cell.length_b                     112.705 
_cell.length_b_esd                 ? 
_cell.length_c                     50.618 
_cell.length_c_esd                 ? 
_cell.volume                       ? 
_cell.volume_esd                   ? 
_cell.Z_PDB                        9 
_cell.reciprocal_angle_alpha       ? 
_cell.reciprocal_angle_beta        ? 
_cell.reciprocal_angle_gamma       ? 
_cell.reciprocal_angle_alpha_esd   ? 
_cell.reciprocal_angle_beta_esd    ? 
_cell.reciprocal_angle_gamma_esd   ? 
_cell.reciprocal_length_a          ? 
_cell.reciprocal_length_b          ? 
_cell.reciprocal_length_c          ? 
_cell.reciprocal_length_a_esd      ? 
_cell.reciprocal_length_b_esd      ? 
_cell.reciprocal_length_c_esd      ? 
_cell.pdbx_unique_axis             ? 
# 
_symmetry.entry_id                         7JNM 
_symmetry.cell_setting                     ? 
_symmetry.Int_Tables_number                146 
_symmetry.space_group_name_Hall            ? 
_symmetry.space_group_name_H-M             'H 3' 
_symmetry.pdbx_full_space_group_name_H-M   ? 
# 
loop_
_entity.id 
_entity.type 
_entity.src_method 
_entity.pdbx_description 
_entity.formula_weight 
_entity.pdbx_number_of_molecules 
_entity.pdbx_ec 
_entity.pdbx_mutation 
_entity.pdbx_fragment 
_entity.details 
1 polymer     syn 
;DNA (5'-D(*GP*AP*AP*CP*GP*AP*CP*AP*GP*TP*GP*AP*CP*GP*AP*CP*GP*AP*GP*TP*C)-3')
;
6506.225 1 ? ? ? ? 
2 polymer     syn 
;DNA (5'-D(*TP*CP*GP*AP*GP*TP*CP*G)-3')
;
2442.616 1 ? ? ? ? 
3 polymer     syn 
;DNA (5'-D(P*CP*TP*GP*TP*CP*GP*T)-3')
;
2104.396 1 ? ? ? ? 
4 polymer     syn 
;DNA (5'-D(P*TP*CP*GP*TP*CP*A)-3')
;
1784.204 1 ? ? ? ? 
5 non-polymer syn 'CACODYLATE ION'                                                                136.989  2 ? ? ? ? 
# 
loop_
_entity_poly.entity_id 
_entity_poly.type 
_entity_poly.nstd_linkage 
_entity_poly.nstd_monomer 
_entity_poly.pdbx_seq_one_letter_code 
_entity_poly.pdbx_seq_one_letter_code_can 
_entity_poly.pdbx_strand_id 
_entity_poly.pdbx_target_identifier 
1 polydeoxyribonucleotide no no 
;(DG)(DA)(DA)(DC)(DG)(DA)(DC)(DA)(DG)(DT)(DG)(DA)(DC)(DG)(DA)(DC)(DG)(DA)(DG)(DT)
(DC)
;
GAACGACAGTGACGACGAGTC B ? 
2 polydeoxyribonucleotide no no '(DT)(DC)(DG)(DA)(DG)(DT)(DC)(DG)'                                                      TCGAGTCG C 
? 
3 polydeoxyribonucleotide no no '(DC)(DT)(DG)(DT)(DC)(DG)(DT)'                                                          CTGTCGT D 
? 
4 polydeoxyribonucleotide no no '(DT)(DC)(DG)(DT)(DC)(DA)'                                                              TCGTCA A ? 
# 
loop_
_entity_poly_seq.entity_id 
_entity_poly_seq.num 
_entity_poly_seq.mon_id 
_entity_poly_seq.hetero 
1 1  DG n 
1 2  DA n 
1 3  DA n 
1 4  DC n 
1 5  DG n 
1 6  DA n 
1 7  DC n 
1 8  DA n 
1 9  DG n 
1 10 DT n 
1 11 DG n 
1 12 DA n 
1 13 DC n 
1 14 DG n 
1 15 DA n 
1 16 DC n 
1 17 DG n 
1 18 DA n 
1 19 DG n 
1 20 DT n 
1 21 DC n 
2 1  DT n 
2 2  DC n 
2 3  DG n 
2 4  DA n 
2 5  DG n 
2 6  DT n 
2 7  DC n 
2 8  DG n 
3 1  DC n 
3 2  DT n 
3 3  DG n 
3 4  DT n 
3 5  DC n 
3 6  DG n 
3 7  DT n 
4 1  DT n 
4 2  DC n 
4 3  DG n 
4 4  DT n 
4 5  DC n 
4 6  DA n 
# 
loop_
_pdbx_entity_src_syn.entity_id 
_pdbx_entity_src_syn.pdbx_src_id 
_pdbx_entity_src_syn.pdbx_alt_source_flag 
_pdbx_entity_src_syn.pdbx_beg_seq_num 
_pdbx_entity_src_syn.pdbx_end_seq_num 
_pdbx_entity_src_syn.organism_scientific 
_pdbx_entity_src_syn.organism_common_name 
_pdbx_entity_src_syn.ncbi_taxonomy_id 
_pdbx_entity_src_syn.details 
1 1 sample 1 21 'synthetic construct' ? 32630 ? 
2 1 sample 1 8  'synthetic construct' ? 32630 ? 
3 1 sample 1 7  'synthetic construct' ? 32630 ? 
4 1 sample 1 6  'synthetic construct' ? 32630 ? 
# 
loop_
_struct_ref.id 
_struct_ref.db_name 
_struct_ref.db_code 
_struct_ref.pdbx_db_accession 
_struct_ref.pdbx_db_isoform 
_struct_ref.entity_id 
_struct_ref.pdbx_seq_one_letter_code 
_struct_ref.pdbx_align_begin 
1 PDB 7JNM 7JNM ? 1 ? 1 
2 PDB 7JNM 7JNM ? 2 ? 1 
3 PDB 7JNM 7JNM ? 3 ? 1 
4 PDB 7JNM 7JNM ? 4 ? 1 
# 
loop_
_struct_ref_seq.align_id 
_struct_ref_seq.ref_id 
_struct_ref_seq.pdbx_PDB_id_code 
_struct_ref_seq.pdbx_strand_id 
_struct_ref_seq.seq_align_beg 
_struct_ref_seq.pdbx_seq_align_beg_ins_code 
_struct_ref_seq.seq_align_end 
_struct_ref_seq.pdbx_seq_align_end_ins_code 
_struct_ref_seq.pdbx_db_accession 
_struct_ref_seq.db_align_beg 
_struct_ref_seq.pdbx_db_align_beg_ins_code 
_struct_ref_seq.db_align_end 
_struct_ref_seq.pdbx_db_align_end_ins_code 
_struct_ref_seq.pdbx_auth_seq_align_beg 
_struct_ref_seq.pdbx_auth_seq_align_end 
1 1 7JNM B 1 ? 21 ? 7JNM 7  ? 27 ? 7  27 
2 2 7JNM C 1 ? 8  ? 7JNM 28 ? 35 ? 28 35 
3 3 7JNM D 1 ? 7  ? 7JNM 36 ? 42 ? 36 42 
4 4 7JNM A 1 ? 6  ? 7JNM 1  ? 6  ? 1  6  
# 
loop_
_chem_comp.id 
_chem_comp.type 
_chem_comp.mon_nstd_flag 
_chem_comp.name 
_chem_comp.pdbx_synonyms 
_chem_comp.formula 
_chem_comp.formula_weight 
CAC non-polymer   . 'CACODYLATE ION'                     dimethylarsinate 'C2 H6 As O2 -1'  136.989 
DA  'DNA linking' y "2'-DEOXYADENOSINE-5'-MONOPHOSPHATE" ?                'C10 H14 N5 O6 P' 331.222 
DC  'DNA linking' y "2'-DEOXYCYTIDINE-5'-MONOPHOSPHATE"  ?                'C9 H14 N3 O7 P'  307.197 
DG  'DNA linking' y "2'-DEOXYGUANOSINE-5'-MONOPHOSPHATE" ?                'C10 H14 N5 O7 P' 347.221 
DT  'DNA linking' y "THYMIDINE-5'-MONOPHOSPHATE"         ?                'C10 H15 N2 O8 P' 322.208 
# 
_exptl.absorpt_coefficient_mu     ? 
_exptl.absorpt_correction_T_max   ? 
_exptl.absorpt_correction_T_min   ? 
_exptl.absorpt_correction_type    ? 
_exptl.absorpt_process_details    ? 
_exptl.entry_id                   7JNM 
_exptl.crystals_number            1 
_exptl.details                    ? 
_exptl.method                     'X-RAY DIFFRACTION' 
_exptl.method_details             ? 
# 
_exptl_crystal.colour                      ? 
_exptl_crystal.density_diffrn              ? 
_exptl_crystal.density_Matthews            4.82 
_exptl_crystal.density_method              ? 
_exptl_crystal.density_percent_sol         74.48 
_exptl_crystal.description                 ? 
_exptl_crystal.F_000                       ? 
_exptl_crystal.id                          1 
_exptl_crystal.preparation                 ? 
_exptl_crystal.size_max                    ? 
_exptl_crystal.size_mid                    ? 
_exptl_crystal.size_min                    ? 
_exptl_crystal.size_rad                    ? 
_exptl_crystal.colour_lustre               ? 
_exptl_crystal.colour_modifier             ? 
_exptl_crystal.colour_primary              ? 
_exptl_crystal.density_meas                ? 
_exptl_crystal.density_meas_esd            ? 
_exptl_crystal.density_meas_gt             ? 
_exptl_crystal.density_meas_lt             ? 
_exptl_crystal.density_meas_temp           ? 
_exptl_crystal.density_meas_temp_esd       ? 
_exptl_crystal.density_meas_temp_gt        ? 
_exptl_crystal.density_meas_temp_lt        ? 
_exptl_crystal.pdbx_crystal_image_url      ? 
_exptl_crystal.pdbx_crystal_image_format   ? 
_exptl_crystal.pdbx_mosaicity              ? 
_exptl_crystal.pdbx_mosaicity_esd          ? 
# 
_exptl_crystal_grow.apparatus       ? 
_exptl_crystal_grow.atmosphere      ? 
_exptl_crystal_grow.crystal_id      1 
_exptl_crystal_grow.details         ? 
_exptl_crystal_grow.method          'VAPOR DIFFUSION, SITTING DROP' 
_exptl_crystal_grow.method_ref      ? 
_exptl_crystal_grow.pH              ? 
_exptl_crystal_grow.pressure        ? 
_exptl_crystal_grow.pressure_esd    ? 
_exptl_crystal_grow.seeding         ? 
_exptl_crystal_grow.seeding_ref     ? 
_exptl_crystal_grow.temp            298 
_exptl_crystal_grow.temp_details    'temperature gradient generated from 60 to 25 C at 0.3 degrees per hour' 
_exptl_crystal_grow.temp_esd        ? 
_exptl_crystal_grow.time            ? 
_exptl_crystal_grow.pdbx_details    
;0.5 mL of 0.05 M Cacodylate pH 7.0 with 18 mM MgCl2, 2.25 mM spermine, 0.9 mM CoH18N6, and 4.5% MPD was added to the reservoir with 2 uL added to the drop containing 4 uL of DNA stock
;
_exptl_crystal_grow.pdbx_pH_range   ? 
# 
_diffrn.ambient_environment              ? 
_diffrn.ambient_temp                     100 
_diffrn.ambient_temp_details             ? 
_diffrn.ambient_temp_esd                 ? 
_diffrn.crystal_id                       1 
_diffrn.crystal_support                  ? 
_diffrn.crystal_treatment                ? 
_diffrn.details                          ? 
_diffrn.id                               1 
_diffrn.ambient_pressure                 ? 
_diffrn.ambient_pressure_esd             ? 
_diffrn.ambient_pressure_gt              ? 
_diffrn.ambient_pressure_lt              ? 
_diffrn.ambient_temp_gt                  ? 
_diffrn.ambient_temp_lt                  ? 
_diffrn.pdbx_serial_crystal_experiment   N 
# 
_diffrn_detector.details                      ? 
_diffrn_detector.detector                     PIXEL 
_diffrn_detector.diffrn_id                    1 
_diffrn_detector.type                         'DECTRIS PILATUS3 6M' 
_diffrn_detector.area_resol_mean              ? 
_diffrn_detector.dtime                        ? 
_diffrn_detector.pdbx_frames_total            ? 
_diffrn_detector.pdbx_collection_time_total   ? 
_diffrn_detector.pdbx_collection_date         2018-08-15 
_diffrn_detector.pdbx_frequency               ? 
# 
_diffrn_radiation.collimation                      ? 
_diffrn_radiation.diffrn_id                        1 
_diffrn_radiation.filter_edge                      ? 
_diffrn_radiation.inhomogeneity                    ? 
_diffrn_radiation.monochromator                    ? 
_diffrn_radiation.polarisn_norm                    ? 
_diffrn_radiation.polarisn_ratio                   ? 
_diffrn_radiation.probe                            ? 
_diffrn_radiation.type                             ? 
_diffrn_radiation.xray_symbol                      ? 
_diffrn_radiation.wavelength_id                    1 
_diffrn_radiation.pdbx_monochromatic_or_laue_m_l   M 
_diffrn_radiation.pdbx_wavelength_list             ? 
_diffrn_radiation.pdbx_wavelength                  ? 
_diffrn_radiation.pdbx_diffrn_protocol             'SINGLE WAVELENGTH' 
_diffrn_radiation.pdbx_analyzer                    ? 
_diffrn_radiation.pdbx_scattering_type             x-ray 
# 
_diffrn_radiation_wavelength.id           1 
_diffrn_radiation_wavelength.wavelength   0.92 
_diffrn_radiation_wavelength.wt           1.0 
# 
_diffrn_source.current                     ? 
_diffrn_source.details                     ? 
_diffrn_source.diffrn_id                   1 
_diffrn_source.power                       ? 
_diffrn_source.size                        ? 
_diffrn_source.source                      SYNCHROTRON 
_diffrn_source.target                      ? 
_diffrn_source.type                        'APS BEAMLINE 19-ID' 
_diffrn_source.voltage                     ? 
_diffrn_source.take-off_angle              ? 
_diffrn_source.pdbx_wavelength_list        0.92 
_diffrn_source.pdbx_wavelength             ? 
_diffrn_source.pdbx_synchrotron_beamline   19-ID 
_diffrn_source.pdbx_synchrotron_site       APS 
# 
_reflns.B_iso_Wilson_estimate            92.050 
_reflns.entry_id                         7JNM 
_reflns.data_reduction_details           ? 
_reflns.data_reduction_method            ? 
_reflns.d_resolution_high                2.700 
_reflns.d_resolution_low                 50.000 
_reflns.details                          ? 
_reflns.limit_h_max                      ? 
_reflns.limit_h_min                      ? 
_reflns.limit_k_max                      ? 
_reflns.limit_k_min                      ? 
_reflns.limit_l_max                      ? 
_reflns.limit_l_min                      ? 
_reflns.number_all                       ? 
_reflns.number_obs                       6544 
_reflns.observed_criterion               ? 
_reflns.observed_criterion_F_max         ? 
_reflns.observed_criterion_F_min         ? 
_reflns.observed_criterion_I_max         ? 
_reflns.observed_criterion_I_min         ? 
_reflns.observed_criterion_sigma_F       ? 
_reflns.observed_criterion_sigma_I       ? 
_reflns.percent_possible_obs             99.700 
_reflns.R_free_details                   ? 
_reflns.Rmerge_F_all                     ? 
_reflns.Rmerge_F_obs                     ? 
_reflns.Friedel_coverage                 ? 
_reflns.number_gt                        ? 
_reflns.threshold_expression             ? 
_reflns.pdbx_redundancy                  10.200 
_reflns.pdbx_Rmerge_I_obs                0.076 
_reflns.pdbx_Rmerge_I_all                ? 
_reflns.pdbx_Rsym_value                  ? 
_reflns.pdbx_netI_over_av_sigmaI         ? 
_reflns.pdbx_netI_over_sigmaI            9.800 
_reflns.pdbx_res_netI_over_av_sigmaI_2   ? 
_reflns.pdbx_res_netI_over_sigmaI_2      ? 
_reflns.pdbx_chi_squared                 4.030 
_reflns.pdbx_scaling_rejects             ? 
_reflns.pdbx_d_res_high_opt              ? 
_reflns.pdbx_d_res_low_opt               ? 
_reflns.pdbx_d_res_opt_method            ? 
_reflns.phase_calculation_details        ? 
_reflns.pdbx_Rrim_I_all                  0.080 
_reflns.pdbx_Rpim_I_all                  0.025 
_reflns.pdbx_d_opt                       ? 
_reflns.pdbx_number_measured_all         ? 
_reflns.pdbx_diffrn_id                   1 
_reflns.pdbx_ordinal                     1 
_reflns.pdbx_CC_half                     0.924 
_reflns.pdbx_CC_star                     ? 
_reflns.pdbx_R_split                     ? 
# 
loop_
_reflns_shell.d_res_high 
_reflns_shell.d_res_low 
_reflns_shell.meanI_over_sigI_all 
_reflns_shell.meanI_over_sigI_obs 
_reflns_shell.number_measured_all 
_reflns_shell.number_measured_obs 
_reflns_shell.number_possible 
_reflns_shell.number_unique_all 
_reflns_shell.number_unique_obs 
_reflns_shell.percent_possible_all 
_reflns_shell.percent_possible_obs 
_reflns_shell.Rmerge_F_all 
_reflns_shell.Rmerge_F_obs 
_reflns_shell.Rmerge_I_all 
_reflns_shell.Rmerge_I_obs 
_reflns_shell.meanI_over_sigI_gt 
_reflns_shell.meanI_over_uI_all 
_reflns_shell.meanI_over_uI_gt 
_reflns_shell.number_measured_gt 
_reflns_shell.number_unique_gt 
_reflns_shell.percent_possible_gt 
_reflns_shell.Rmerge_F_gt 
_reflns_shell.Rmerge_I_gt 
_reflns_shell.pdbx_redundancy 
_reflns_shell.pdbx_Rsym_value 
_reflns_shell.pdbx_chi_squared 
_reflns_shell.pdbx_netI_over_sigmaI_all 
_reflns_shell.pdbx_netI_over_sigmaI_obs 
_reflns_shell.pdbx_Rrim_I_all 
_reflns_shell.pdbx_Rpim_I_all 
_reflns_shell.pdbx_rejects 
_reflns_shell.pdbx_ordinal 
_reflns_shell.pdbx_diffrn_id 
_reflns_shell.pdbx_CC_half 
_reflns_shell.pdbx_CC_star 
_reflns_shell.pdbx_R_split 
2.700 2.750  ? ? ? ? ? ? 328 98.800  ? ? ? ? 1.022 ? ? ? ? ? ? ? ? 8.800  ? 0.457  ? ? 1.084 0.354 ? 1  1 0.746 ? ? 
2.750 2.800  ? ? ? ? ? ? 339 100.000 ? ? ? ? 0.718 ? ? ? ? ? ? ? ? 9.100  ? 0.442  ? ? 0.761 0.248 ? 2  1 0.847 ? ? 
2.800 2.850  ? ? ? ? ? ? 301 99.700  ? ? ? ? 0.653 ? ? ? ? ? ? ? ? 10.000 ? 0.455  ? ? 0.688 0.216 ? 3  1 0.915 ? ? 
2.850 2.910  ? ? ? ? ? ? 338 100.000 ? ? ? ? 0.508 ? ? ? ? ? ? ? ? 10.200 ? 0.607  ? ? 0.534 0.166 ? 4  1 0.939 ? ? 
2.910 2.970  ? ? ? ? ? ? 331 100.000 ? ? ? ? 0.399 ? ? ? ? ? ? ? ? 10.100 ? 0.587  ? ? 0.420 0.132 ? 5  1 0.979 ? ? 
2.970 3.040  ? ? ? ? ? ? 335 99.700  ? ? ? ? 0.217 ? ? ? ? ? ? ? ? 9.300  ? 0.625  ? ? 0.230 0.075 ? 6  1 0.987 ? ? 
3.040 3.120  ? ? ? ? ? ? 307 100.000 ? ? ? ? 0.134 ? ? ? ? ? ? ? ? 10.900 ? 0.999  ? ? 0.141 0.043 ? 7  1 0.996 ? ? 
3.120 3.200  ? ? ? ? ? ? 344 98.600  ? ? ? ? 0.109 ? ? ? ? ? ? ? ? 10.500 ? 2.721  ? ? 0.117 0.041 ? 8  1 0.954 ? ? 
3.200 3.300  ? ? ? ? ? ? 301 99.300  ? ? ? ? 0.136 ? ? ? ? ? ? ? ? 10.900 ? 4.264  ? ? 0.144 0.047 ? 9  1 0.920 ? ? 
3.300 3.400  ? ? ? ? ? ? 325 97.900  ? ? ? ? 0.094 ? ? ? ? ? ? ? ? 10.600 ? 2.189  ? ? 0.099 0.032 ? 10 1 0.958 ? ? 
3.400 3.520  ? ? ? ? ? ? 351 100.000 ? ? ? ? 0.078 ? ? ? ? ? ? ? ? 10.400 ? 2.054  ? ? 0.082 0.026 ? 11 1 0.997 ? ? 
3.520 3.660  ? ? ? ? ? ? 316 99.700  ? ? ? ? 0.081 ? ? ? ? ? ? ? ? 10.200 ? 2.149  ? ? 0.086 0.027 ? 12 1 0.991 ? ? 
3.660 3.830  ? ? ? ? ? ? 328 100.000 ? ? ? ? 0.090 ? ? ? ? ? ? ? ? 9.800  ? 3.532  ? ? 0.094 0.029 ? 13 1 0.991 ? ? 
3.830 4.030  ? ? ? ? ? ? 323 100.000 ? ? ? ? 0.080 ? ? ? ? ? ? ? ? 10.900 ? 4.324  ? ? 0.084 0.025 ? 14 1 0.991 ? ? 
4.030 4.290  ? ? ? ? ? ? 339 100.000 ? ? ? ? 0.071 ? ? ? ? ? ? ? ? 10.800 ? 3.220  ? ? 0.075 0.023 ? 15 1 0.995 ? ? 
4.290 4.620  ? ? ? ? ? ? 326 100.000 ? ? ? ? 0.069 ? ? ? ? ? ? ? ? 10.600 ? 4.320  ? ? 0.072 0.022 ? 16 1 0.994 ? ? 
4.620 5.080  ? ? ? ? ? ? 325 100.000 ? ? ? ? 0.063 ? ? ? ? ? ? ? ? 9.800  ? 4.304  ? ? 0.067 0.021 ? 17 1 0.995 ? ? 
5.080 5.810  ? ? ? ? ? ? 324 100.000 ? ? ? ? 0.058 ? ? ? ? ? ? ? ? 11.100 ? 5.684  ? ? 0.061 0.018 ? 18 1 0.995 ? ? 
5.810 7.320  ? ? ? ? ? ? 340 100.000 ? ? ? ? 0.056 ? ? ? ? ? ? ? ? 10.400 ? 10.262 ? ? 0.059 0.018 ? 19 1 0.995 ? ? 
7.320 50.000 ? ? ? ? ? ? 323 99.700  ? ? ? ? 0.077 ? ? ? ? ? ? ? ? 10.500 ? 25.422 ? ? 0.081 0.025 ? 20 1 0.981 ? ? 
# 
_refine.aniso_B[1][1]                            ? 
_refine.aniso_B[1][2]                            ? 
_refine.aniso_B[1][3]                            ? 
_refine.aniso_B[2][2]                            ? 
_refine.aniso_B[2][3]                            ? 
_refine.aniso_B[3][3]                            ? 
_refine.B_iso_max                                190.690 
_refine.B_iso_mean                               97.3124 
_refine.B_iso_min                                64.050 
_refine.correlation_coeff_Fo_to_Fc               ? 
_refine.correlation_coeff_Fo_to_Fc_free          ? 
_refine.details                                  ? 
_refine.diff_density_max                         ? 
_refine.diff_density_max_esd                     ? 
_refine.diff_density_min                         ? 
_refine.diff_density_min_esd                     ? 
_refine.diff_density_rms                         ? 
_refine.diff_density_rms_esd                     ? 
_refine.entry_id                                 7JNM 
_refine.pdbx_refine_id                           'X-RAY DIFFRACTION' 
_refine.ls_abs_structure_details                 ? 
_refine.ls_abs_structure_Flack                   ? 
_refine.ls_abs_structure_Flack_esd               ? 
_refine.ls_abs_structure_Rogers                  ? 
_refine.ls_abs_structure_Rogers_esd              ? 
_refine.ls_d_res_high                            2.7020 
_refine.ls_d_res_low                             24.4990 
_refine.ls_extinction_coef                       ? 
_refine.ls_extinction_coef_esd                   ? 
_refine.ls_extinction_expression                 ? 
_refine.ls_extinction_method                     ? 
_refine.ls_goodness_of_fit_all                   ? 
_refine.ls_goodness_of_fit_all_esd               ? 
_refine.ls_goodness_of_fit_obs                   ? 
_refine.ls_goodness_of_fit_obs_esd               ? 
_refine.ls_hydrogen_treatment                    ? 
_refine.ls_matrix_type                           ? 
_refine.ls_number_constraints                    ? 
_refine.ls_number_parameters                     ? 
_refine.ls_number_reflns_all                     ? 
_refine.ls_number_reflns_obs                     6484 
_refine.ls_number_reflns_R_free                  651 
_refine.ls_number_reflns_R_work                  5833 
_refine.ls_number_restraints                     ? 
_refine.ls_percent_reflns_obs                    98.8100 
_refine.ls_percent_reflns_R_free                 10.0400 
_refine.ls_R_factor_all                          ? 
_refine.ls_R_factor_obs                          0.2256 
_refine.ls_R_factor_R_free                       0.2435 
_refine.ls_R_factor_R_free_error                 ? 
_refine.ls_R_factor_R_free_error_details         ? 
_refine.ls_R_factor_R_work                       0.2236 
_refine.ls_R_Fsqd_factor_obs                     ? 
_refine.ls_R_I_factor_obs                        ? 
_refine.ls_redundancy_reflns_all                 ? 
_refine.ls_redundancy_reflns_obs                 ? 
_refine.ls_restrained_S_all                      ? 
_refine.ls_restrained_S_obs                      ? 
_refine.ls_shift_over_esd_max                    ? 
_refine.ls_shift_over_esd_mean                   ? 
_refine.ls_structure_factor_coef                 ? 
_refine.ls_weighting_details                     ? 
_refine.ls_weighting_scheme                      ? 
_refine.ls_wR_factor_all                         ? 
_refine.ls_wR_factor_obs                         ? 
_refine.ls_wR_factor_R_free                      ? 
_refine.ls_wR_factor_R_work                      ? 
_refine.occupancy_max                            ? 
_refine.occupancy_min                            ? 
_refine.solvent_model_details                    'FLAT BULK SOLVENT MODEL' 
_refine.solvent_model_param_bsol                 ? 
_refine.solvent_model_param_ksol                 ? 
_refine.pdbx_R_complete                          ? 
_refine.ls_R_factor_gt                           ? 
_refine.ls_goodness_of_fit_gt                    ? 
_refine.ls_goodness_of_fit_ref                   ? 
_refine.ls_shift_over_su_max                     ? 
_refine.ls_shift_over_su_max_lt                  ? 
_refine.ls_shift_over_su_mean                    ? 
_refine.ls_shift_over_su_mean_lt                 ? 
_refine.pdbx_ls_sigma_I                          ? 
_refine.pdbx_ls_sigma_F                          2.000 
_refine.pdbx_ls_sigma_Fsqd                       ? 
_refine.pdbx_data_cutoff_high_absF               ? 
_refine.pdbx_data_cutoff_high_rms_absF           ? 
_refine.pdbx_data_cutoff_low_absF                ? 
_refine.pdbx_isotropic_thermal_model             ? 
_refine.pdbx_ls_cross_valid_method               THROUGHOUT 
_refine.pdbx_method_to_determine_struct          'MOLECULAR REPLACEMENT' 
_refine.pdbx_starting_model                      5VY6 
_refine.pdbx_stereochemistry_target_values       ML 
_refine.pdbx_R_Free_selection_details            ? 
_refine.pdbx_stereochem_target_val_spec_case     ? 
_refine.pdbx_overall_ESU_R                       ? 
_refine.pdbx_overall_ESU_R_Free                  ? 
_refine.pdbx_solvent_vdw_probe_radii             1.1100 
_refine.pdbx_solvent_ion_probe_radii             ? 
_refine.pdbx_solvent_shrinkage_radii             0.9000 
_refine.pdbx_real_space_R                        ? 
_refine.pdbx_density_correlation                 ? 
_refine.pdbx_pd_number_of_powder_patterns        ? 
_refine.pdbx_pd_number_of_points                 ? 
_refine.pdbx_pd_meas_number_of_points            ? 
_refine.pdbx_pd_proc_ls_prof_R_factor            ? 
_refine.pdbx_pd_proc_ls_prof_wR_factor           ? 
_refine.pdbx_pd_Marquardt_correlation_coeff      ? 
_refine.pdbx_pd_Fsqrd_R_factor                   ? 
_refine.pdbx_pd_ls_matrix_band_width             ? 
_refine.pdbx_overall_phase_error                 34.5900 
_refine.pdbx_overall_SU_R_free_Cruickshank_DPI   ? 
_refine.pdbx_overall_SU_R_free_Blow_DPI          ? 
_refine.pdbx_overall_SU_R_Blow_DPI               ? 
_refine.pdbx_TLS_residual_ADP_flag               ? 
_refine.pdbx_diffrn_id                           1 
_refine.overall_SU_B                             ? 
_refine.overall_SU_ML                            0.4100 
_refine.overall_SU_R_Cruickshank_DPI             ? 
_refine.overall_SU_R_free                        ? 
_refine.overall_FOM_free_R_set                   ? 
_refine.overall_FOM_work_R_set                   ? 
_refine.pdbx_average_fsc_overall                 ? 
_refine.pdbx_average_fsc_work                    ? 
_refine.pdbx_average_fsc_free                    ? 
# 
_refine_hist.pdbx_refine_id                   'X-RAY DIFFRACTION' 
_refine_hist.cycle_id                         final 
_refine_hist.details                          ? 
_refine_hist.d_res_high                       2.7020 
_refine_hist.d_res_low                        24.4990 
_refine_hist.number_atoms_solvent             0 
_refine_hist.number_atoms_total               860 
_refine_hist.number_reflns_all                ? 
_refine_hist.number_reflns_obs                ? 
_refine_hist.number_reflns_R_free             ? 
_refine_hist.number_reflns_R_work             ? 
_refine_hist.R_factor_all                     ? 
_refine_hist.R_factor_obs                     ? 
_refine_hist.R_factor_R_free                  ? 
_refine_hist.R_factor_R_work                  ? 
_refine_hist.pdbx_number_residues_total       42 
_refine_hist.pdbx_B_iso_mean_ligand           174.74 
_refine_hist.pdbx_B_iso_mean_solvent          ? 
_refine_hist.pdbx_number_atoms_protein        0 
_refine_hist.pdbx_number_atoms_nucleic_acid   858 
_refine_hist.pdbx_number_atoms_ligand         2 
_refine_hist.pdbx_number_atoms_lipid          ? 
_refine_hist.pdbx_number_atoms_carb           ? 
_refine_hist.pdbx_pseudo_atom_details         ? 
# 
loop_
_refine_ls_restr.pdbx_refine_id 
_refine_ls_restr.criterion 
_refine_ls_restr.dev_ideal 
_refine_ls_restr.dev_ideal_target 
_refine_ls_restr.number 
_refine_ls_restr.rejects 
_refine_ls_restr.type 
_refine_ls_restr.weight 
_refine_ls_restr.pdbx_restraint_function 
'X-RAY DIFFRACTION' ? 0.006  ? 960  ? f_bond_d           ? ? 
'X-RAY DIFFRACTION' ? 0.737  ? 1474 ? f_angle_d          ? ? 
'X-RAY DIFFRACTION' ? 0.041  ? 166  ? f_chiral_restr     ? ? 
'X-RAY DIFFRACTION' ? 0.005  ? 42   ? f_plane_restr      ? ? 
'X-RAY DIFFRACTION' ? 34.759 ? 406  ? f_dihedral_angle_d ? ? 
# 
loop_
_refine_ls_shell.pdbx_refine_id 
_refine_ls_shell.d_res_high 
_refine_ls_shell.d_res_low 
_refine_ls_shell.number_reflns_all 
_refine_ls_shell.number_reflns_obs 
_refine_ls_shell.number_reflns_R_free 
_refine_ls_shell.number_reflns_R_work 
_refine_ls_shell.percent_reflns_obs 
_refine_ls_shell.percent_reflns_R_free 
_refine_ls_shell.R_factor_all 
_refine_ls_shell.R_factor_obs 
_refine_ls_shell.R_factor_R_free 
_refine_ls_shell.R_factor_R_free_error 
_refine_ls_shell.R_factor_R_work 
_refine_ls_shell.redundancy_reflns_all 
_refine_ls_shell.redundancy_reflns_obs 
_refine_ls_shell.wR_factor_all 
_refine_ls_shell.wR_factor_obs 
_refine_ls_shell.wR_factor_R_free 
_refine_ls_shell.wR_factor_R_work 
_refine_ls_shell.pdbx_R_complete 
_refine_ls_shell.pdbx_total_number_of_bins_used 
_refine_ls_shell.pdbx_phase_error 
_refine_ls_shell.pdbx_fsc_work 
_refine_ls_shell.pdbx_fsc_free 
'X-RAY DIFFRACTION' 2.7023 2.9106 . . 130 1176 99.0000  . . . 0.4255 0.0000 0.3972 . . . . . . . . . . . 
'X-RAY DIFFRACTION' 2.9106 3.2030 . . 130 1153 97.0000  . . . 0.3819 0.0000 0.3369 . . . . . . . . . . . 
'X-RAY DIFFRACTION' 3.2030 3.6651 . . 125 1144 98.0000  . . . 0.2613 0.0000 0.2464 . . . . . . . . . . . 
'X-RAY DIFFRACTION' 3.6651 4.6126 . . 135 1187 100.0000 . . . 0.2982 0.0000 0.2777 . . . . . . . . . . . 
'X-RAY DIFFRACTION' 4.6126 24.499 . . 131 1173 100.0000 . . . 0.1812 0.0000 0.1650 . . . . . . . . . . . 
# 
_struct.entry_id                     7JNM 
_struct.title                        
;Self-assembly of a 3D DNA crystal lattice (4x6 scramble duplex version) containing the J36 immobile Holliday junction with R3 symmetry
;
_struct.pdbx_model_details           ? 
_struct.pdbx_formula_weight          ? 
_struct.pdbx_formula_weight_method   ? 
_struct.pdbx_model_type_details      ? 
_struct.pdbx_CASP_flag               N 
# 
_struct_keywords.entry_id        7JNM 
_struct_keywords.text            
'Structural DNA nanotechnology, immobile Holliday junctions, 3D DNA self-assembly, designer DNA crystals, DNA' 
_struct_keywords.pdbx_keywords   DNA 
# 
loop_
_struct_asym.id 
_struct_asym.pdbx_blank_PDB_chainid_flag 
_struct_asym.pdbx_modified 
_struct_asym.entity_id 
_struct_asym.details 
A N N 1 ? 
B N N 2 ? 
C N N 3 ? 
D N N 4 ? 
E N N 5 ? 
F N N 5 ? 
# 
loop_
_struct_conn.id 
_struct_conn.conn_type_id 
_struct_conn.pdbx_leaving_atom_flag 
_struct_conn.pdbx_PDB_id 
_struct_conn.ptnr1_label_asym_id 
_struct_conn.ptnr1_label_comp_id 
_struct_conn.ptnr1_label_seq_id 
_struct_conn.ptnr1_label_atom_id 
_struct_conn.pdbx_ptnr1_label_alt_id 
_struct_conn.pdbx_ptnr1_PDB_ins_code 
_struct_conn.pdbx_ptnr1_standard_comp_id 
_struct_conn.ptnr1_symmetry 
_struct_conn.ptnr2_label_asym_id 
_struct_conn.ptnr2_label_comp_id 
_struct_conn.ptnr2_label_seq_id 
_struct_conn.ptnr2_label_atom_id 
_struct_conn.pdbx_ptnr2_label_alt_id 
_struct_conn.pdbx_ptnr2_PDB_ins_code 
_struct_conn.ptnr1_auth_asym_id 
_struct_conn.ptnr1_auth_comp_id 
_struct_conn.ptnr1_auth_seq_id 
_struct_conn.ptnr2_auth_asym_id 
_struct_conn.ptnr2_auth_comp_id 
_struct_conn.ptnr2_auth_seq_id 
_struct_conn.ptnr2_symmetry 
_struct_conn.pdbx_ptnr3_label_atom_id 
_struct_conn.pdbx_ptnr3_label_seq_id 
_struct_conn.pdbx_ptnr3_label_comp_id 
_struct_conn.pdbx_ptnr3_label_asym_id 
_struct_conn.pdbx_ptnr3_label_alt_id 
_struct_conn.pdbx_ptnr3_PDB_ins_code 
_struct_conn.details 
_struct_conn.pdbx_dist_value 
_struct_conn.pdbx_value_order 
_struct_conn.pdbx_role 
hydrog1  hydrog ? ? A DA 3  N1 ? ? ? 1_555 C DT 7 N3 ? ? B DA 9  D DT 42 1_555 ? ? ? ? ? ? WATSON-CRICK    ? ? ? 
hydrog2  hydrog ? ? A DA 3  N6 ? ? ? 1_555 C DT 7 O4 ? ? B DA 9  D DT 42 1_555 ? ? ? ? ? ? WATSON-CRICK    ? ? ? 
hydrog3  hydrog ? ? A DC 4  N3 ? ? ? 1_555 C DG 6 N1 ? ? B DC 10 D DG 41 1_555 ? ? ? ? ? ? WATSON-CRICK    ? ? ? 
hydrog4  hydrog ? ? A DC 4  N4 ? ? ? 1_555 C DG 6 O6 ? ? B DC 10 D DG 41 1_555 ? ? ? ? ? ? WATSON-CRICK    ? ? ? 
hydrog5  hydrog ? ? A DC 4  O2 ? ? ? 1_555 C DG 6 N2 ? ? B DC 10 D DG 41 1_555 ? ? ? ? ? ? WATSON-CRICK    ? ? ? 
hydrog6  hydrog ? ? A DG 5  N1 ? ? ? 1_555 C DC 5 N3 ? ? B DG 11 D DC 40 1_555 ? ? ? ? ? ? WATSON-CRICK    ? ? ? 
hydrog7  hydrog ? ? A DG 5  N2 ? ? ? 1_555 C DC 5 O2 ? ? B DG 11 D DC 40 1_555 ? ? ? ? ? ? WATSON-CRICK    ? ? ? 
hydrog8  hydrog ? ? A DG 5  O6 ? ? ? 1_555 C DC 5 N4 ? ? B DG 11 D DC 40 1_555 ? ? ? ? ? ? WATSON-CRICK    ? ? ? 
hydrog9  hydrog ? ? A DA 6  N1 ? ? ? 1_555 C DT 4 N3 ? ? B DA 12 D DT 39 1_555 ? ? ? ? ? ? WATSON-CRICK    ? ? ? 
hydrog10 hydrog ? ? A DA 6  N6 ? ? ? 1_555 C DT 4 O4 ? ? B DA 12 D DT 39 1_555 ? ? ? ? ? ? WATSON-CRICK    ? ? ? 
hydrog11 hydrog ? ? A DC 7  N3 ? ? ? 1_555 C DG 3 N1 ? ? B DC 13 D DG 38 1_555 ? ? ? ? ? ? WATSON-CRICK    ? ? ? 
hydrog12 hydrog ? ? A DC 7  N4 ? ? ? 1_555 C DG 3 O6 ? ? B DC 13 D DG 38 1_555 ? ? ? ? ? ? WATSON-CRICK    ? ? ? 
hydrog13 hydrog ? ? A DC 7  O2 ? ? ? 1_555 C DG 3 N2 ? ? B DC 13 D DG 38 1_555 ? ? ? ? ? ? WATSON-CRICK    ? ? ? 
hydrog14 hydrog ? ? A DA 8  N1 ? ? ? 1_555 C DT 2 N3 ? ? B DA 14 D DT 37 1_555 ? ? ? ? ? ? WATSON-CRICK    ? ? ? 
hydrog15 hydrog ? ? A DA 8  N6 ? ? ? 1_555 C DT 2 O4 ? ? B DA 14 D DT 37 1_555 ? ? ? ? ? ? WATSON-CRICK    ? ? ? 
hydrog16 hydrog ? ? A DG 9  N1 ? ? ? 1_555 C DC 1 N3 ? ? B DG 15 D DC 36 1_555 ? ? ? ? ? ? WATSON-CRICK    ? ? ? 
hydrog17 hydrog ? ? A DG 9  N2 ? ? ? 1_555 C DC 1 O2 ? ? B DG 15 D DC 36 1_555 ? ? ? ? ? ? WATSON-CRICK    ? ? ? 
hydrog18 hydrog ? ? A DG 9  O6 ? ? ? 1_555 C DC 1 N4 ? ? B DG 15 D DC 36 1_555 ? ? ? ? ? ? WATSON-CRICK    ? ? ? 
hydrog19 hydrog ? ? A DT 10 N3 ? ? ? 1_555 D DA 6 N1 ? ? B DT 16 A DA 6  1_555 ? ? ? ? ? ? WATSON-CRICK    ? ? ? 
hydrog20 hydrog ? ? A DT 10 O4 ? ? ? 1_555 D DA 6 N6 ? ? B DT 16 A DA 6  1_555 ? ? ? ? ? ? WATSON-CRICK    ? ? ? 
hydrog21 hydrog ? ? A DG 11 N1 ? ? ? 1_555 D DC 5 N3 ? ? B DG 17 A DC 5  1_555 ? ? ? ? ? ? WATSON-CRICK    ? ? ? 
hydrog22 hydrog ? ? A DG 11 N2 ? ? ? 1_555 D DC 5 O2 ? ? B DG 17 A DC 5  1_555 ? ? ? ? ? ? WATSON-CRICK    ? ? ? 
hydrog23 hydrog ? ? A DG 11 O6 ? ? ? 1_555 D DC 5 N4 ? ? B DG 17 A DC 5  1_555 ? ? ? ? ? ? WATSON-CRICK    ? ? ? 
hydrog24 hydrog ? ? A DA 12 N1 ? ? ? 1_555 D DT 4 N3 ? ? B DA 18 A DT 4  1_555 ? ? ? ? ? ? WATSON-CRICK    ? ? ? 
hydrog25 hydrog ? ? A DA 12 N6 ? ? ? 1_555 D DT 4 O4 ? ? B DA 18 A DT 4  1_555 ? ? ? ? ? ? WATSON-CRICK    ? ? ? 
hydrog26 hydrog ? ? A DC 13 N3 ? ? ? 1_555 D DG 3 N1 ? ? B DC 19 A DG 3  1_555 ? ? ? ? ? ? WATSON-CRICK    ? ? ? 
hydrog27 hydrog ? ? A DC 13 N4 ? ? ? 1_555 D DG 3 O6 ? ? B DC 19 A DG 3  1_555 ? ? ? ? ? ? WATSON-CRICK    ? ? ? 
hydrog28 hydrog ? ? A DC 13 O2 ? ? ? 1_555 D DG 3 N2 ? ? B DC 19 A DG 3  1_555 ? ? ? ? ? ? WATSON-CRICK    ? ? ? 
hydrog29 hydrog ? ? A DG 14 N1 ? ? ? 1_555 D DC 2 N3 ? ? B DG 20 A DC 2  1_555 ? ? ? ? ? ? WATSON-CRICK    ? ? ? 
hydrog30 hydrog ? ? A DG 14 N2 ? ? ? 1_555 D DC 2 O2 ? ? B DG 20 A DC 2  1_555 ? ? ? ? ? ? WATSON-CRICK    ? ? ? 
hydrog31 hydrog ? ? A DG 14 O6 ? ? ? 1_555 D DC 2 N4 ? ? B DG 20 A DC 2  1_555 ? ? ? ? ? ? WATSON-CRICK    ? ? ? 
hydrog32 hydrog ? ? A DA 15 N1 ? ? ? 1_555 D DT 1 N3 ? ? B DA 21 A DT 1  1_555 ? ? ? ? ? ? WATSON-CRICK    ? ? ? 
hydrog33 hydrog ? ? A DA 15 N6 ? ? ? 1_555 D DT 1 O4 ? ? B DA 21 A DT 1  1_555 ? ? ? ? ? ? WATSON-CRICK    ? ? ? 
hydrog34 hydrog ? ? A DC 16 N3 ? ? ? 1_555 B DG 8 N1 ? ? B DC 22 C DG 35 1_555 ? ? ? ? ? ? WATSON-CRICK    ? ? ? 
hydrog35 hydrog ? ? A DC 16 N4 ? ? ? 1_555 B DG 8 O6 ? ? B DC 22 C DG 35 1_555 ? ? ? ? ? ? WATSON-CRICK    ? ? ? 
hydrog36 hydrog ? ? A DC 16 O2 ? ? ? 1_555 B DG 8 N2 ? ? B DC 22 C DG 35 1_555 ? ? ? ? ? ? WATSON-CRICK    ? ? ? 
hydrog37 hydrog ? ? A DG 17 N1 ? ? ? 1_555 B DC 7 N3 ? ? B DG 23 C DC 34 1_555 ? ? ? ? ? ? WATSON-CRICK    ? ? ? 
hydrog38 hydrog ? ? A DG 17 N2 ? ? ? 1_555 B DC 7 O2 ? ? B DG 23 C DC 34 1_555 ? ? ? ? ? ? WATSON-CRICK    ? ? ? 
hydrog39 hydrog ? ? A DG 17 O6 ? ? ? 1_555 B DC 7 N4 ? ? B DG 23 C DC 34 1_555 ? ? ? ? ? ? WATSON-CRICK    ? ? ? 
hydrog40 hydrog ? ? A DA 18 N1 ? ? ? 1_555 B DT 6 N3 ? ? B DA 24 C DT 33 1_555 ? ? ? ? ? ? WATSON-CRICK    ? ? ? 
hydrog41 hydrog ? ? A DA 18 N6 ? ? ? 1_555 B DT 6 O4 ? ? B DA 24 C DT 33 1_555 ? ? ? ? ? ? WATSON-CRICK    ? ? ? 
hydrog42 hydrog ? ? A DG 19 O6 ? ? ? 1_555 B DG 5 N1 ? ? B DG 25 C DG 32 1_555 ? ? ? ? ? ? 'DG-DG MISPAIR' ? ? ? 
hydrog43 hydrog ? ? A DT 20 N3 ? ? ? 1_555 B DA 4 N1 ? ? B DT 26 C DA 31 1_555 ? ? ? ? ? ? WATSON-CRICK    ? ? ? 
hydrog44 hydrog ? ? A DT 20 O4 ? ? ? 1_555 B DA 4 N6 ? ? B DT 26 C DA 31 1_555 ? ? ? ? ? ? WATSON-CRICK    ? ? ? 
hydrog45 hydrog ? ? A DC 21 N3 ? ? ? 1_555 B DG 3 N1 ? ? B DC 27 C DG 30 1_555 ? ? ? ? ? ? WATSON-CRICK    ? ? ? 
hydrog46 hydrog ? ? A DC 21 N4 ? ? ? 1_555 B DG 3 O6 ? ? B DC 27 C DG 30 1_555 ? ? ? ? ? ? WATSON-CRICK    ? ? ? 
hydrog47 hydrog ? ? A DC 21 O2 ? ? ? 1_555 B DG 3 N2 ? ? B DC 27 C DG 30 1_555 ? ? ? ? ? ? WATSON-CRICK    ? ? ? 
# 
_struct_conn_type.id          hydrog 
_struct_conn_type.criteria    ? 
_struct_conn_type.reference   ? 
# 
_atom_sites.entry_id                    7JNM 
_atom_sites.Cartn_transf_matrix[1][1]   ? 
_atom_sites.Cartn_transf_matrix[1][2]   ? 
_atom_sites.Cartn_transf_matrix[1][3]   ? 
_atom_sites.Cartn_transf_matrix[2][1]   ? 
_atom_sites.Cartn_transf_matrix[2][2]   ? 
_atom_sites.Cartn_transf_matrix[2][3]   ? 
_atom_sites.Cartn_transf_matrix[3][1]   ? 
_atom_sites.Cartn_transf_matrix[3][2]   ? 
_atom_sites.Cartn_transf_matrix[3][3]   ? 
_atom_sites.Cartn_transf_vector[1]      ? 
_atom_sites.Cartn_transf_vector[2]      ? 
_atom_sites.Cartn_transf_vector[3]      ? 
_atom_sites.fract_transf_matrix[1][1]   0.00295341 
_atom_sites.fract_transf_matrix[1][2]   0.00352980 
_atom_sites.fract_transf_matrix[1][3]   -0.00915386 
_atom_sites.fract_transf_matrix[2][1]   -0.00253765 
_atom_sites.fract_transf_matrix[2][2]   0.00949542 
_atom_sites.fract_transf_matrix[2][3]   -0.00289090 
_atom_sites.fract_transf_matrix[3][1]   0.01667245 
_atom_sites.fract_transf_matrix[3][2]   0.00690394 
_atom_sites.fract_transf_matrix[3][3]   0.00804143 
_atom_sites.fract_transf_vector[1]      0.265049 
_atom_sites.fract_transf_vector[2]      1.016629 
_atom_sites.fract_transf_vector[3]      -0.209778 
_atom_sites.solution_primary            ? 
_atom_sites.solution_secondary          ? 
_atom_sites.solution_hydrogens          ? 
_atom_sites.special_details             ? 
# 
loop_
_atom_type.symbol 
AS 
C  
N  
O  
P  
# 
loop_
_atom_site.group_PDB 
_atom_site.id 
_atom_site.type_symbol 
_atom_site.label_atom_id 
_atom_site.label_alt_id 
_atom_site.label_comp_id 
_atom_site.label_asym_id 
_atom_site.label_entity_id 
_atom_site.label_seq_id 
_atom_site.pdbx_PDB_ins_code 
_atom_site.Cartn_x 
_atom_site.Cartn_y 
_atom_site.Cartn_z 
_atom_site.occupancy 
_atom_site.B_iso_or_equiv 
_atom_site.pdbx_formal_charge 
_atom_site.auth_seq_id 
_atom_site.auth_comp_id 
_atom_site.auth_asym_id 
_atom_site.auth_atom_id 
_atom_site.pdbx_PDB_model_num 
ATOM   1   O  "O5'" . DG  A 1 1  ? -16.715 23.233  -19.910 1.00 124.20 ? 7   DG  B "O5'" 1 
ATOM   2   C  "C5'" . DG  A 1 1  ? -16.296 23.947  -21.072 1.00 127.43 ? 7   DG  B "C5'" 1 
ATOM   3   C  "C4'" . DG  A 1 1  ? -15.119 24.855  -20.754 1.00 127.26 ? 7   DG  B "C4'" 1 
ATOM   4   O  "O4'" . DG  A 1 1  ? -15.531 25.879  -19.807 1.00 122.51 ? 7   DG  B "O4'" 1 
ATOM   5   C  "C3'" . DG  A 1 1  ? -13.919 24.147  -20.133 1.00 128.39 ? 7   DG  B "C3'" 1 
ATOM   6   O  "O3'" . DG  A 1 1  ? -12.715 24.630  -20.702 1.00 129.68 ? 7   DG  B "O3'" 1 
ATOM   7   C  "C2'" . DG  A 1 1  ? -14.022 24.483  -18.646 1.00 123.13 ? 7   DG  B "C2'" 1 
ATOM   8   C  "C1'" . DG  A 1 1  ? -14.723 25.838  -18.649 1.00 116.72 ? 7   DG  B "C1'" 1 
ATOM   9   N  N9    . DG  A 1 1  ? -15.583 26.025  -17.485 1.00 107.62 ? 7   DG  B N9    1 
ATOM   10  C  C8    . DG  A 1 1  ? -16.729 25.327  -17.191 1.00 104.60 ? 7   DG  B C8    1 
ATOM   11  N  N7    . DG  A 1 1  ? -17.290 25.696  -16.074 1.00 103.02 ? 7   DG  B N7    1 
ATOM   12  C  C5    . DG  A 1 1  ? -16.462 26.702  -15.593 1.00 103.02 ? 7   DG  B C5    1 
ATOM   13  C  C6    . DG  A 1 1  ? -16.567 27.481  -14.417 1.00 103.02 ? 7   DG  B C6    1 
ATOM   14  O  O6    . DG  A 1 1  ? -17.440 27.429  -13.539 1.00 103.02 ? 7   DG  B O6    1 
ATOM   15  N  N1    . DG  A 1 1  ? -15.518 28.395  -14.304 1.00 103.02 ? 7   DG  B N1    1 
ATOM   16  C  C2    . DG  A 1 1  ? -14.497 28.537  -15.216 1.00 103.02 ? 7   DG  B C2    1 
ATOM   17  N  N2    . DG  A 1 1  ? -13.577 29.475  -14.935 1.00 103.02 ? 7   DG  B N2    1 
ATOM   18  N  N3    . DG  A 1 1  ? -14.389 27.811  -16.328 1.00 103.96 ? 7   DG  B N3    1 
ATOM   19  C  C4    . DG  A 1 1  ? -15.404 26.916  -16.450 1.00 103.02 ? 7   DG  B C4    1 
ATOM   20  P  P     . DA  A 1 2  ? -11.312 23.969  -20.286 1.00 137.53 ? 8   DA  B P     1 
ATOM   21  O  OP1   . DA  A 1 2  ? -10.325 24.284  -21.343 1.00 135.41 ? 8   DA  B OP1   1 
ATOM   22  O  OP2   . DA  A 1 2  ? -11.572 22.558  -19.915 1.00 133.48 ? 8   DA  B OP2   1 
ATOM   23  O  "O5'" . DA  A 1 2  ? -10.910 24.759  -18.959 1.00 126.04 ? 8   DA  B "O5'" 1 
ATOM   24  C  "C5'" . DA  A 1 2  ? -9.583  24.720  -18.494 1.00 127.28 ? 8   DA  B "C5'" 1 
ATOM   25  C  "C4'" . DA  A 1 2  ? -9.215  26.037  -17.853 1.00 126.13 ? 8   DA  B "C4'" 1 
ATOM   26  O  "O4'" . DA  A 1 2  ? -10.382 26.591  -17.198 1.00 120.67 ? 8   DA  B "O4'" 1 
ATOM   27  C  "C3'" . DA  A 1 2  ? -8.159  25.940  -16.770 1.00 128.56 ? 8   DA  B "C3'" 1 
ATOM   28  O  "O3'" . DA  A 1 2  ? -7.478  27.174  -16.654 1.00 134.18 ? 8   DA  B "O3'" 1 
ATOM   29  C  "C2'" . DA  A 1 2  ? -8.998  25.647  -15.533 1.00 120.79 ? 8   DA  B "C2'" 1 
ATOM   30  C  "C1'" . DA  A 1 2  ? -10.240 26.495  -15.794 1.00 116.86 ? 8   DA  B "C1'" 1 
ATOM   31  N  N9    . DA  A 1 2  ? -11.462 25.914  -15.248 1.00 114.66 ? 8   DA  B N9    1 
ATOM   32  C  C8    . DA  A 1 2  ? -12.215 24.910  -15.795 1.00 115.22 ? 8   DA  B C8    1 
ATOM   33  N  N7    . DA  A 1 2  ? -13.270 24.589  -15.082 1.00 108.33 ? 8   DA  B N7    1 
ATOM   34  C  C5    . DA  A 1 2  ? -13.203 25.441  -13.990 1.00 106.17 ? 8   DA  B C5    1 
ATOM   35  C  C6    . DA  A 1 2  ? -14.031 25.603  -12.861 1.00 106.17 ? 8   DA  B C6    1 
ATOM   36  N  N6    . DA  A 1 2  ? -15.134 24.878  -12.644 1.00 104.16 ? 8   DA  B N6    1 
ATOM   37  N  N1    . DA  A 1 2  ? -13.680 26.545  -11.958 1.00 104.75 ? 8   DA  B N1    1 
ATOM   38  C  C2    . DA  A 1 2  ? -12.575 27.270  -12.178 1.00 103.94 ? 8   DA  B C2    1 
ATOM   39  N  N3    . DA  A 1 2  ? -11.722 27.209  -13.200 1.00 105.99 ? 8   DA  B N3    1 
ATOM   40  C  C4    . DA  A 1 2  ? -12.095 26.264  -14.078 1.00 108.50 ? 8   DA  B C4    1 
ATOM   41  P  P     . DA  A 1 3  ? -6.039  27.231  -15.944 1.00 142.89 ? 9   DA  B P     1 
ATOM   42  O  OP1   . DA  A 1 3  ? -5.404  28.516  -16.318 1.00 136.13 ? 9   DA  B OP1   1 
ATOM   43  O  OP2   . DA  A 1 3  ? -5.350  25.953  -16.239 1.00 131.45 ? 9   DA  B OP2   1 
ATOM   44  O  "O5'" . DA  A 1 3  ? -6.390  27.255  -14.383 1.00 128.28 ? 9   DA  B "O5'" 1 
ATOM   45  C  "C5'" . DA  A 1 3  ? -5.421  27.704  -13.456 1.00 126.42 ? 9   DA  B "C5'" 1 
ATOM   46  C  "C4'" . DA  A 1 3  ? -5.978  27.702  -12.047 1.00 124.05 ? 9   DA  B "C4'" 1 
ATOM   47  O  "O4'" . DA  A 1 3  ? -7.402  27.506  -12.081 1.00 120.27 ? 9   DA  B "O4'" 1 
ATOM   48  C  "C3'" . DA  A 1 3  ? -5.469  26.583  -11.162 1.00 123.27 ? 9   DA  B "C3'" 1 
ATOM   49  O  "O3'" . DA  A 1 3  ? -4.207  26.948  -10.568 1.00 126.99 ? 9   DA  B "O3'" 1 
ATOM   50  C  "C2'" . DA  A 1 3  ? -6.583  26.424  -10.122 1.00 118.96 ? 9   DA  B "C2'" 1 
ATOM   51  C  "C1'" . DA  A 1 3  ? -7.822  26.981  -10.834 1.00 117.03 ? 9   DA  B "C1'" 1 
ATOM   52  N  N9    . DA  A 1 3  ? -8.872  25.990  -11.080 1.00 112.25 ? 9   DA  B N9    1 
ATOM   53  C  C8    . DA  A 1 3  ? -9.005  25.191  -12.181 1.00 115.18 ? 9   DA  B C8    1 
ATOM   54  N  N7    . DA  A 1 3  ? -10.059 24.407  -12.146 1.00 110.03 ? 9   DA  B N7    1 
ATOM   55  C  C5    . DA  A 1 3  ? -10.665 24.720  -10.940 1.00 107.53 ? 9   DA  B C5    1 
ATOM   56  C  C6    . DA  A 1 3  ? -11.831 24.238  -10.311 1.00 108.85 ? 9   DA  B C6    1 
ATOM   57  N  N6    . DA  A 1 3  ? -12.619 23.294  -10.842 1.00 108.89 ? 9   DA  B N6    1 
ATOM   58  N  N1    . DA  A 1 3  ? -12.157 24.765  -9.109  1.00 107.50 ? 9   DA  B N1    1 
ATOM   59  C  C2    . DA  A 1 3  ? -11.364 25.707  -8.580  1.00 107.77 ? 9   DA  B C2    1 
ATOM   60  N  N3    . DA  A 1 3  ? -10.245 26.239  -9.078  1.00 110.08 ? 9   DA  B N3    1 
ATOM   61  C  C4    . DA  A 1 3  ? -9.949  25.698  -10.271 1.00 107.43 ? 9   DA  B C4    1 
ATOM   62  P  P     . DC  A 1 4  ? -4.099  28.064  -9.409  1.00 135.59 ? 10  DC  B P     1 
ATOM   63  O  OP1   . DC  A 1 4  ? -5.060  29.168  -9.624  1.00 131.05 ? 10  DC  B OP1   1 
ATOM   64  O  OP2   . DC  A 1 4  ? -2.660  28.384  -9.289  1.00 136.95 ? 10  DC  B OP2   1 
ATOM   65  O  "O5'" . DC  A 1 4  ? -4.558  27.300  -8.087  1.00 123.37 ? 10  DC  B "O5'" 1 
ATOM   66  C  "C5'" . DC  A 1 4  ? -5.273  27.997  -7.087  1.00 119.73 ? 10  DC  B "C5'" 1 
ATOM   67  C  "C4'" . DC  A 1 4  ? -5.900  27.029  -6.105  1.00 121.42 ? 10  DC  B "C4'" 1 
ATOM   68  O  "O4'" . DC  A 1 4  ? -7.093  26.460  -6.670  1.00 119.57 ? 10  DC  B "O4'" 1 
ATOM   69  C  "C3'" . DC  A 1 4  ? -5.054  25.815  -5.763  1.00 122.79 ? 10  DC  B "C3'" 1 
ATOM   70  O  "O3'" . DC  A 1 4  ? -4.108  26.123  -4.710  1.00 124.81 ? 10  DC  B "O3'" 1 
ATOM   71  C  "C2'" . DC  A 1 4  ? -6.096  24.768  -5.340  1.00 117.27 ? 10  DC  B "C2'" 1 
ATOM   72  C  "C1'" . DC  A 1 4  ? -7.412  25.299  -5.931  1.00 116.32 ? 10  DC  B "C1'" 1 
ATOM   73  N  N1    . DC  A 1 4  ? -8.129  24.324  -6.829  1.00 110.54 ? 10  DC  B N1    1 
ATOM   74  C  C2    . DC  A 1 4  ? -9.361  23.792  -6.429  1.00 106.74 ? 10  DC  B C2    1 
ATOM   75  O  O2    . DC  A 1 4  ? -9.838  24.127  -5.337  1.00 109.50 ? 10  DC  B O2    1 
ATOM   76  N  N3    . DC  A 1 4  ? -10.001 22.922  -7.252  1.00 100.67 ? 10  DC  B N3    1 
ATOM   77  C  C4    . DC  A 1 4  ? -9.458  22.586  -8.421  1.00 102.59 ? 10  DC  B C4    1 
ATOM   78  N  N4    . DC  A 1 4  ? -10.126 21.724  -9.195  1.00 104.42 ? 10  DC  B N4    1 
ATOM   79  C  C5    . DC  A 1 4  ? -8.206  23.119  -8.848  1.00 107.63 ? 10  DC  B C5    1 
ATOM   80  C  C6    . DC  A 1 4  ? -7.582  23.974  -8.028  1.00 110.16 ? 10  DC  B C6    1 
ATOM   81  P  P     . DG  A 1 5  ? -4.553  26.266  -3.166  1.00 133.27 ? 11  DG  B P     1 
ATOM   82  O  OP1   . DG  A 1 5  ? -5.876  26.917  -3.049  1.00 127.25 ? 11  DG  B OP1   1 
ATOM   83  O  OP2   . DG  A 1 5  ? -3.391  26.845  -2.455  1.00 133.17 ? 11  DG  B OP2   1 
ATOM   84  O  "O5'" . DG  A 1 5  ? -4.700  24.766  -2.652  1.00 122.86 ? 11  DG  B "O5'" 1 
ATOM   85  C  "C5'" . DG  A 1 5  ? -4.858  24.517  -1.270  1.00 123.21 ? 11  DG  B "C5'" 1 
ATOM   86  C  "C4'" . DG  A 1 5  ? -6.272  24.067  -0.949  1.00 120.22 ? 11  DG  B "C4'" 1 
ATOM   87  O  "O4'" . DG  A 1 5  ? -6.973  23.704  -2.170  1.00 116.06 ? 11  DG  B "O4'" 1 
ATOM   88  C  "C3'" . DG  A 1 5  ? -6.346  22.851  -0.031  1.00 119.88 ? 11  DG  B "C3'" 1 
ATOM   89  O  "O3'" . DG  A 1 5  ? -7.319  23.054  0.971   1.00 122.92 ? 11  DG  B "O3'" 1 
ATOM   90  C  "C2'" . DG  A 1 5  ? -6.728  21.710  -0.972  1.00 115.95 ? 11  DG  B "C2'" 1 
ATOM   91  C  "C1'" . DG  A 1 5  ? -7.559  22.428  -2.021  1.00 112.83 ? 11  DG  B "C1'" 1 
ATOM   92  N  N9    . DG  A 1 5  ? -7.558  21.764  -3.326  1.00 106.72 ? 11  DG  B N9    1 
ATOM   93  C  C8    . DG  A 1 5  ? -6.563  21.802  -4.270  1.00 109.05 ? 11  DG  B C8    1 
ATOM   94  N  N7    . DG  A 1 5  ? -6.840  21.128  -5.354  1.00 104.53 ? 11  DG  B N7    1 
ATOM   95  C  C5    . DG  A 1 5  ? -8.099  20.599  -5.108  1.00 101.86 ? 11  DG  B C5    1 
ATOM   96  C  C6    . DG  A 1 5  ? -8.911  19.774  -5.921  1.00 100.73 ? 11  DG  B C6    1 
ATOM   97  O  O6    . DG  A 1 5  ? -8.667  19.336  -7.058  1.00 98.67  ? 11  DG  B O6    1 
ATOM   98  N  N1    . DG  A 1 5  ? -10.117 19.465  -5.294  1.00 102.30 ? 11  DG  B N1    1 
ATOM   99  C  C2    . DG  A 1 5  ? -10.486 19.900  -4.040  1.00 102.04 ? 11  DG  B C2    1 
ATOM   100 N  N2    . DG  A 1 5  ? -11.689 19.497  -3.599  1.00 103.21 ? 11  DG  B N2    1 
ATOM   101 N  N3    . DG  A 1 5  ? -9.733  20.675  -3.270  1.00 102.26 ? 11  DG  B N3    1 
ATOM   102 C  C4    . DG  A 1 5  ? -8.557  20.983  -3.864  1.00 102.07 ? 11  DG  B C4    1 
ATOM   103 P  P     . DA  A 1 6  ? -7.237  22.216  2.337   1.00 131.93 ? 12  DA  B P     1 
ATOM   104 O  OP1   . DA  A 1 6  ? -7.921  22.997  3.395   1.00 131.46 ? 12  DA  B OP1   1 
ATOM   105 O  OP2   . DA  A 1 6  ? -5.821  21.817  2.518   1.00 128.26 ? 12  DA  B OP2   1 
ATOM   106 O  "O5'" . DA  A 1 6  ? -8.085  20.898  2.017   1.00 117.04 ? 12  DA  B "O5'" 1 
ATOM   107 C  "C5'" . DA  A 1 6  ? -9.462  21.004  1.685   1.00 115.55 ? 12  DA  B "C5'" 1 
ATOM   108 C  "C4'" . DA  A 1 6  ? -10.049 19.634  1.427   1.00 115.75 ? 12  DA  B "C4'" 1 
ATOM   109 O  "O4'" . DA  A 1 6  ? -9.832  19.278  0.037   1.00 110.85 ? 12  DA  B "O4'" 1 
ATOM   110 C  "C3'" . DA  A 1 6  ? -9.429  18.514  2.265   1.00 115.66 ? 12  DA  B "C3'" 1 
ATOM   111 O  "O3'" . DA  A 1 6  ? -10.441 17.661  2.791   1.00 117.75 ? 12  DA  B "O3'" 1 
ATOM   112 C  "C2'" . DA  A 1 6  ? -8.530  17.780  1.274   1.00 109.86 ? 12  DA  B "C2'" 1 
ATOM   113 C  "C1'" . DA  A 1 6  ? -9.264  17.994  -0.039  1.00 104.85 ? 12  DA  B "C1'" 1 
ATOM   114 N  N9    . DA  A 1 6  ? -8.382  17.948  -1.199  1.00 100.99 ? 12  DA  B N9    1 
ATOM   115 C  C8    . DA  A 1 6  ? -7.123  18.473  -1.295  1.00 101.68 ? 12  DA  B C8    1 
ATOM   116 N  N7    . DA  A 1 6  ? -6.555  18.280  -2.463  1.00 98.72  ? 12  DA  B N7    1 
ATOM   117 C  C5    . DA  A 1 6  ? -7.507  17.572  -3.180  1.00 95.29  ? 12  DA  B C5    1 
ATOM   118 C  C6    . DA  A 1 6  ? -7.517  17.058  -4.492  1.00 95.02  ? 12  DA  B C6    1 
ATOM   119 N  N6    . DA  A 1 6  ? -6.493  17.188  -5.345  1.00 91.00  ? 12  DA  B N6    1 
ATOM   120 N  N1    . DA  A 1 6  ? -8.626  16.400  -4.895  1.00 96.03  ? 12  DA  B N1    1 
ATOM   121 C  C2    . DA  A 1 6  ? -9.649  16.273  -4.038  1.00 96.81  ? 12  DA  B C2    1 
ATOM   122 N  N3    . DA  A 1 6  ? -9.752  16.712  -2.783  1.00 93.72  ? 12  DA  B N3    1 
ATOM   123 C  C4    . DA  A 1 6  ? -8.638  17.358  -2.412  1.00 95.82  ? 12  DA  B C4    1 
ATOM   124 P  P     . DC  A 1 7  ? -10.237 16.964  4.227   1.00 129.26 ? 13  DC  B P     1 
ATOM   125 O  OP1   . DC  A 1 7  ? -11.334 17.395  5.122   1.00 130.92 ? 13  DC  B OP1   1 
ATOM   126 O  OP2   . DC  A 1 7  ? -8.830  17.184  4.634   1.00 122.40 ? 13  DC  B OP2   1 
ATOM   127 O  "O5'" . DC  A 1 7  ? -10.414 15.409  3.924   1.00 121.00 ? 13  DC  B "O5'" 1 
ATOM   128 C  "C5'" . DC  A 1 7  ? -9.509  14.758  3.061   1.00 115.13 ? 13  DC  B "C5'" 1 
ATOM   129 C  "C4'" . DC  A 1 7  ? -10.234 14.182  1.864   1.00 110.84 ? 13  DC  B "C4'" 1 
ATOM   130 O  "O4'" . DC  A 1 7  ? -9.768  14.838  0.674   1.00 110.17 ? 13  DC  B "O4'" 1 
ATOM   131 C  "C3'" . DC  A 1 7  ? -9.994  12.699  1.656   1.00 111.77 ? 13  DC  B "C3'" 1 
ATOM   132 O  "O3'" . DC  A 1 7  ? -11.064 11.969  2.233   1.00 116.68 ? 13  DC  B "O3'" 1 
ATOM   133 C  "C2'" . DC  A 1 7  ? -9.946  12.521  0.134   1.00 107.31 ? 13  DC  B "C2'" 1 
ATOM   134 C  "C1'" . DC  A 1 7  ? -9.712  13.931  -0.407  1.00 106.09 ? 13  DC  B "C1'" 1 
ATOM   135 N  N1    . DC  A 1 7  ? -8.400  14.123  -1.113  1.00 99.11  ? 13  DC  B N1    1 
ATOM   136 C  C2    . DC  A 1 7  ? -8.233  13.643  -2.421  1.00 97.93  ? 13  DC  B C2    1 
ATOM   137 O  O2    . DC  A 1 7  ? -9.165  13.035  -2.968  1.00 97.41  ? 13  DC  B O2    1 
ATOM   138 N  N3    . DC  A 1 7  ? -7.046  13.854  -3.049  1.00 93.91  ? 13  DC  B N3    1 
ATOM   139 C  C4    . DC  A 1 7  ? -6.066  14.518  -2.425  1.00 94.17  ? 13  DC  B C4    1 
ATOM   140 N  N4    . DC  A 1 7  ? -4.915  14.700  -3.083  1.00 93.21  ? 13  DC  B N4    1 
ATOM   141 C  C5    . DC  A 1 7  ? -6.222  15.019  -1.101  1.00 90.33  ? 13  DC  B C5    1 
ATOM   142 C  C6    . DC  A 1 7  ? -7.393  14.804  -0.492  1.00 97.39  ? 13  DC  B C6    1 
ATOM   143 P  P     . DA  A 1 8  ? -11.069 10.364  2.186   1.00 127.54 ? 14  DA  B P     1 
ATOM   144 O  OP1   . DA  A 1 8  ? -11.989 9.893   3.250   1.00 120.58 ? 14  DA  B OP1   1 
ATOM   145 O  OP2   . DA  A 1 8  ? -9.660  9.903   2.181   1.00 114.22 ? 14  DA  B OP2   1 
ATOM   146 O  "O5'" . DA  A 1 8  ? -11.696 10.032  0.752   1.00 109.04 ? 14  DA  B "O5'" 1 
ATOM   147 C  "C5'" . DA  A 1 8  ? -11.705 8.701   0.286   1.00 109.93 ? 14  DA  B "C5'" 1 
ATOM   148 C  "C4'" . DA  A 1 8  ? -11.256 8.633   -1.158  1.00 108.33 ? 14  DA  B "C4'" 1 
ATOM   149 O  "O4'" . DA  A 1 8  ? -10.211 9.602   -1.403  1.00 107.42 ? 14  DA  B "O4'" 1 
ATOM   150 C  "C3'" . DA  A 1 8  ? -10.685 7.279   -1.578  1.00 108.95 ? 14  DA  B "C3'" 1 
ATOM   151 O  "O3'" . DA  A 1 8  ? -11.483 6.719   -2.587  1.00 108.76 ? 14  DA  B "O3'" 1 
ATOM   152 C  "C2'" . DA  A 1 8  ? -9.270  7.594   -2.088  1.00 107.78 ? 14  DA  B "C2'" 1 
ATOM   153 C  "C1'" . DA  A 1 8  ? -9.350  9.080   -2.381  1.00 103.76 ? 14  DA  B "C1'" 1 
ATOM   154 N  N9    . DA  A 1 8  ? -8.062  9.765   -2.291  1.00 98.00  ? 14  DA  B N9    1 
ATOM   155 C  C8    . DA  A 1 8  ? -7.540  10.412  -1.203  1.00 98.46  ? 14  DA  B C8    1 
ATOM   156 N  N7    . DA  A 1 8  ? -6.361  10.947  -1.420  1.00 95.43  ? 14  DA  B N7    1 
ATOM   157 C  C5    . DA  A 1 8  ? -6.090  10.627  -2.743  1.00 90.46  ? 14  DA  B C5    1 
ATOM   158 C  C6    . DA  A 1 8  ? -4.994  10.904  -3.582  1.00 88.73  ? 14  DA  B C6    1 
ATOM   159 N  N6    . DA  A 1 8  ? -3.921  11.599  -3.187  1.00 89.27  ? 14  DA  B N6    1 
ATOM   160 N  N1    . DA  A 1 8  ? -5.042  10.439  -4.849  1.00 88.66  ? 14  DA  B N1    1 
ATOM   161 C  C2    . DA  A 1 8  ? -6.114  9.744   -5.239  1.00 89.12  ? 14  DA  B C2    1 
ATOM   162 N  N3    . DA  A 1 8  ? -7.205  9.426   -4.543  1.00 89.37  ? 14  DA  B N3    1 
ATOM   163 C  C4    . DA  A 1 8  ? -7.127  9.898   -3.292  1.00 90.45  ? 14  DA  B C4    1 
ATOM   164 P  P     . DG  A 1 9  ? -11.389 5.147   -2.885  1.00 124.24 ? 15  DG  B P     1 
ATOM   165 O  OP1   . DG  A 1 9  ? -12.663 4.729   -3.517  1.00 126.31 ? 15  DG  B OP1   1 
ATOM   166 O  OP2   . DG  A 1 9  ? -10.934 4.503   -1.629  1.00 119.51 ? 15  DG  B OP2   1 
ATOM   167 O  "O5'" . DG  A 1 9  ? -10.213 5.037   -3.960  1.00 108.28 ? 15  DG  B "O5'" 1 
ATOM   168 C  "C5'" . DG  A 1 9  ? -10.242 5.858   -5.109  1.00 109.11 ? 15  DG  B "C5'" 1 
ATOM   169 C  "C4'" . DG  A 1 9  ? -9.033  5.608   -5.986  1.00 107.39 ? 15  DG  B "C4'" 1 
ATOM   170 O  "O4'" . DG  A 1 9  ? -7.938  6.477   -5.588  1.00 102.72 ? 15  DG  B "O4'" 1 
ATOM   171 C  "C3'" . DG  A 1 9  ? -8.482  4.189   -5.944  1.00 109.35 ? 15  DG  B "C3'" 1 
ATOM   172 O  "O3'" . DG  A 1 9  ? -8.134  3.796   -7.260  1.00 106.39 ? 15  DG  B "O3'" 1 
ATOM   173 C  "C2'" . DG  A 1 9  ? -7.251  4.325   -5.039  1.00 106.46 ? 15  DG  B "C2'" 1 
ATOM   174 C  "C1'" . DG  A 1 9  ? -6.766  5.711   -5.418  1.00 101.56 ? 15  DG  B "C1'" 1 
ATOM   175 N  N9    . DG  A 1 9  ? -5.933  6.375   -4.410  1.00 96.06  ? 15  DG  B N9    1 
ATOM   176 C  C8    . DG  A 1 9  ? -6.253  6.622   -3.092  1.00 96.74  ? 15  DG  B C8    1 
ATOM   177 N  N7    . DG  A 1 9  ? -5.320  7.267   -2.441  1.00 92.53  ? 15  DG  B N7    1 
ATOM   178 C  C5    . DG  A 1 9  ? -4.323  7.474   -3.390  1.00 90.07  ? 15  DG  B C5    1 
ATOM   179 C  C6    . DG  A 1 9  ? -3.070  8.125   -3.270  1.00 88.38  ? 15  DG  B C6    1 
ATOM   180 O  O6    . DG  A 1 9  ? -2.580  8.662   -2.267  1.00 87.85  ? 15  DG  B O6    1 
ATOM   181 N  N1    . DG  A 1 9  ? -2.367  8.121   -4.474  1.00 86.43  ? 15  DG  B N1    1 
ATOM   182 C  C2    . DG  A 1 9  ? -2.817  7.556   -5.645  1.00 90.82  ? 15  DG  B C2    1 
ATOM   183 N  N2    . DG  A 1 9  ? -1.995  7.646   -6.704  1.00 90.80  ? 15  DG  B N2    1 
ATOM   184 N  N3    . DG  A 1 9  ? -3.991  6.944   -5.772  1.00 93.02  ? 15  DG  B N3    1 
ATOM   185 C  C4    . DG  A 1 9  ? -4.687  6.937   -4.608  1.00 91.72  ? 15  DG  B C4    1 
ATOM   186 P  P     . DT  A 1 10 ? -7.636  2.301   -7.560  1.00 124.63 ? 16  DT  B P     1 
ATOM   187 O  OP1   . DT  A 1 10 ? -8.282  1.863   -8.820  1.00 127.10 ? 16  DT  B OP1   1 
ATOM   188 O  OP2   . DT  A 1 10 ? -7.797  1.506   -6.316  1.00 116.05 ? 16  DT  B OP2   1 
ATOM   189 O  "O5'" . DT  A 1 10 ? -6.080  2.486   -7.862  1.00 111.60 ? 16  DT  B "O5'" 1 
ATOM   190 C  "C5'" . DT  A 1 10 ? -5.666  3.437   -8.821  1.00 106.72 ? 16  DT  B "C5'" 1 
ATOM   191 C  "C4'" . DT  A 1 10 ? -4.198  3.266   -9.150  1.00 104.01 ? 16  DT  B "C4'" 1 
ATOM   192 O  "O4'" . DT  A 1 10 ? -3.386  4.070   -8.250  1.00 103.27 ? 16  DT  B "O4'" 1 
ATOM   193 C  "C3'" . DT  A 1 10 ? -3.677  1.845   -9.032  1.00 105.95 ? 16  DT  B "C3'" 1 
ATOM   194 O  "O3'" . DT  A 1 10 ? -2.764  1.606   -10.078 1.00 109.49 ? 16  DT  B "O3'" 1 
ATOM   195 C  "C2'" . DT  A 1 10 ? -2.990  1.841   -7.661  1.00 101.35 ? 16  DT  B "C2'" 1 
ATOM   196 C  "C1'" . DT  A 1 10 ? -2.428  3.255   -7.606  1.00 102.03 ? 16  DT  B "C1'" 1 
ATOM   197 N  N1    . DT  A 1 10 ? -2.223  3.793   -6.212  1.00 96.46  ? 16  DT  B N1    1 
ATOM   198 C  C2    . DT  A 1 10 ? -1.044  4.436   -5.900  1.00 92.02  ? 16  DT  B C2    1 
ATOM   199 O  O2    . DT  A 1 10 ? -0.128  4.580   -6.694  1.00 96.71  ? 16  DT  B O2    1 
ATOM   200 N  N3    . DT  A 1 10 ? -0.968  4.902   -4.615  1.00 86.49  ? 16  DT  B N3    1 
ATOM   201 C  C4    . DT  A 1 10 ? -1.935  4.799   -3.630  1.00 89.13  ? 16  DT  B C4    1 
ATOM   202 O  O4    . DT  A 1 10 ? -1.779  5.253   -2.499  1.00 87.94  ? 16  DT  B O4    1 
ATOM   203 C  C5    . DT  A 1 10 ? -3.144  4.122   -4.024  1.00 92.05  ? 16  DT  B C5    1 
ATOM   204 C  C7    . DT  A 1 10 ? -4.257  3.948   -3.038  1.00 94.25  ? 16  DT  B C7    1 
ATOM   205 C  C6    . DT  A 1 10 ? -3.232  3.661   -5.281  1.00 94.51  ? 16  DT  B C6    1 
ATOM   206 P  P     . DG  A 1 11 ? -2.580  0.126   -10.663 1.00 118.92 ? 17  DG  B P     1 
ATOM   207 O  OP1   . DG  A 1 11 ? -2.943  0.143   -12.100 1.00 121.40 ? 17  DG  B OP1   1 
ATOM   208 O  OP2   . DG  A 1 11 ? -3.264  -0.795  -9.724  1.00 108.68 ? 17  DG  B OP2   1 
ATOM   209 O  "O5'" . DG  A 1 11 ? -1.009  -0.109  -10.537 1.00 105.23 ? 17  DG  B "O5'" 1 
ATOM   210 C  "C5'" . DG  A 1 11 ? -0.321  0.461   -9.450  1.00 95.40  ? 17  DG  B "C5'" 1 
ATOM   211 C  "C4'" . DG  A 1 11 ? 1.167   0.352   -9.635  1.00 92.36  ? 17  DG  B "C4'" 1 
ATOM   212 O  "O4'" . DG  A 1 11 ? 1.816   1.120   -8.602  1.00 94.22  ? 17  DG  B "O4'" 1 
ATOM   213 C  "C3'" . DG  A 1 11 ? 1.713   -1.046  -9.467  1.00 95.96  ? 17  DG  B "C3'" 1 
ATOM   214 O  "O3'" . DG  A 1 11 ? 2.978   -1.154  -10.113 1.00 98.13  ? 17  DG  B "O3'" 1 
ATOM   215 C  "C2'" . DG  A 1 11 ? 1.828   -1.162  -7.947  1.00 88.29  ? 17  DG  B "C2'" 1 
ATOM   216 C  "C1'" . DG  A 1 11 ? 2.131   0.274   -7.513  1.00 88.62  ? 17  DG  B "C1'" 1 
ATOM   217 N  N9    . DG  A 1 11 ? 1.356   0.696   -6.348  1.00 83.73  ? 17  DG  B N9    1 
ATOM   218 C  C8    . DG  A 1 11 ? 0.056   0.367   -6.061  1.00 87.71  ? 17  DG  B C8    1 
ATOM   219 N  N7    . DG  A 1 11 ? -0.377  0.883   -4.941  1.00 87.08  ? 17  DG  B N7    1 
ATOM   220 C  C5    . DG  A 1 11 ? 0.709   1.596   -4.451  1.00 80.82  ? 17  DG  B C5    1 
ATOM   221 C  C6    . DG  A 1 11 ? 0.836   2.366   -3.268  1.00 80.58  ? 17  DG  B C6    1 
ATOM   222 O  O6    . DG  A 1 11 ? -0.014  2.577   -2.391  1.00 80.29  ? 17  DG  B O6    1 
ATOM   223 N  N1    . DG  A 1 11 ? 2.105   2.921   -3.150  1.00 78.51  ? 17  DG  B N1    1 
ATOM   224 C  C2    . DG  A 1 11 ? 3.123   2.756   -4.059  1.00 81.20  ? 17  DG  B C2    1 
ATOM   225 N  N2    . DG  A 1 11 ? 4.281   3.368   -3.770  1.00 82.80  ? 17  DG  B N2    1 
ATOM   226 N  N3    . DG  A 1 11 ? 3.017   2.039   -5.171  1.00 80.35  ? 17  DG  B N3    1 
ATOM   227 C  C4    . DG  A 1 11 ? 1.786   1.490   -5.302  1.00 79.42  ? 17  DG  B C4    1 
ATOM   228 P  P     . DA  A 1 12 ? 3.913   -2.439  -9.878  1.00 100.35 ? 18  DA  B P     1 
ATOM   229 O  OP1   . DA  A 1 12 ? 4.723   -2.634  -11.102 1.00 101.66 ? 18  DA  B OP1   1 
ATOM   230 O  OP2   . DA  A 1 12 ? 3.079   -3.553  -9.371  1.00 97.42  ? 18  DA  B OP2   1 
ATOM   231 O  "O5'" . DA  A 1 12 ? 4.904   -1.961  -8.722  1.00 93.08  ? 18  DA  B "O5'" 1 
ATOM   232 C  "C5'" . DA  A 1 12 ? 5.782   -0.873  -8.963  1.00 87.59  ? 18  DA  B "C5'" 1 
ATOM   233 C  "C4'" . DA  A 1 12 ? 6.767   -0.708  -7.824  1.00 85.91  ? 18  DA  B "C4'" 1 
ATOM   234 O  "O4'" . DA  A 1 12 ? 6.074   -0.232  -6.642  1.00 88.91  ? 18  DA  B "O4'" 1 
ATOM   235 C  "C3'" . DA  A 1 12 ? 7.485   -1.981  -7.405  1.00 87.03  ? 18  DA  B "C3'" 1 
ATOM   236 O  "O3'" . DA  A 1 12 ? 8.809   -1.658  -7.028  1.00 80.11  ? 18  DA  B "O3'" 1 
ATOM   237 C  "C2'" . DA  A 1 12 ? 6.650   -2.478  -6.221  1.00 84.50  ? 18  DA  B "C2'" 1 
ATOM   238 C  "C1'" . DA  A 1 12 ? 6.199   -1.169  -5.587  1.00 85.81  ? 18  DA  B "C1'" 1 
ATOM   239 N  N9    . DA  A 1 12 ? 4.904   -1.236  -4.912  1.00 78.90  ? 18  DA  B N9    1 
ATOM   240 C  C8    . DA  A 1 12 ? 3.772   -1.856  -5.356  1.00 78.11  ? 18  DA  B C8    1 
ATOM   241 N  N7    . DA  A 1 12 ? 2.741   -1.715  -4.549  1.00 77.38  ? 18  DA  B N7    1 
ATOM   242 C  C5    . DA  A 1 12 ? 3.231   -0.938  -3.512  1.00 73.16  ? 18  DA  B C5    1 
ATOM   243 C  C6    . DA  A 1 12 ? 2.636   -0.436  -2.330  1.00 75.64  ? 18  DA  B C6    1 
ATOM   244 N  N6    . DA  A 1 12 ? 1.357   -0.658  -1.988  1.00 73.53  ? 18  DA  B N6    1 
ATOM   245 N  N1    . DA  A 1 12 ? 3.411   0.299   -1.507  1.00 76.52  ? 18  DA  B N1    1 
ATOM   246 C  C2    . DA  A 1 12 ? 4.689   0.513   -1.848  1.00 80.43  ? 18  DA  B C2    1 
ATOM   247 N  N3    . DA  A 1 12 ? 5.353   0.098   -2.925  1.00 76.12  ? 18  DA  B N3    1 
ATOM   248 C  C4    . DA  A 1 12 ? 4.561   -0.631  -3.723  1.00 74.23  ? 18  DA  B C4    1 
ATOM   249 P  P     . DC  A 1 13 ? 9.786   -2.782  -6.430  1.00 98.58  ? 19  DC  B P     1 
ATOM   250 O  OP1   . DC  A 1 13 ? 11.184  -2.384  -6.719  1.00 104.53 ? 19  DC  B OP1   1 
ATOM   251 O  OP2   . DC  A 1 13 ? 9.304   -4.113  -6.861  1.00 100.26 ? 19  DC  B OP2   1 
ATOM   252 O  "O5'" . DC  A 1 13 ? 9.553   -2.645  -4.865  1.00 95.60  ? 19  DC  B "O5'" 1 
ATOM   253 C  "C5'" . DC  A 1 13 ? 9.478   -1.361  -4.291  1.00 88.49  ? 19  DC  B "C5'" 1 
ATOM   254 C  "C4'" . DC  A 1 13 ? 9.554   -1.471  -2.793  1.00 84.62  ? 19  DC  B "C4'" 1 
ATOM   255 O  "O4'" . DC  A 1 13 ? 8.225   -1.354  -2.231  1.00 87.79  ? 19  DC  B "O4'" 1 
ATOM   256 C  "C3'" . DC  A 1 13 ? 10.117  -2.798  -2.304  1.00 88.99  ? 19  DC  B "C3'" 1 
ATOM   257 O  "O3'" . DC  A 1 13 ? 11.078  -2.560  -1.307  1.00 93.01  ? 19  DC  B "O3'" 1 
ATOM   258 C  "C2'" . DC  A 1 13 ? 8.889   -3.535  -1.761  1.00 85.38  ? 19  DC  B "C2'" 1 
ATOM   259 C  "C1'" . DC  A 1 13 ? 8.009   -2.387  -1.307  1.00 82.41  ? 19  DC  B "C1'" 1 
ATOM   260 N  N1    . DC  A 1 13 ? 6.560   -2.707  -1.315  1.00 74.67  ? 19  DC  B N1    1 
ATOM   261 C  C2    . DC  A 1 13 ? 5.768   -2.295  -0.251  1.00 71.32  ? 19  DC  B C2    1 
ATOM   262 O  O2    . DC  A 1 13 ? 6.293   -1.678  0.681   1.00 76.19  ? 19  DC  B O2    1 
ATOM   263 N  N3    . DC  A 1 13 ? 4.446   -2.585  -0.265  1.00 68.90  ? 19  DC  B N3    1 
ATOM   264 C  C4    . DC  A 1 13 ? 3.921   -3.255  -1.290  1.00 67.50  ? 19  DC  B C4    1 
ATOM   265 N  N4    . DC  A 1 13 ? 2.612   -3.515  -1.259  1.00 68.97  ? 19  DC  B N4    1 
ATOM   266 C  C5    . DC  A 1 13 ? 4.714   -3.690  -2.387  1.00 65.34  ? 19  DC  B C5    1 
ATOM   267 C  C6    . DC  A 1 13 ? 6.018   -3.391  -2.361  1.00 72.67  ? 19  DC  B C6    1 
ATOM   268 P  P     . DG  A 1 14 ? 12.101  -3.715  -0.865  1.00 96.05  ? 20  DG  B P     1 
ATOM   269 O  OP1   . DG  A 1 14 ? 13.464  -3.246  -1.196  1.00 90.98  ? 20  DG  B OP1   1 
ATOM   270 O  OP2   . DG  A 1 14 ? 11.634  -5.017  -1.402  1.00 97.25  ? 20  DG  B OP2   1 
ATOM   271 O  "O5'" . DG  A 1 14 ? 11.924  -3.734  0.716   1.00 92.34  ? 20  DG  B "O5'" 1 
ATOM   272 C  "C5'" . DG  A 1 14 ? 11.847  -2.505  1.419   1.00 85.83  ? 20  DG  B "C5'" 1 
ATOM   273 C  "C4'" . DG  A 1 14 ? 10.984  -2.652  2.655   1.00 90.01  ? 20  DG  B "C4'" 1 
ATOM   274 O  "O4'" . DG  A 1 14 ? 9.603   -2.878  2.262   1.00 94.02  ? 20  DG  B "O4'" 1 
ATOM   275 C  "C3'" . DG  A 1 14 ? 11.361  -3.822  3.568   1.00 91.54  ? 20  DG  B "C3'" 1 
ATOM   276 O  "O3'" . DG  A 1 14 ? 11.334  -3.398  4.920   1.00 98.54  ? 20  DG  B "O3'" 1 
ATOM   277 C  "C2'" . DG  A 1 14 ? 10.266  -4.847  3.283   1.00 91.86  ? 20  DG  B "C2'" 1 
ATOM   278 C  "C1'" . DG  A 1 14 ? 9.084   -3.930  3.037   1.00 88.16  ? 20  DG  B "C1'" 1 
ATOM   279 N  N9    . DG  A 1 14 ? 7.976   -4.555  2.315   1.00 78.85  ? 20  DG  B N9    1 
ATOM   280 C  C8    . DG  A 1 14 ? 8.034   -5.243  1.125   1.00 74.70  ? 20  DG  B C8    1 
ATOM   281 N  N7    . DG  A 1 14 ? 6.867   -5.682  0.724   1.00 68.69  ? 20  DG  B N7    1 
ATOM   282 C  C5    . DG  A 1 14 ? 5.985   -5.255  1.711   1.00 71.94  ? 20  DG  B C5    1 
ATOM   283 C  C6    . DG  A 1 14 ? 4.583   -5.432  1.824   1.00 70.56  ? 20  DG  B C6    1 
ATOM   284 O  O6    . DG  A 1 14 ? 3.813   -6.019  1.044   1.00 66.21  ? 20  DG  B O6    1 
ATOM   285 N  N1    . DG  A 1 14 ? 4.081   -4.841  2.983   1.00 69.50  ? 20  DG  B N1    1 
ATOM   286 C  C2    . DG  A 1 14 ? 4.839   -4.157  3.906   1.00 73.56  ? 20  DG  B C2    1 
ATOM   287 N  N2    . DG  A 1 14 ? 4.181   -3.641  4.952   1.00 76.70  ? 20  DG  B N2    1 
ATOM   288 N  N3    . DG  A 1 14 ? 6.151   -3.988  3.812   1.00 72.32  ? 20  DG  B N3    1 
ATOM   289 C  C4    . DG  A 1 14 ? 6.654   -4.559  2.694   1.00 73.23  ? 20  DG  B C4    1 
ATOM   290 P  P     . DA  A 1 15 ? 12.135  -4.224  6.041   1.00 101.49 ? 21  DA  B P     1 
ATOM   291 O  OP1   . DA  A 1 15 ? 12.179  -3.389  7.264   1.00 99.20  ? 21  DA  B OP1   1 
ATOM   292 O  OP2   . DA  A 1 15 ? 13.382  -4.718  5.417   1.00 101.94 ? 21  DA  B OP2   1 
ATOM   293 O  "O5'" . DA  A 1 15 ? 11.204  -5.490  6.323   1.00 89.18  ? 21  DA  B "O5'" 1 
ATOM   294 C  "C5'" . DA  A 1 15 ? 10.815  -5.786  7.649   1.00 95.26  ? 21  DA  B "C5'" 1 
ATOM   295 C  "C4'" . DA  A 1 15 ? 9.389   -5.335  7.918   1.00 92.27  ? 21  DA  B "C4'" 1 
ATOM   296 O  "O4'" . DA  A 1 15 ? 8.678   -5.221  6.674   1.00 91.50  ? 21  DA  B "O4'" 1 
ATOM   297 C  "C3'" . DA  A 1 15 ? 8.593   -6.301  8.778   1.00 92.16  ? 21  DA  B "C3'" 1 
ATOM   298 O  "O3'" . DA  A 1 15 ? 8.578   -5.833  10.096  1.00 91.72  ? 21  DA  B "O3'" 1 
ATOM   299 C  "C2'" . DA  A 1 15 ? 7.182   -6.316  8.175   1.00 89.57  ? 21  DA  B "C2'" 1 
ATOM   300 C  "C1'" . DA  A 1 15 ? 7.334   -5.623  6.826   1.00 81.41  ? 21  DA  B "C1'" 1 
ATOM   301 N  N9    . DA  A 1 15 ? 6.979   -6.449  5.672   1.00 79.83  ? 21  DA  B N9    1 
ATOM   302 C  C8    . DA  A 1 15 ? 7.811   -6.825  4.651   1.00 81.17  ? 21  DA  B C8    1 
ATOM   303 N  N7    . DA  A 1 15 ? 7.221   -7.534  3.718   1.00 75.55  ? 21  DA  B N7    1 
ATOM   304 C  C5    . DA  A 1 15 ? 5.912   -7.631  4.152   1.00 72.11  ? 21  DA  B C5    1 
ATOM   305 C  C6    . DA  A 1 15 ? 4.780   -8.257  3.599   1.00 71.84  ? 21  DA  B C6    1 
ATOM   306 N  N6    . DA  A 1 15 ? 4.806   -8.931  2.442   1.00 64.05  ? 21  DA  B N6    1 
ATOM   307 N  N1    . DA  A 1 15 ? 3.621   -8.168  4.283   1.00 73.20  ? 21  DA  B N1    1 
ATOM   308 C  C2    . DA  A 1 15 ? 3.605   -7.486  5.438   1.00 77.63  ? 21  DA  B C2    1 
ATOM   309 N  N3    . DA  A 1 15 ? 4.603   -6.849  6.054   1.00 77.08  ? 21  DA  B N3    1 
ATOM   310 C  C4    . DA  A 1 15 ? 5.741   -6.965  5.354   1.00 75.50  ? 21  DA  B C4    1 
ATOM   311 P  P     . DC  A 1 16 ? 8.904   -6.839  11.296  1.00 110.21 ? 22  DC  B P     1 
ATOM   312 O  OP1   . DC  A 1 16 ? 9.221   -6.012  12.487  1.00 104.19 ? 22  DC  B OP1   1 
ATOM   313 O  OP2   . DC  A 1 16 ? 9.866   -7.844  10.777  1.00 97.24  ? 22  DC  B OP2   1 
ATOM   314 O  "O5'" . DC  A 1 16 ? 7.519   -7.595  11.533  1.00 99.58  ? 22  DC  B "O5'" 1 
ATOM   315 C  "C5'" . DC  A 1 16 ? 6.332   -6.853  11.731  1.00 91.11  ? 22  DC  B "C5'" 1 
ATOM   316 C  "C4'" . DC  A 1 16 ? 5.130   -7.718  11.435  1.00 91.93  ? 22  DC  B "C4'" 1 
ATOM   317 O  "O4'" . DC  A 1 16 ? 5.019   -7.908  10.019  1.00 89.03  ? 22  DC  B "O4'" 1 
ATOM   318 C  "C3'" . DC  A 1 16 ? 5.230   -9.125  11.986  1.00 92.81  ? 22  DC  B "C3'" 1 
ATOM   319 O  "O3'" . DC  A 1 16 ? 4.677   -9.177  13.289  1.00 95.56  ? 22  DC  B "O3'" 1 
ATOM   320 C  "C2'" . DC  A 1 16 ? 4.420   -9.973  10.993  1.00 87.02  ? 22  DC  B "C2'" 1 
ATOM   321 C  "C1'" . DC  A 1 16 ? 4.238   -9.053  9.787   1.00 84.27  ? 22  DC  B "C1'" 1 
ATOM   322 N  N1    . DC  A 1 16 ? 4.650   -9.640  8.484   1.00 77.08  ? 22  DC  B N1    1 
ATOM   323 C  C2    . DC  A 1 16 ? 3.705   -10.308 7.702   1.00 79.03  ? 22  DC  B C2    1 
ATOM   324 O  O2    . DC  A 1 16 ? 2.547   -10.425 8.129   1.00 79.21  ? 22  DC  B O2    1 
ATOM   325 N  N3    . DC  A 1 16 ? 4.089   -10.818 6.497   1.00 76.78  ? 22  DC  B N3    1 
ATOM   326 C  C4    . DC  A 1 16 ? 5.351   -10.662 6.078   1.00 78.08  ? 22  DC  B C4    1 
ATOM   327 N  N4    . DC  A 1 16 ? 5.689   -11.176 4.885   1.00 73.42  ? 22  DC  B N4    1 
ATOM   328 C  C5    . DC  A 1 16 ? 6.323   -9.977  6.865   1.00 78.48  ? 22  DC  B C5    1 
ATOM   329 C  C6    . DC  A 1 16 ? 5.931   -9.486  8.047   1.00 80.48  ? 22  DC  B C6    1 
ATOM   330 P  P     . DG  A 1 17 ? 4.896   -10.488 14.185  1.00 102.33 ? 23  DG  B P     1 
ATOM   331 O  OP1   . DG  A 1 17 ? 4.663   -10.100 15.596  1.00 109.99 ? 23  DG  B OP1   1 
ATOM   332 O  OP2   . DG  A 1 17 ? 6.173   -11.123 13.774  1.00 89.02  ? 23  DG  B OP2   1 
ATOM   333 O  "O5'" . DG  A 1 17 ? 3.731   -11.466 13.709  1.00 91.75  ? 23  DG  B "O5'" 1 
ATOM   334 C  "C5'" . DG  A 1 17 ? 2.383   -11.029 13.733  1.00 89.22  ? 23  DG  B "C5'" 1 
ATOM   335 C  "C4'" . DG  A 1 17 ? 1.460   -12.133 13.255  1.00 90.89  ? 23  DG  B "C4'" 1 
ATOM   336 O  "O4'" . DG  A 1 17 ? 1.671   -12.374 11.835  1.00 95.05  ? 23  DG  B "O4'" 1 
ATOM   337 C  "C3'" . DG  A 1 17 ? 1.667   -13.482 13.933  1.00 90.53  ? 23  DG  B "C3'" 1 
ATOM   338 O  "O3'" . DG  A 1 17 ? 0.417   -14.154 14.017  1.00 99.38  ? 23  DG  B "O3'" 1 
ATOM   339 C  "C2'" . DG  A 1 17 ? 2.629   -14.190 12.979  1.00 86.41  ? 23  DG  B "C2'" 1 
ATOM   340 C  "C1'" . DG  A 1 17 ? 2.129   -13.701 11.627  1.00 83.01  ? 23  DG  B "C1'" 1 
ATOM   341 N  N9    . DG  A 1 17 ? 3.163   -13.664 10.597  1.00 72.85  ? 23  DG  B N9    1 
ATOM   342 C  C8    . DG  A 1 17 ? 4.421   -13.142 10.718  1.00 72.39  ? 23  DG  B C8    1 
ATOM   343 N  N7    . DG  A 1 17 ? 5.130   -13.229 9.623   1.00 72.53  ? 23  DG  B N7    1 
ATOM   344 C  C5    . DG  A 1 17 ? 4.285   -13.850 8.717   1.00 68.58  ? 23  DG  B C5    1 
ATOM   345 C  C6    . DG  A 1 17 ? 4.502   -14.201 7.360   1.00 75.47  ? 23  DG  B C6    1 
ATOM   346 O  O6    . DG  A 1 17 ? 5.523   -14.034 6.671   1.00 77.25  ? 23  DG  B O6    1 
ATOM   347 N  N1    . DG  A 1 17 ? 3.384   -14.811 6.804   1.00 74.56  ? 23  DG  B N1    1 
ATOM   348 C  C2    . DG  A 1 17 ? 2.205   -15.042 7.467   1.00 72.16  ? 23  DG  B C2    1 
ATOM   349 N  N2    . DG  A 1 17 ? 1.236   -15.637 6.755   1.00 72.38  ? 23  DG  B N2    1 
ATOM   350 N  N3    . DG  A 1 17 ? 1.986   -14.712 8.735   1.00 73.11  ? 23  DG  B N3    1 
ATOM   351 C  C4    . DG  A 1 17 ? 3.067   -14.122 9.296   1.00 70.96  ? 23  DG  B C4    1 
ATOM   352 P  P     . DA  A 1 18 ? 0.223   -15.421 14.987  1.00 99.26  ? 24  DA  B P     1 
ATOM   353 O  OP1   . DA  A 1 18 ? -0.888  -15.100 15.911  1.00 101.21 ? 24  DA  B OP1   1 
ATOM   354 O  OP2   . DA  A 1 18 ? 1.552   -15.798 15.517  1.00 99.77  ? 24  DA  B OP2   1 
ATOM   355 O  "O5'" . DA  A 1 18 ? -0.255  -16.574 13.993  1.00 84.91  ? 24  DA  B "O5'" 1 
ATOM   356 C  "C5'" . DA  A 1 18 ? 0.280   -16.612 12.698  1.00 89.03  ? 24  DA  B "C5'" 1 
ATOM   357 C  "C4'" . DA  A 1 18 ? -0.421  -17.627 11.838  1.00 92.62  ? 24  DA  B "C4'" 1 
ATOM   358 O  "O4'" . DA  A 1 18 ? 0.198   -17.617 10.530  1.00 87.77  ? 24  DA  B "O4'" 1 
ATOM   359 C  "C3'" . DA  A 1 18 ? -0.264  -19.050 12.313  1.00 94.26  ? 24  DA  B "C3'" 1 
ATOM   360 O  "O3'" . DA  A 1 18 ? -1.246  -19.873 11.714  1.00 97.94  ? 24  DA  B "O3'" 1 
ATOM   361 C  "C2'" . DA  A 1 18 ? 1.130   -19.388 11.805  1.00 94.19  ? 24  DA  B "C2'" 1 
ATOM   362 C  "C1'" . DA  A 1 18 ? 1.190   -18.628 10.473  1.00 87.89  ? 24  DA  B "C1'" 1 
ATOM   363 N  N9    . DA  A 1 18 ? 2.486   -17.997 10.228  1.00 82.17  ? 24  DA  B N9    1 
ATOM   364 C  C8    . DA  A 1 18 ? 3.223   -17.254 11.110  1.00 85.44  ? 24  DA  B C8    1 
ATOM   365 N  N7    . DA  A 1 18 ? 4.363   -16.818 10.616  1.00 76.71  ? 24  DA  B N7    1 
ATOM   366 C  C5    . DA  A 1 18 ? 4.367   -17.301 9.322   1.00 73.69  ? 24  DA  B C5    1 
ATOM   367 C  C6    . DA  A 1 18 ? 5.293   -17.176 8.275   1.00 78.23  ? 24  DA  B C6    1 
ATOM   368 N  N6    . DA  A 1 18 ? 6.441   -16.502 8.391   1.00 80.89  ? 24  DA  B N6    1 
ATOM   369 N  N1    . DA  A 1 18 ? 4.996   -17.773 7.102   1.00 78.83  ? 24  DA  B N1    1 
ATOM   370 C  C2    . DA  A 1 18 ? 3.845   -18.453 7.000   1.00 81.26  ? 24  DA  B C2    1 
ATOM   371 N  N3    . DA  A 1 18 ? 2.893   -18.631 7.914   1.00 76.78  ? 24  DA  B N3    1 
ATOM   372 C  C4    . DA  A 1 18 ? 3.219   -18.028 9.063   1.00 76.00  ? 24  DA  B C4    1 
ATOM   373 P  P     . DG  A 1 19 ? -1.551  -21.328 12.321  1.00 113.20 ? 25  DG  B P     1 
ATOM   374 O  OP1   . DG  A 1 19 ? -2.994  -21.601 12.113  1.00 115.29 ? 25  DG  B OP1   1 
ATOM   375 O  OP2   . DG  A 1 19 ? -0.980  -21.380 13.687  1.00 108.93 ? 25  DG  B OP2   1 
ATOM   376 O  "O5'" . DG  A 1 19 ? -0.707  -22.314 11.393  1.00 87.59  ? 25  DG  B "O5'" 1 
ATOM   377 C  "C5'" . DG  A 1 19 ? -1.311  -22.865 10.240  1.00 97.21  ? 25  DG  B "C5'" 1 
ATOM   378 C  "C4'" . DG  A 1 19 ? -0.260  -23.342 9.260   1.00 109.97 ? 25  DG  B "C4'" 1 
ATOM   379 O  "O4'" . DG  A 1 19 ? 0.780   -22.332 9.133   1.00 105.18 ? 25  DG  B "O4'" 1 
ATOM   380 C  "C3'" . DG  A 1 19 ? 0.465   -24.646 9.656   1.00 112.30 ? 25  DG  B "C3'" 1 
ATOM   381 O  "O3'" . DG  A 1 19 ? 0.561   -25.515 8.517   1.00 115.95 ? 25  DG  B "O3'" 1 
ATOM   382 C  "C2'" . DG  A 1 19 ? 1.835   -24.145 10.087  1.00 108.40 ? 25  DG  B "C2'" 1 
ATOM   383 C  "C1'" . DG  A 1 19 ? 2.002   -23.010 9.109   1.00 99.24  ? 25  DG  B "C1'" 1 
ATOM   384 N  N9    . DG  A 1 19 ? 3.094   -22.108 9.425   1.00 93.77  ? 25  DG  B N9    1 
ATOM   385 C  C8    . DG  A 1 19 ? 3.328   -21.406 10.581  1.00 93.79  ? 25  DG  B C8    1 
ATOM   386 N  N7    . DG  A 1 19 ? 4.428   -20.695 10.535  1.00 88.59  ? 25  DG  B N7    1 
ATOM   387 C  C5    . DG  A 1 19 ? 4.941   -20.970 9.279   1.00 82.64  ? 25  DG  B C5    1 
ATOM   388 C  C6    . DG  A 1 19 ? 6.107   -20.508 8.644   1.00 82.59  ? 25  DG  B C6    1 
ATOM   389 O  O6    . DG  A 1 19 ? 6.964   -19.725 9.090   1.00 80.60  ? 25  DG  B O6    1 
ATOM   390 N  N1    . DG  A 1 19 ? 6.233   -21.049 7.358   1.00 92.53  ? 25  DG  B N1    1 
ATOM   391 C  C2    . DG  A 1 19 ? 5.330   -21.928 6.784   1.00 96.51  ? 25  DG  B C2    1 
ATOM   392 N  N2    . DG  A 1 19 ? 5.589   -22.369 5.548   1.00 96.25  ? 25  DG  B N2    1 
ATOM   393 N  N3    . DG  A 1 19 ? 4.251   -22.349 7.380   1.00 99.19  ? 25  DG  B N3    1 
ATOM   394 C  C4    . DG  A 1 19 ? 4.121   -21.839 8.602   1.00 89.11  ? 25  DG  B C4    1 
ATOM   395 P  P     . DT  A 1 20 ? 1.644   -26.708 8.457   1.00 122.32 ? 26  DT  B P     1 
ATOM   396 O  OP1   . DT  A 1 20 ? 1.135   -27.690 7.473   1.00 115.70 ? 26  DT  B OP1   1 
ATOM   397 O  OP2   . DT  A 1 20 ? 1.974   -27.156 9.834   1.00 112.43 ? 26  DT  B OP2   1 
ATOM   398 O  "O5'" . DT  A 1 20 ? 2.936   -26.028 7.806   1.00 106.67 ? 26  DT  B "O5'" 1 
ATOM   399 C  "C5'" . DT  A 1 20 ? 2.872   -25.554 6.479   1.00 104.90 ? 26  DT  B "C5'" 1 
ATOM   400 C  "C4'" . DT  A 1 20 ? 4.057   -26.034 5.654   1.00 110.05 ? 26  DT  B "C4'" 1 
ATOM   401 O  "O4'" . DT  A 1 20 ? 5.186   -25.139 5.835   1.00 108.67 ? 26  DT  B "O4'" 1 
ATOM   402 C  "C3'" . DT  A 1 20 ? 4.582   -27.428 5.976   1.00 112.23 ? 26  DT  B "C3'" 1 
ATOM   403 O  "O3'" . DT  A 1 20 ? 5.084   -28.020 4.779   1.00 115.35 ? 26  DT  B "O3'" 1 
ATOM   404 C  "C2'" . DT  A 1 20 ? 5.705   -27.133 6.971   1.00 108.03 ? 26  DT  B "C2'" 1 
ATOM   405 C  "C1'" . DT  A 1 20 ? 6.279   -25.842 6.398   1.00 104.77 ? 26  DT  B "C1'" 1 
ATOM   406 N  N1    . DT  A 1 20 ? 6.918   -24.947 7.412   1.00 97.17  ? 26  DT  B N1    1 
ATOM   407 C  C2    . DT  A 1 20 ? 8.067   -24.260 7.072   1.00 96.16  ? 26  DT  B C2    1 
ATOM   408 O  O2    . DT  A 1 20 ? 8.613   -24.361 5.985   1.00 98.10  ? 26  DT  B O2    1 
ATOM   409 N  N3    . DT  A 1 20 ? 8.562   -23.449 8.062   1.00 92.02  ? 26  DT  B N3    1 
ATOM   410 C  C4    . DT  A 1 20 ? 8.035   -23.255 9.327   1.00 88.32  ? 26  DT  B C4    1 
ATOM   411 O  O4    . DT  A 1 20 ? 8.556   -22.505 10.148  1.00 81.77  ? 26  DT  B O4    1 
ATOM   412 C  C5    . DT  A 1 20 ? 6.827   -23.997 9.615   1.00 89.90  ? 26  DT  B C5    1 
ATOM   413 C  C7    . DT  A 1 20 ? 6.163   -23.862 10.953  1.00 88.33  ? 26  DT  B C7    1 
ATOM   414 C  C6    . DT  A 1 20 ? 6.330   -24.795 8.654   1.00 93.41  ? 26  DT  B C6    1 
ATOM   415 P  P     . DC  A 1 21 ? 5.537   -29.562 4.747   1.00 120.65 ? 27  DC  B P     1 
ATOM   416 O  OP1   . DC  A 1 21 ? 5.076   -30.135 3.459   1.00 113.27 ? 27  DC  B OP1   1 
ATOM   417 O  OP2   . DC  A 1 21 ? 5.129   -30.185 6.030   1.00 114.37 ? 27  DC  B OP2   1 
ATOM   418 O  "O5'" . DC  A 1 21 ? 7.136   -29.485 4.721   1.00 111.55 ? 27  DC  B "O5'" 1 
ATOM   419 C  "C5'" . DC  A 1 21 ? 7.808   -28.833 3.645   1.00 105.57 ? 27  DC  B "C5'" 1 
ATOM   420 C  "C4'" . DC  A 1 21 ? 9.297   -28.753 3.928   1.00 112.63 ? 27  DC  B "C4'" 1 
ATOM   421 O  "O4'" . DC  A 1 21 ? 9.569   -27.596 4.741   1.00 113.18 ? 27  DC  B "O4'" 1 
ATOM   422 C  "C3'" . DC  A 1 21 ? 9.844   -29.925 4.725   1.00 112.82 ? 27  DC  B "C3'" 1 
ATOM   423 O  "O3'" . DC  A 1 21 ? 10.254  -30.964 3.842   1.00 118.21 ? 27  DC  B "O3'" 1 
ATOM   424 C  "C2'" . DC  A 1 21 ? 11.039  -29.325 5.471   1.00 109.81 ? 27  DC  B "C2'" 1 
ATOM   425 C  "C1'" . DC  A 1 21 ? 10.727  -27.825 5.521   1.00 108.47 ? 27  DC  B "C1'" 1 
ATOM   426 N  N1    . DC  A 1 21 ? 10.484  -27.314 6.898   1.00 102.12 ? 27  DC  B N1    1 
ATOM   427 C  C2    . DC  A 1 21 ? 11.313  -26.317 7.418   1.00 101.06 ? 27  DC  B C2    1 
ATOM   428 O  O2    . DC  A 1 21 ? 12.236  -25.876 6.716   1.00 99.96  ? 27  DC  B O2    1 
ATOM   429 N  N3    . DC  A 1 21 ? 11.083  -25.860 8.679   1.00 97.29  ? 27  DC  B N3    1 
ATOM   430 C  C4    . DC  A 1 21 ? 10.078  -26.368 9.400   1.00 96.26  ? 27  DC  B C4    1 
ATOM   431 N  N4    . DC  A 1 21 ? 9.886   -25.889 10.635  1.00 91.45  ? 27  DC  B N4    1 
ATOM   432 C  C5    . DC  A 1 21 ? 9.224   -27.390 8.885   1.00 96.83  ? 27  DC  B C5    1 
ATOM   433 C  C6    . DC  A 1 21 ? 9.462   -27.827 7.643   1.00 101.77 ? 27  DC  B C6    1 
ATOM   434 O  "O5'" . DT  B 2 1  ? 11.940  -24.675 20.907  1.00 117.42 ? 28  DT  C "O5'" 1 
ATOM   435 C  "C5'" . DT  B 2 1  ? 13.052  -24.594 21.790  1.00 116.71 ? 28  DT  C "C5'" 1 
ATOM   436 C  "C4'" . DT  B 2 1  ? 14.354  -24.523 21.013  1.00 116.07 ? 28  DT  C "C4'" 1 
ATOM   437 O  "O4'" . DT  B 2 1  ? 14.559  -25.754 20.298  1.00 110.24 ? 28  DT  C "O4'" 1 
ATOM   438 C  "C3'" . DT  B 2 1  ? 14.396  -23.459 19.935  1.00 114.15 ? 28  DT  C "C3'" 1 
ATOM   439 O  "O3'" . DT  B 2 1  ? 14.785  -22.214 20.493  1.00 118.90 ? 28  DT  C "O3'" 1 
ATOM   440 C  "C2'" . DT  B 2 1  ? 15.460  -23.993 18.974  1.00 111.06 ? 28  DT  C "C2'" 1 
ATOM   441 C  "C1'" . DT  B 2 1  ? 15.435  -25.507 19.218  1.00 108.63 ? 28  DT  C "C1'" 1 
ATOM   442 N  N1    . DT  B 2 1  ? 14.989  -26.310 18.044  1.00 105.79 ? 28  DT  C N1    1 
ATOM   443 C  C2    . DT  B 2 1  ? 15.800  -26.386 16.934  1.00 106.64 ? 28  DT  C C2    1 
ATOM   444 O  O2    . DT  B 2 1  ? 16.869  -25.810 16.848  1.00 107.15 ? 28  DT  C O2    1 
ATOM   445 N  N3    . DT  B 2 1  ? 15.311  -27.164 15.918  1.00 104.68 ? 28  DT  C N3    1 
ATOM   446 C  C4    . DT  B 2 1  ? 14.118  -27.864 15.904  1.00 106.40 ? 28  DT  C C4    1 
ATOM   447 O  O4    . DT  B 2 1  ? 13.764  -28.537 14.942  1.00 105.56 ? 28  DT  C O4    1 
ATOM   448 C  C5    . DT  B 2 1  ? 13.318  -27.744 17.100  1.00 106.27 ? 28  DT  C C5    1 
ATOM   449 C  C7    . DT  B 2 1  ? 12.002  -28.453 17.195  1.00 109.00 ? 28  DT  C C7    1 
ATOM   450 C  C6    . DT  B 2 1  ? 13.787  -26.984 18.101  1.00 105.52 ? 28  DT  C C6    1 
ATOM   451 P  P     . DC  B 2 2  ? 14.313  -20.839 19.804  1.00 133.32 ? 29  DC  C P     1 
ATOM   452 O  OP1   . DC  B 2 2  ? 14.656  -19.739 20.740  1.00 128.05 ? 29  DC  C OP1   1 
ATOM   453 O  OP2   . DC  B 2 2  ? 12.912  -21.016 19.355  1.00 126.54 ? 29  DC  C OP2   1 
ATOM   454 O  "O5'" . DC  B 2 2  ? 15.220  -20.731 18.485  1.00 117.24 ? 29  DC  C "O5'" 1 
ATOM   455 C  "C5'" . DC  B 2 2  ? 16.635  -20.646 18.595  1.00 114.90 ? 29  DC  C "C5'" 1 
ATOM   456 C  "C4'" . DC  B 2 2  ? 17.298  -20.884 17.251  1.00 115.10 ? 29  DC  C "C4'" 1 
ATOM   457 O  "O4'" . DC  B 2 2  ? 16.873  -22.169 16.719  1.00 111.49 ? 29  DC  C "O4'" 1 
ATOM   458 C  "C3'" . DC  B 2 2  ? 16.973  -19.840 16.174  1.00 116.26 ? 29  DC  C "C3'" 1 
ATOM   459 O  "O3'" . DC  B 2 2  ? 18.178  -19.332 15.597  1.00 116.81 ? 29  DC  C "O3'" 1 
ATOM   460 C  "C2'" . DC  B 2 2  ? 16.138  -20.618 15.155  1.00 114.24 ? 29  DC  C "C2'" 1 
ATOM   461 C  "C1'" . DC  B 2 2  ? 16.640  -22.039 15.341  1.00 108.84 ? 29  DC  C "C1'" 1 
ATOM   462 N  N1    . DC  B 2 2  ? 15.641  -23.065 14.923  1.00 101.25 ? 29  DC  C N1    1 
ATOM   463 C  C2    . DC  B 2 2  ? 15.788  -23.711 13.690  1.00 99.35  ? 29  DC  C C2    1 
ATOM   464 O  O2    . DC  B 2 2  ? 16.759  -23.432 12.974  1.00 98.53  ? 29  DC  C O2    1 
ATOM   465 N  N3    . DC  B 2 2  ? 14.864  -24.633 13.318  1.00 99.47  ? 29  DC  C N3    1 
ATOM   466 C  C4    . DC  B 2 2  ? 13.832  -24.908 14.122  1.00 99.71  ? 29  DC  C C4    1 
ATOM   467 N  N4    . DC  B 2 2  ? 12.949  -25.824 13.717  1.00 97.70  ? 29  DC  C N4    1 
ATOM   468 C  C5    . DC  B 2 2  ? 13.662  -24.253 15.377  1.00 100.21 ? 29  DC  C C5    1 
ATOM   469 C  C6    . DC  B 2 2  ? 14.578  -23.345 15.732  1.00 103.04 ? 29  DC  C C6    1 
ATOM   470 P  P     . DG  B 2 3  ? 18.140  -18.078 14.589  1.00 132.20 ? 30  DG  C P     1 
ATOM   471 O  OP1   . DG  B 2 3  ? 18.908  -16.973 15.208  1.00 132.10 ? 30  DG  C OP1   1 
ATOM   472 O  OP2   . DG  B 2 3  ? 16.738  -17.824 14.181  1.00 118.33 ? 30  DG  C OP2   1 
ATOM   473 O  "O5'" . DG  B 2 3  ? 18.956  -18.603 13.316  1.00 119.56 ? 30  DG  C "O5'" 1 
ATOM   474 C  "C5'" . DG  B 2 3  ? 18.834  -19.962 12.908  1.00 112.16 ? 30  DG  C "C5'" 1 
ATOM   475 C  "C4'" . DG  B 2 3  ? 18.671  -20.053 11.405  1.00 111.58 ? 30  DG  C "C4'" 1 
ATOM   476 O  "O4'" . DG  B 2 3  ? 17.706  -21.093 11.084  1.00 109.33 ? 30  DG  C "O4'" 1 
ATOM   477 C  "C3'" . DG  B 2 3  ? 18.141  -18.787 10.749  1.00 113.56 ? 30  DG  C "C3'" 1 
ATOM   478 O  "O3'" . DG  B 2 3  ? 18.671  -18.669 9.439   1.00 117.48 ? 30  DG  C "O3'" 1 
ATOM   479 C  "C2'" . DG  B 2 3  ? 16.638  -19.034 10.727  1.00 108.25 ? 30  DG  C "C2'" 1 
ATOM   480 C  "C1'" . DG  B 2 3  ? 16.588  -20.525 10.430  1.00 101.18 ? 30  DG  C "C1'" 1 
ATOM   481 N  N9    . DG  B 2 3  ? 15.374  -21.173 10.923  1.00 92.05  ? 30  DG  C N9    1 
ATOM   482 C  C8    . DG  B 2 3  ? 14.738  -20.946 12.120  1.00 92.90  ? 30  DG  C C8    1 
ATOM   483 N  N7    . DG  B 2 3  ? 13.667  -21.671 12.286  1.00 89.03  ? 30  DG  C N7    1 
ATOM   484 C  C5    . DG  B 2 3  ? 13.586  -22.429 11.124  1.00 88.76  ? 30  DG  C C5    1 
ATOM   485 C  C6    . DG  B 2 3  ? 12.633  -23.399 10.732  1.00 89.79  ? 30  DG  C C6    1 
ATOM   486 O  O6    . DG  B 2 3  ? 11.637  -23.793 11.355  1.00 90.03  ? 30  DG  C O6    1 
ATOM   487 N  N1    . DG  B 2 3  ? 12.923  -23.928 9.475   1.00 86.74  ? 30  DG  C N1    1 
ATOM   488 C  C2    . DG  B 2 3  ? 13.997  -23.562 8.697   1.00 90.83  ? 30  DG  C C2    1 
ATOM   489 N  N2    . DG  B 2 3  ? 14.116  -24.182 7.513   1.00 94.29  ? 30  DG  C N2    1 
ATOM   490 N  N3    . DG  B 2 3  ? 14.897  -22.653 9.054   1.00 92.42  ? 30  DG  C N3    1 
ATOM   491 C  C4    . DG  B 2 3  ? 14.628  -22.130 10.275  1.00 90.96  ? 30  DG  C C4    1 
ATOM   492 P  P     . DA  B 2 4  ? 18.611  -17.266 8.654   1.00 127.40 ? 31  DA  C P     1 
ATOM   493 O  OP1   . DA  B 2 4  ? 20.004  -16.803 8.452   1.00 119.42 ? 31  DA  C OP1   1 
ATOM   494 O  OP2   . DA  B 2 4  ? 17.630  -16.376 9.330   1.00 116.53 ? 31  DA  C OP2   1 
ATOM   495 O  "O5'" . DA  B 2 4  ? 18.001  -17.675 7.237   1.00 115.15 ? 31  DA  C "O5'" 1 
ATOM   496 C  "C5'" . DA  B 2 4  ? 18.308  -18.949 6.679   1.00 112.76 ? 31  DA  C "C5'" 1 
ATOM   497 C  "C4'" . DA  B 2 4  ? 17.219  -19.382 5.721   1.00 109.97 ? 31  DA  C "C4'" 1 
ATOM   498 O  "O4'" . DA  B 2 4  ? 16.171  -20.082 6.455   1.00 105.91 ? 31  DA  C "O4'" 1 
ATOM   499 C  "C3'" . DA  B 2 4  ? 16.532  -18.227 4.991   1.00 106.96 ? 31  DA  C "C3'" 1 
ATOM   500 O  "O3'" . DA  B 2 4  ? 16.381  -18.531 3.611   1.00 109.29 ? 31  DA  C "O3'" 1 
ATOM   501 C  "C2'" . DA  B 2 4  ? 15.185  -18.122 5.695   1.00 103.09 ? 31  DA  C "C2'" 1 
ATOM   502 C  "C1'" . DA  B 2 4  ? 14.925  -19.571 6.060   1.00 97.60  ? 31  DA  C "C1'" 1 
ATOM   503 N  N9    . DA  B 2 4  ? 13.975  -19.720 7.154   1.00 92.80  ? 31  DA  C N9    1 
ATOM   504 C  C8    . DA  B 2 4  ? 13.999  -19.080 8.364   1.00 94.58  ? 31  DA  C C8    1 
ATOM   505 N  N7    . DA  B 2 4  ? 12.996  -19.401 9.153   1.00 87.54  ? 31  DA  C N7    1 
ATOM   506 C  C5    . DA  B 2 4  ? 12.264  -20.310 8.405   1.00 85.14  ? 31  DA  C C5    1 
ATOM   507 C  C6    . DA  B 2 4  ? 11.080  -21.026 8.673   1.00 83.87  ? 31  DA  C C6    1 
ATOM   508 N  N6    . DA  B 2 4  ? 10.405  -20.929 9.826   1.00 82.23  ? 31  DA  C N6    1 
ATOM   509 N  N1    . DA  B 2 4  ? 10.616  -21.852 7.711   1.00 84.82  ? 31  DA  C N1    1 
ATOM   510 C  C2    . DA  B 2 4  ? 11.295  -21.951 6.561   1.00 88.18  ? 31  DA  C C2    1 
ATOM   511 N  N3    . DA  B 2 4  ? 12.416  -21.328 6.192   1.00 90.19  ? 31  DA  C N3    1 
ATOM   512 C  C4    . DA  B 2 4  ? 12.853  -20.515 7.169   1.00 90.11  ? 31  DA  C C4    1 
ATOM   513 P  P     . DG  B 2 5  ? 16.276  -17.341 2.530   1.00 125.63 ? 32  DG  C P     1 
ATOM   514 O  OP1   . DG  B 2 5  ? 17.548  -17.270 1.771   1.00 116.90 ? 32  DG  C OP1   1 
ATOM   515 O  OP2   . DG  B 2 5  ? 15.769  -16.141 3.238   1.00 113.55 ? 32  DG  C OP2   1 
ATOM   516 O  "O5'" . DG  B 2 5  ? 15.130  -17.837 1.534   1.00 111.74 ? 32  DG  C "O5'" 1 
ATOM   517 C  "C5'" . DG  B 2 5  ? 15.030  -19.214 1.199   1.00 106.60 ? 32  DG  C "C5'" 1 
ATOM   518 C  "C4'" . DG  B 2 5  ? 13.577  -19.647 1.156   1.00 105.36 ? 32  DG  C "C4'" 1 
ATOM   519 O  "O4'" . DG  B 2 5  ? 13.048  -19.732 2.509   1.00 101.33 ? 32  DG  C "O4'" 1 
ATOM   520 C  "C3'" . DG  B 2 5  ? 12.634  -18.693 0.400   1.00 106.72 ? 32  DG  C "C3'" 1 
ATOM   521 O  "O3'" . DG  B 2 5  ? 11.744  -19.450 -0.413  1.00 108.60 ? 32  DG  C "O3'" 1 
ATOM   522 C  "C2'" . DG  B 2 5  ? 11.890  -17.991 1.531   1.00 96.55  ? 32  DG  C "C2'" 1 
ATOM   523 C  "C1'" . DG  B 2 5  ? 11.779  -19.136 2.511   1.00 97.52  ? 32  DG  C "C1'" 1 
ATOM   524 N  N9    . DG  B 2 5  ? 11.409  -18.749 3.867   1.00 90.28  ? 32  DG  C N9    1 
ATOM   525 C  C8    . DG  B 2 5  ? 12.090  -17.937 4.741   1.00 94.01  ? 32  DG  C C8    1 
ATOM   526 N  N7    . DG  B 2 5  ? 11.480  -17.794 5.894   1.00 86.16  ? 32  DG  C N7    1 
ATOM   527 C  C5    . DG  B 2 5  ? 10.328  -18.558 5.758   1.00 79.56  ? 32  DG  C C5    1 
ATOM   528 C  C6    . DG  B 2 5  ? 9.264   -18.796 6.664   1.00 80.78  ? 32  DG  C C6    1 
ATOM   529 O  O6    . DG  B 2 5  ? 9.113   -18.362 7.819   1.00 77.40  ? 32  DG  C O6    1 
ATOM   530 N  N1    . DG  B 2 5  ? 8.302   -19.630 6.103   1.00 77.78  ? 32  DG  C N1    1 
ATOM   531 C  C2    . DG  B 2 5  ? 8.370   -20.160 4.836   1.00 81.12  ? 32  DG  C C2    1 
ATOM   532 N  N2    . DG  B 2 5  ? 7.364   -20.931 4.453   1.00 78.90  ? 32  DG  C N2    1 
ATOM   533 N  N3    . DG  B 2 5  ? 9.350   -19.944 3.995   1.00 81.93  ? 32  DG  C N3    1 
ATOM   534 C  C4    . DG  B 2 5  ? 10.284  -19.142 4.515   1.00 79.31  ? 32  DG  C C4    1 
ATOM   535 P  P     . DT  B 2 6  ? 10.858  -18.744 -1.557  1.00 112.69 ? 33  DT  C P     1 
ATOM   536 O  OP1   . DT  B 2 6  ? 11.445  -19.141 -2.858  1.00 102.03 ? 33  DT  C OP1   1 
ATOM   537 O  OP2   . DT  B 2 6  ? 10.662  -17.307 -1.228  1.00 101.69 ? 33  DT  C OP2   1 
ATOM   538 O  "O5'" . DT  B 2 6  ? 9.448   -19.476 -1.418  1.00 100.26 ? 33  DT  C "O5'" 1 
ATOM   539 C  "C5'" . DT  B 2 6  ? 8.938   -19.751 -0.134  1.00 90.59  ? 33  DT  C "C5'" 1 
ATOM   540 C  "C4'" . DT  B 2 6  ? 7.503   -20.219 -0.214  1.00 88.42  ? 33  DT  C "C4'" 1 
ATOM   541 O  "O4'" . DT  B 2 6  ? 6.925   -20.161 1.112   1.00 91.48  ? 33  DT  C "O4'" 1 
ATOM   542 C  "C3'" . DT  B 2 6  ? 6.597   -19.351 -1.068  1.00 85.55  ? 33  DT  C "C3'" 1 
ATOM   543 O  "O3'" . DT  B 2 6  ? 5.454   -20.107 -1.490  1.00 84.39  ? 33  DT  C "O3'" 1 
ATOM   544 C  "C2'" . DT  B 2 6  ? 6.219   -18.244 -0.088  1.00 79.34  ? 33  DT  C "C2'" 1 
ATOM   545 C  "C1'" . DT  B 2 6  ? 6.087   -19.024 1.218   1.00 82.42  ? 33  DT  C "C1'" 1 
ATOM   546 N  N1    . DT  B 2 6  ? 6.485   -18.251 2.429   1.00 73.62  ? 33  DT  C N1    1 
ATOM   547 C  C2    . DT  B 2 6  ? 5.694   -18.325 3.545   1.00 75.16  ? 33  DT  C C2    1 
ATOM   548 O  O2    . DT  B 2 6  ? 4.682   -19.000 3.598   1.00 79.84  ? 33  DT  C O2    1 
ATOM   549 N  N3    . DT  B 2 6  ? 6.126   -17.581 4.607   1.00 75.11  ? 33  DT  C N3    1 
ATOM   550 C  C4    . DT  B 2 6  ? 7.252   -16.787 4.663   1.00 74.32  ? 33  DT  C C4    1 
ATOM   551 O  O4    . DT  B 2 6  ? 7.556   -16.152 5.670   1.00 76.23  ? 33  DT  C O4    1 
ATOM   552 C  C5    . DT  B 2 6  ? 8.038   -16.748 3.453   1.00 70.64  ? 33  DT  C C5    1 
ATOM   553 C  C7    . DT  B 2 6  ? 9.279   -15.914 3.395   1.00 67.48  ? 33  DT  C C7    1 
ATOM   554 C  C6    . DT  B 2 6  ? 7.624   -17.476 2.404   1.00 74.20  ? 33  DT  C C6    1 
ATOM   555 P  P     . DC  B 2 7  ? 4.329   -19.450 -2.436  1.00 89.00  ? 34  DC  C P     1 
ATOM   556 O  OP1   . DC  B 2 7  ? 3.783   -20.513 -3.314  1.00 79.46  ? 34  DC  C OP1   1 
ATOM   557 O  OP2   . DC  B 2 7  ? 4.884   -18.217 -3.037  1.00 89.36  ? 34  DC  C OP2   1 
ATOM   558 O  "O5'" . DC  B 2 7  ? 3.176   -19.027 -1.411  1.00 86.78  ? 34  DC  C "O5'" 1 
ATOM   559 C  "C5'" . DC  B 2 7  ? 2.425   -20.035 -0.758  1.00 77.41  ? 34  DC  C "C5'" 1 
ATOM   560 C  "C4'" . DC  B 2 7  ? 1.391   -19.432 0.177   1.00 77.60  ? 34  DC  C "C4'" 1 
ATOM   561 O  "O4'" . DC  B 2 7  ? 2.046   -18.739 1.271   1.00 76.91  ? 34  DC  C "O4'" 1 
ATOM   562 C  "C3'" . DC  B 2 7  ? 0.430   -18.427 -0.457  1.00 74.56  ? 34  DC  C "C3'" 1 
ATOM   563 O  "O3'" . DC  B 2 7  ? -0.894  -18.765 -0.071  1.00 75.94  ? 34  DC  C "O3'" 1 
ATOM   564 C  "C2'" . DC  B 2 7  ? 0.878   -17.079 0.133   1.00 76.08  ? 34  DC  C "C2'" 1 
ATOM   565 C  "C1'" . DC  B 2 7  ? 1.414   -17.500 1.491   1.00 72.63  ? 34  DC  C "C1'" 1 
ATOM   566 N  N1    . DC  B 2 7  ? 2.440   -16.575 2.093   1.00 70.44  ? 34  DC  C N1    1 
ATOM   567 C  C2    . DC  B 2 7  ? 2.282   -16.126 3.413   1.00 71.76  ? 34  DC  C C2    1 
ATOM   568 O  O2    . DC  B 2 7  ? 1.272   -16.463 4.048   1.00 71.79  ? 34  DC  C O2    1 
ATOM   569 N  N3    . DC  B 2 7  ? 3.232   -15.314 3.950   1.00 72.99  ? 34  DC  C N3    1 
ATOM   570 C  C4    . DC  B 2 7  ? 4.305   -14.969 3.228   1.00 71.09  ? 34  DC  C C4    1 
ATOM   571 N  N4    . DC  B 2 7  ? 5.216   -14.172 3.799   1.00 70.64  ? 34  DC  C N4    1 
ATOM   572 C  C5    . DC  B 2 7  ? 4.489   -15.429 1.894   1.00 64.47  ? 34  DC  C C5    1 
ATOM   573 C  C6    . DC  B 2 7  ? 3.547   -16.226 1.373   1.00 71.14  ? 34  DC  C C6    1 
ATOM   574 P  P     . DG  B 2 8  ? -2.167  -18.058 -0.747  1.00 85.24  ? 35  DG  C P     1 
ATOM   575 O  OP1   . DG  B 2 8  ? -3.285  -19.028 -0.707  1.00 80.96  ? 35  DG  C OP1   1 
ATOM   576 O  OP2   . DG  B 2 8  ? -1.734  -17.458 -2.032  1.00 86.05  ? 35  DG  C OP2   1 
ATOM   577 O  "O5'" . DG  B 2 8  ? -2.513  -16.870 0.263   1.00 80.58  ? 35  DG  C "O5'" 1 
ATOM   578 C  "C5'" . DG  B 2 8  ? -2.796  -17.158 1.616   1.00 77.63  ? 35  DG  C "C5'" 1 
ATOM   579 C  "C4'" . DG  B 2 8  ? -2.982  -15.879 2.405   1.00 79.27  ? 35  DG  C "C4'" 1 
ATOM   580 O  "O4'" . DG  B 2 8  ? -1.689  -15.343 2.788   1.00 79.39  ? 35  DG  C "O4'" 1 
ATOM   581 C  "C3'" . DG  B 2 8  ? -3.681  -14.746 1.651   1.00 81.71  ? 35  DG  C "C3'" 1 
ATOM   582 O  "O3'" . DG  B 2 8  ? -4.500  -14.035 2.540   1.00 81.66  ? 35  DG  C "O3'" 1 
ATOM   583 C  "C2'" . DG  B 2 8  ? -2.518  -13.880 1.221   1.00 80.98  ? 35  DG  C "C2'" 1 
ATOM   584 C  "C1'" . DG  B 2 8  ? -1.684  -13.976 2.472   1.00 73.55  ? 35  DG  C "C1'" 1 
ATOM   585 N  N9    . DG  B 2 8  ? -0.321  -13.519 2.302   1.00 69.20  ? 35  DG  C N9    1 
ATOM   586 C  C8    . DG  B 2 8  ? 0.440   -13.575 1.162   1.00 68.11  ? 35  DG  C C8    1 
ATOM   587 N  N7    . DG  B 2 8  ? 1.629   -13.066 1.315   1.00 71.79  ? 35  DG  C N7    1 
ATOM   588 C  C5    . DG  B 2 8  ? 1.649   -12.651 2.637   1.00 65.18  ? 35  DG  C C5    1 
ATOM   589 C  C6    . DG  B 2 8  ? 2.679   -12.038 3.376   1.00 69.55  ? 35  DG  C C6    1 
ATOM   590 O  O6    . DG  B 2 8  ? 3.813   -11.725 2.991   1.00 72.77  ? 35  DG  C O6    1 
ATOM   591 N  N1    . DG  B 2 8  ? 2.290   -11.783 4.689   1.00 73.51  ? 35  DG  C N1    1 
ATOM   592 C  C2    . DG  B 2 8  ? 1.055   -12.092 5.215   1.00 75.68  ? 35  DG  C C2    1 
ATOM   593 N  N2    . DG  B 2 8  ? 0.857   -11.778 6.504   1.00 72.38  ? 35  DG  C N2    1 
ATOM   594 N  N3    . DG  B 2 8  ? 0.083   -12.672 4.527   1.00 74.14  ? 35  DG  C N3    1 
ATOM   595 C  C4    . DG  B 2 8  ? 0.454   -12.917 3.251   1.00 68.31  ? 35  DG  C C4    1 
ATOM   596 P  P     . DC  C 3 1  ? 4.130   15.140  -5.365  1.00 90.22  ? 36  DC  D P     1 
ATOM   597 O  OP1   . DC  C 3 1  ? 3.698   15.501  -3.996  1.00 84.27  ? 36  DC  D OP1   1 
ATOM   598 O  OP2   . DC  C 3 1  ? 5.213   15.894  -6.047  1.00 82.00  ? 36  DC  D OP2   1 
ATOM   599 O  "O5'" . DC  C 3 1  ? 4.572   13.607  -5.352  1.00 85.38  ? 36  DC  D "O5'" 1 
ATOM   600 C  "C5'" . DC  C 3 1  ? 5.384   13.097  -6.400  1.00 85.87  ? 36  DC  D "C5'" 1 
ATOM   601 C  "C4'" . DC  C 3 1  ? 4.775   11.836  -6.976  1.00 86.05  ? 36  DC  D "C4'" 1 
ATOM   602 O  "O4'" . DC  C 3 1  ? 4.348   10.983  -5.894  1.00 82.14  ? 36  DC  D "O4'" 1 
ATOM   603 C  "C3'" . DC  C 3 1  ? 3.527   12.063  -7.807  1.00 87.05  ? 36  DC  D "C3'" 1 
ATOM   604 O  "O3'" . DC  C 3 1  ? 3.886   12.310  -9.159  1.00 83.18  ? 36  DC  D "O3'" 1 
ATOM   605 C  "C2'" . DC  C 3 1  ? 2.775   10.740  -7.664  1.00 85.07  ? 36  DC  D "C2'" 1 
ATOM   606 C  "C1'" . DC  C 3 1  ? 3.223   10.226  -6.294  1.00 81.20  ? 36  DC  D "C1'" 1 
ATOM   607 N  N1    . DC  C 3 1  ? 2.183   10.325  -5.227  1.00 82.47  ? 36  DC  D N1    1 
ATOM   608 C  C2    . DC  C 3 1  ? 1.007   9.570   -5.321  1.00 84.18  ? 36  DC  D C2    1 
ATOM   609 O  O2    . DC  C 3 1  ? 0.837   8.833   -6.303  1.00 89.06  ? 36  DC  D O2    1 
ATOM   610 N  N3    . DC  C 3 1  ? 0.083   9.666   -4.331  1.00 81.72  ? 36  DC  D N3    1 
ATOM   611 C  C4    . DC  C 3 1  ? 0.305   10.469  -3.287  1.00 81.16  ? 36  DC  D C4    1 
ATOM   612 N  N4    . DC  C 3 1  ? -0.636  10.536  -2.337  1.00 78.96  ? 36  DC  D N4    1 
ATOM   613 C  C5    . DC  C 3 1  ? 1.498   11.238  -3.171  1.00 77.62  ? 36  DC  D C5    1 
ATOM   614 C  C6    . DC  C 3 1  ? 2.400   11.135  -4.152  1.00 83.05  ? 36  DC  D C6    1 
ATOM   615 P  P     . DT  C 3 2  ? 2.885   13.116  -10.121 1.00 89.50  ? 37  DT  D P     1 
ATOM   616 O  OP1   . DT  C 3 2  ? 3.507   13.160  -11.465 1.00 85.89  ? 37  DT  D OP1   1 
ATOM   617 O  OP2   . DT  C 3 2  ? 2.485   14.364  -9.426  1.00 89.13  ? 37  DT  D OP2   1 
ATOM   618 O  "O5'" . DT  C 3 2  ? 1.612   12.165  -10.233 1.00 83.66  ? 37  DT  D "O5'" 1 
ATOM   619 C  "C5'" . DT  C 3 2  ? 1.672   11.016  -11.053 1.00 86.97  ? 37  DT  D "C5'" 1 
ATOM   620 C  "C4'" . DT  C 3 2  ? 0.334   10.314  -11.058 1.00 87.78  ? 37  DT  D "C4'" 1 
ATOM   621 O  "O4'" . DT  C 3 2  ? -0.137  10.196  -9.693  1.00 82.99  ? 37  DT  D "O4'" 1 
ATOM   622 C  "C3'" . DT  C 3 2  ? -0.771  11.047  -11.816 1.00 95.49  ? 37  DT  D "C3'" 1 
ATOM   623 O  "O3'" . DT  C 3 2  ? -1.610  10.102  -12.474 1.00 103.73 ? 37  DT  D "O3'" 1 
ATOM   624 C  "C2'" . DT  C 3 2  ? -1.510  11.776  -10.699 1.00 93.31  ? 37  DT  D "C2'" 1 
ATOM   625 C  "C1'" . DT  C 3 2  ? -1.424  10.751  -9.588  1.00 88.24  ? 37  DT  D "C1'" 1 
ATOM   626 N  N1    . DT  C 3 2  ? -1.583  11.326  -8.230  1.00 86.37  ? 37  DT  D N1    1 
ATOM   627 C  C2    . DT  C 3 2  ? -2.681  10.976  -7.489  1.00 87.63  ? 37  DT  D C2    1 
ATOM   628 O  O2    . DT  C 3 2  ? -3.542  10.217  -7.896  1.00 94.08  ? 37  DT  D O2    1 
ATOM   629 N  N3    . DT  C 3 2  ? -2.740  11.543  -6.246  1.00 87.59  ? 37  DT  D N3    1 
ATOM   630 C  C4    . DT  C 3 2  ? -1.822  12.411  -5.682  1.00 88.38  ? 37  DT  D C4    1 
ATOM   631 O  O4    . DT  C 3 2  ? -1.963  12.871  -4.553  1.00 83.86  ? 37  DT  D O4    1 
ATOM   632 C  C5    . DT  C 3 2  ? -0.690  12.737  -6.516  1.00 82.37  ? 37  DT  D C5    1 
ATOM   633 C  C7    . DT  C 3 2  ? 0.369   13.668  -6.009  1.00 84.22  ? 37  DT  D C7    1 
ATOM   634 C  C6    . DT  C 3 2  ? -0.622  12.186  -7.736  1.00 83.24  ? 37  DT  D C6    1 
ATOM   635 P  P     . DG  C 3 3  ? -2.708  10.579  -13.549 1.00 110.73 ? 38  DG  D P     1 
ATOM   636 O  OP1   . DG  C 3 3  ? -2.346  9.976   -14.852 1.00 101.80 ? 38  DG  D OP1   1 
ATOM   637 O  OP2   . DG  C 3 3  ? -2.879  12.045  -13.429 1.00 103.37 ? 38  DG  D OP2   1 
ATOM   638 O  "O5'" . DG  C 3 3  ? -4.055  9.903   -13.024 1.00 97.14  ? 38  DG  D "O5'" 1 
ATOM   639 C  "C5'" . DG  C 3 3  ? -4.345  9.925   -11.645 1.00 95.81  ? 38  DG  D "C5'" 1 
ATOM   640 C  "C4'" . DG  C 3 3  ? -5.733  9.400   -11.382 1.00 99.97  ? 38  DG  D "C4'" 1 
ATOM   641 O  "O4'" . DG  C 3 3  ? -6.100  9.711   -10.018 1.00 97.69  ? 38  DG  D "O4'" 1 
ATOM   642 C  "C3'" . DG  C 3 3  ? -6.811  10.056  -12.210 1.00 108.14 ? 38  DG  D "C3'" 1 
ATOM   643 O  "O3'" . DG  C 3 3  ? -7.992  9.246   -12.182 1.00 116.31 ? 38  DG  D "O3'" 1 
ATOM   644 C  "C2'" . DG  C 3 3  ? -6.998  11.367  -11.451 1.00 105.72 ? 38  DG  D "C2'" 1 
ATOM   645 C  "C1'" . DG  C 3 3  ? -6.848  10.913  -9.994  1.00 100.21 ? 38  DG  D "C1'" 1 
ATOM   646 N  N9    . DG  C 3 3  ? -6.135  11.872  -9.158  1.00 94.64  ? 38  DG  D N9    1 
ATOM   647 C  C8    . DG  C 3 3  ? -4.984  12.549  -9.479  1.00 95.33  ? 38  DG  D C8    1 
ATOM   648 N  N7    . DG  C 3 3  ? -4.565  13.342  -8.531  1.00 93.90  ? 38  DG  D N7    1 
ATOM   649 C  C5    . DG  C 3 3  ? -5.495  13.176  -7.512  1.00 89.58  ? 38  DG  D C5    1 
ATOM   650 C  C6    . DG  C 3 3  ? -5.558  13.778  -6.235  1.00 88.98  ? 38  DG  D C6    1 
ATOM   651 O  O6    . DG  C 3 3  ? -4.778  14.603  -5.738  1.00 89.40  ? 38  DG  D O6    1 
ATOM   652 N  N1    . DG  C 3 3  ? -6.663  13.336  -5.511  1.00 87.99  ? 38  DG  D N1    1 
ATOM   653 C  C2    . DG  C 3 3  ? -7.589  12.429  -5.969  1.00 89.15  ? 38  DG  D C2    1 
ATOM   654 N  N2    . DG  C 3 3  ? -8.584  12.122  -5.128  1.00 88.14  ? 38  DG  D N2    1 
ATOM   655 N  N3    . DG  C 3 3  ? -7.536  11.851  -7.164  1.00 87.65  ? 38  DG  D N3    1 
ATOM   656 C  C4    . DG  C 3 3  ? -6.467  12.272  -7.879  1.00 89.28  ? 38  DG  D C4    1 
ATOM   657 P  P     . DT  C 3 4  ? -9.188  9.485   -13.234 1.00 124.78 ? 39  DT  D P     1 
ATOM   658 O  OP1   . DT  C 3 4  ? -9.425  8.217   -13.957 1.00 116.62 ? 39  DT  D OP1   1 
ATOM   659 O  OP2   . DT  C 3 4  ? -8.882  10.710  -14.007 1.00 119.08 ? 39  DT  D OP2   1 
ATOM   660 O  "O5'" . DT  C 3 4  ? -10.448 9.794   -12.295 1.00 111.57 ? 39  DT  D "O5'" 1 
ATOM   661 C  "C5'" . DT  C 3 4  ? -10.363 10.836  -11.354 1.00 107.07 ? 39  DT  D "C5'" 1 
ATOM   662 C  "C4'" . DT  C 3 4  ? -11.436 10.714  -10.303 1.00 114.61 ? 39  DT  D "C4'" 1 
ATOM   663 O  "O4'" . DT  C 3 4  ? -10.935 11.278  -9.065  1.00 113.39 ? 39  DT  D "O4'" 1 
ATOM   664 C  "C3'" . DT  C 3 4  ? -12.696 11.505  -10.600 1.00 122.96 ? 39  DT  D "C3'" 1 
ATOM   665 O  "O3'" . DT  C 3 4  ? -13.782 11.000  -9.824  1.00 130.89 ? 39  DT  D "O3'" 1 
ATOM   666 C  "C2'" . DT  C 3 4  ? -12.283 12.891  -10.132 1.00 118.88 ? 39  DT  D "C2'" 1 
ATOM   667 C  "C1'" . DT  C 3 4  ? -11.523 12.550  -8.851  1.00 113.03 ? 39  DT  D "C1'" 1 
ATOM   668 N  N1    . DT  C 3 4  ? -10.444 13.533  -8.500  1.00 103.33 ? 39  DT  D N1    1 
ATOM   669 C  C2    . DT  C 3 4  ? -10.421 14.085  -7.239  1.00 103.10 ? 39  DT  D C2    1 
ATOM   670 O  O2    . DT  C 3 4  ? -11.239 13.815  -6.376  1.00 106.44 ? 39  DT  D O2    1 
ATOM   671 N  N3    . DT  C 3 4  ? -9.399  14.973  -7.020  1.00 97.30  ? 39  DT  D N3    1 
ATOM   672 C  C4    . DT  C 3 4  ? -8.419  15.355  -7.916  1.00 96.48  ? 39  DT  D C4    1 
ATOM   673 O  O4    . DT  C 3 4  ? -7.539  16.159  -7.623  1.00 96.48  ? 39  DT  D O4    1 
ATOM   674 C  C5    . DT  C 3 4  ? -8.501  14.742  -9.219  1.00 96.48  ? 39  DT  D C5    1 
ATOM   675 C  C7    . DT  C 3 4  ? -7.491  15.079  -10.274 1.00 96.48  ? 39  DT  D C7    1 
ATOM   676 C  C6    . DT  C 3 4  ? -9.496  13.870  -9.446  1.00 100.59 ? 39  DT  D C6    1 
ATOM   677 P  P     . DC  C 3 5  ? -15.287 11.071  -10.386 1.00 137.85 ? 40  DC  D P     1 
ATOM   678 O  OP1   . DC  C 3 5  ? -15.854 9.704   -10.343 1.00 132.54 ? 40  DC  D OP1   1 
ATOM   679 O  OP2   . DC  C 3 5  ? -15.241 11.808  -11.671 1.00 135.43 ? 40  DC  D OP2   1 
ATOM   680 O  "O5'" . DC  C 3 5  ? -16.058 11.973  -9.311  1.00 128.40 ? 40  DC  D "O5'" 1 
ATOM   681 C  "C5'" . DC  C 3 5  ? -16.099 13.386  -9.459  1.00 127.58 ? 40  DC  D "C5'" 1 
ATOM   682 C  "C4'" . DC  C 3 5  ? -16.192 14.054  -8.102  1.00 131.78 ? 40  DC  D "C4'" 1 
ATOM   683 O  "O4'" . DC  C 3 5  ? -14.882 14.055  -7.481  1.00 128.92 ? 40  DC  D "O4'" 1 
ATOM   684 C  "C3'" . DC  C 3 5  ? -16.605 15.517  -8.122  1.00 133.59 ? 40  DC  D "C3'" 1 
ATOM   685 O  "O3'" . DC  C 3 5  ? -18.050 15.651  -8.177  1.00 139.52 ? 40  DC  D "O3'" 1 
ATOM   686 C  "C2'" . DC  C 3 5  ? -16.014 16.021  -6.812  1.00 128.86 ? 40  DC  D "C2'" 1 
ATOM   687 C  "C1'" . DC  C 3 5  ? -14.695 15.263  -6.755  1.00 125.52 ? 40  DC  D "C1'" 1 
ATOM   688 N  N1    . DC  C 3 5  ? -13.523 16.010  -7.336  1.00 118.55 ? 40  DC  D N1    1 
ATOM   689 C  C2    . DC  C 3 5  ? -12.819 16.922  -6.538  1.00 111.42 ? 40  DC  D C2    1 
ATOM   690 O  O2    . DC  C 3 5  ? -13.188 17.112  -5.371  1.00 110.01 ? 40  DC  D O2    1 
ATOM   691 N  N3    . DC  C 3 5  ? -11.751 17.576  -7.072  1.00 108.71 ? 40  DC  D N3    1 
ATOM   692 C  C4    . DC  C 3 5  ? -11.384 17.340  -8.336  1.00 108.59 ? 40  DC  D C4    1 
ATOM   693 N  N4    . DC  C 3 5  ? -10.326 18.004  -8.816  1.00 107.31 ? 40  DC  D N4    1 
ATOM   694 C  C5    . DC  C 3 5  ? -12.086 16.411  -9.160  1.00 109.90 ? 40  DC  D C5    1 
ATOM   695 C  C6    . DC  C 3 5  ? -13.137 15.776  -8.626  1.00 114.88 ? 40  DC  D C6    1 
ATOM   696 P  P     . DG  C 3 6  ? -18.979 15.528  -6.862  1.00 142.92 ? 41  DG  D P     1 
ATOM   697 O  OP1   . DG  C 3 6  ? -18.531 14.382  -6.038  1.00 138.72 ? 41  DG  D OP1   1 
ATOM   698 O  OP2   . DG  C 3 6  ? -20.375 15.561  -7.354  1.00 139.76 ? 41  DG  D OP2   1 
ATOM   699 O  "O5'" . DG  C 3 6  ? -18.740 16.891  -6.050  1.00 133.22 ? 41  DG  D "O5'" 1 
ATOM   700 C  "C5'" . DG  C 3 6  ? -18.815 16.887  -4.622  1.00 129.65 ? 41  DG  D "C5'" 1 
ATOM   701 C  "C4'" . DG  C 3 6  ? -18.188 18.139  -4.030  1.00 128.80 ? 41  DG  D "C4'" 1 
ATOM   702 O  "O4'" . DG  C 3 6  ? -16.876 18.362  -4.616  1.00 128.29 ? 41  DG  D "O4'" 1 
ATOM   703 C  "C3'" . DG  C 3 6  ? -18.978 19.429  -4.254  1.00 130.67 ? 41  DG  D "C3'" 1 
ATOM   704 O  "O3'" . DG  C 3 6  ? -18.978 20.207  -3.065  1.00 135.09 ? 41  DG  D "O3'" 1 
ATOM   705 C  "C2'" . DG  C 3 6  ? -18.206 20.121  -5.373  1.00 127.05 ? 41  DG  D "C2'" 1 
ATOM   706 C  "C1'" . DG  C 3 6  ? -16.781 19.698  -5.064  1.00 125.27 ? 41  DG  D "C1'" 1 
ATOM   707 N  N9    . DG  C 3 6  ? -15.889 19.739  -6.223  1.00 119.45 ? 41  DG  D N9    1 
ATOM   708 C  C8    . DG  C 3 6  ? -16.065 19.099  -7.427  1.00 121.61 ? 41  DG  D C8    1 
ATOM   709 N  N7    . DG  C 3 6  ? -15.098 19.305  -8.278  1.00 117.07 ? 41  DG  D N7    1 
ATOM   710 C  C5    . DG  C 3 6  ? -14.228 20.148  -7.602  1.00 113.94 ? 41  DG  D C5    1 
ATOM   711 C  C6    . DG  C 3 6  ? -13.004 20.716  -8.023  1.00 113.45 ? 41  DG  D C6    1 
ATOM   712 O  O6    . DG  C 3 6  ? -12.429 20.580  -9.113  1.00 113.45 ? 41  DG  D O6    1 
ATOM   713 N  N1    . DG  C 3 6  ? -12.439 21.513  -7.029  1.00 113.45 ? 41  DG  D N1    1 
ATOM   714 C  C2    . DG  C 3 6  ? -12.989 21.731  -5.786  1.00 113.45 ? 41  DG  D C2    1 
ATOM   715 N  N2    . DG  C 3 6  ? -12.295 22.531  -4.961  1.00 113.45 ? 41  DG  D N2    1 
ATOM   716 N  N3    . DG  C 3 6  ? -14.139 21.202  -5.377  1.00 113.45 ? 41  DG  D N3    1 
ATOM   717 C  C4    . DG  C 3 6  ? -14.701 20.425  -6.334  1.00 114.15 ? 41  DG  D C4    1 
ATOM   718 P  P     . DT  C 3 7  ? -20.022 21.416  -2.895  1.00 141.06 ? 42  DT  D P     1 
ATOM   719 O  OP1   . DT  C 3 7  ? -20.564 21.363  -1.516  1.00 133.44 ? 42  DT  D OP1   1 
ATOM   720 O  OP2   . DT  C 3 7  ? -20.940 21.365  -4.057  1.00 138.94 ? 42  DT  D OP2   1 
ATOM   721 O  "O5'" . DT  C 3 7  ? -19.119 22.729  -3.035  1.00 133.68 ? 42  DT  D "O5'" 1 
ATOM   722 C  "C5'" . DT  C 3 7  ? -18.174 23.050  -2.022  1.00 130.59 ? 42  DT  D "C5'" 1 
ATOM   723 C  "C4'" . DT  C 3 7  ? -17.203 24.112  -2.505  1.00 130.88 ? 42  DT  D "C4'" 1 
ATOM   724 O  "O4'" . DT  C 3 7  ? -16.487 23.625  -3.670  1.00 125.18 ? 42  DT  D "O4'" 1 
ATOM   725 C  "C3'" . DT  C 3 7  ? -17.847 25.441  -2.923  1.00 125.97 ? 42  DT  D "C3'" 1 
ATOM   726 O  "O3'" . DT  C 3 7  ? -17.223 26.523  -2.236  1.00 122.59 ? 42  DT  D "O3'" 1 
ATOM   727 C  "C2'" . DT  C 3 7  ? -17.596 25.512  -4.433  1.00 118.05 ? 42  DT  D "C2'" 1 
ATOM   728 C  "C1'" . DT  C 3 7  ? -16.330 24.687  -4.571  1.00 117.14 ? 42  DT  D "C1'" 1 
ATOM   729 N  N1    . DT  C 3 7  ? -16.113 24.134  -5.939  1.00 117.14 ? 42  DT  D N1    1 
ATOM   730 C  C2    . DT  C 3 7  ? -14.964 24.465  -6.615  1.00 117.14 ? 42  DT  D C2    1 
ATOM   731 O  O2    . DT  C 3 7  ? -14.102 25.190  -6.148  1.00 117.14 ? 42  DT  D O2    1 
ATOM   732 N  N3    . DT  C 3 7  ? -14.853 23.914  -7.863  1.00 117.14 ? 42  DT  D N3    1 
ATOM   733 C  C4    . DT  C 3 7  ? -15.760 23.082  -8.493  1.00 117.14 ? 42  DT  D C4    1 
ATOM   734 O  O4    . DT  C 3 7  ? -15.569 22.633  -9.620  1.00 117.14 ? 42  DT  D O4    1 
ATOM   735 C  C5    . DT  C 3 7  ? -16.945 22.775  -7.733  1.00 117.14 ? 42  DT  D C5    1 
ATOM   736 C  C7    . DT  C 3 7  ? -17.997 21.885  -8.319  1.00 117.14 ? 42  DT  D C7    1 
ATOM   737 C  C6    . DT  C 3 7  ? -17.062 23.303  -6.503  1.00 117.14 ? 42  DT  D C6    1 
ATOM   738 P  P     . DT  D 4 1  ? -4.694  -9.158  -0.290  1.00 81.92  ? 1   DT  A P     1 
ATOM   739 O  OP1   . DT  D 4 1  ? -6.101  -9.443  -0.646  1.00 79.09  ? 1   DT  A OP1   1 
ATOM   740 O  OP2   . DT  D 4 1  ? -3.677  -9.108  -1.354  1.00 82.46  ? 1   DT  A OP2   1 
ATOM   741 O  "O5'" . DT  D 4 1  ? -4.201  -10.261 0.762   1.00 83.99  ? 1   DT  A "O5'" 1 
ATOM   742 C  "C5'" . DT  D 4 1  ? -5.060  -10.672 1.824   1.00 76.64  ? 1   DT  A "C5'" 1 
ATOM   743 C  "C4'" . DT  D 4 1  ? -4.460  -10.310 3.166   1.00 75.22  ? 1   DT  A "C4'" 1 
ATOM   744 O  "O4'" . DT  D 4 1  ? -3.151  -10.901 3.267   1.00 77.91  ? 1   DT  A "O4'" 1 
ATOM   745 C  "C3'" . DT  D 4 1  ? -4.239  -8.826  3.373   1.00 76.68  ? 1   DT  A "C3'" 1 
ATOM   746 O  "O3'" . DT  D 4 1  ? -5.381  -8.251  3.952   1.00 82.37  ? 1   DT  A "O3'" 1 
ATOM   747 C  "C2'" . DT  D 4 1  ? -3.060  -8.781  4.337   1.00 70.34  ? 1   DT  A "C2'" 1 
ATOM   748 C  "C1'" . DT  D 4 1  ? -2.284  -10.038 3.981   1.00 72.08  ? 1   DT  A "C1'" 1 
ATOM   749 N  N1    . DT  D 4 1  ? -1.086  -9.800  3.153   1.00 69.59  ? 1   DT  A N1    1 
ATOM   750 C  C2    . DT  D 4 1  ? 0.018   -9.230  3.722   1.00 69.63  ? 1   DT  A C2    1 
ATOM   751 O  O2    . DT  D 4 1  ? 0.058   -8.878  4.877   1.00 73.72  ? 1   DT  A O2    1 
ATOM   752 N  N3    . DT  D 4 1  ? 1.085   -9.075  2.880   1.00 69.65  ? 1   DT  A N3    1 
ATOM   753 C  C4    . DT  D 4 1  ? 1.152   -9.439  1.552   1.00 67.26  ? 1   DT  A C4    1 
ATOM   754 O  O4    . DT  D 4 1  ? 2.155   -9.266  0.878   1.00 68.66  ? 1   DT  A O4    1 
ATOM   755 C  C5    . DT  D 4 1  ? -0.043  -10.037 1.015   1.00 67.13  ? 1   DT  A C5    1 
ATOM   756 C  C7    . DT  D 4 1  ? -0.091  -10.469 -0.416  1.00 72.14  ? 1   DT  A C7    1 
ATOM   757 C  C6    . DT  D 4 1  ? -1.091  -10.190 1.834   1.00 71.81  ? 1   DT  A C6    1 
ATOM   758 P  P     . DC  D 4 2  ? -5.646  -6.680  3.782   1.00 77.80  ? 2   DC  A P     1 
ATOM   759 O  OP1   . DC  D 4 2  ? -6.961  -6.395  4.404   1.00 81.31  ? 2   DC  A OP1   1 
ATOM   760 O  OP2   . DC  D 4 2  ? -5.378  -6.356  2.361   1.00 82.07  ? 2   DC  A OP2   1 
ATOM   761 O  "O5'" . DC  D 4 2  ? -4.497  -5.992  4.656   1.00 73.87  ? 2   DC  A "O5'" 1 
ATOM   762 C  "C5'" . DC  D 4 2  ? -4.555  -6.056  6.080   1.00 79.90  ? 2   DC  A "C5'" 1 
ATOM   763 C  "C4'" . DC  D 4 2  ? -3.368  -5.337  6.679   1.00 80.74  ? 2   DC  A "C4'" 1 
ATOM   764 O  "O4'" . DC  D 4 2  ? -2.171  -5.925  6.148   1.00 78.70  ? 2   DC  A "O4'" 1 
ATOM   765 C  "C3'" . DC  D 4 2  ? -3.309  -3.861  6.326   1.00 86.38  ? 2   DC  A "C3'" 1 
ATOM   766 O  "O3'" . DC  D 4 2  ? -3.712  -3.078  7.432   1.00 90.42  ? 2   DC  A "O3'" 1 
ATOM   767 C  "C2'" . DC  D 4 2  ? -1.851  -3.581  5.966   1.00 83.18  ? 2   DC  A "C2'" 1 
ATOM   768 C  "C1'" . DC  D 4 2  ? -1.194  -4.944  5.903   1.00 77.53  ? 2   DC  A "C1'" 1 
ATOM   769 N  N1    . DC  D 4 2  ? -0.575  -5.246  4.596   1.00 73.98  ? 2   DC  A N1    1 
ATOM   770 C  C2    . DC  D 4 2  ? 0.780   -4.995  4.409   1.00 75.01  ? 2   DC  A C2    1 
ATOM   771 O  O2    . DC  D 4 2  ? 1.431   -4.490  5.337   1.00 79.35  ? 2   DC  A O2    1 
ATOM   772 N  N3    . DC  D 4 2  ? 1.344   -5.300  3.214   1.00 74.62  ? 2   DC  A N3    1 
ATOM   773 C  C4    . DC  D 4 2  ? 0.600   -5.840  2.242   1.00 72.18  ? 2   DC  A C4    1 
ATOM   774 N  N4    . DC  D 4 2  ? 1.201   -6.119  1.080   1.00 67.69  ? 2   DC  A N4    1 
ATOM   775 C  C5    . DC  D 4 2  ? -0.787  -6.109  2.416   1.00 66.44  ? 2   DC  A C5    1 
ATOM   776 C  C6    . DC  D 4 2  ? -1.328  -5.800  3.599   1.00 73.84  ? 2   DC  A C6    1 
ATOM   777 P  P     . DG  D 4 3  ? -4.010  -1.516  7.214   1.00 101.09 ? 3   DG  A P     1 
ATOM   778 O  OP1   . DG  D 4 3  ? -4.785  -1.020  8.376   1.00 100.94 ? 3   DG  A OP1   1 
ATOM   779 O  OP2   . DG  D 4 3  ? -4.538  -1.386  5.831   1.00 87.52  ? 3   DG  A OP2   1 
ATOM   780 O  "O5'" . DG  D 4 3  ? -2.564  -0.843  7.220   1.00 88.88  ? 3   DG  A "O5'" 1 
ATOM   781 C  "C5'" . DG  D 4 3  ? -1.746  -0.926  8.364   1.00 87.34  ? 3   DG  A "C5'" 1 
ATOM   782 C  "C4'" . DG  D 4 3  ? -0.424  -0.232  8.105   1.00 90.78  ? 3   DG  A "C4'" 1 
ATOM   783 O  "O4'" . DG  D 4 3  ? 0.265   -0.902  7.019   1.00 88.33  ? 3   DG  A "O4'" 1 
ATOM   784 C  "C3'" . DG  D 4 3  ? -0.536  1.235   7.704   1.00 89.76  ? 3   DG  A "C3'" 1 
ATOM   785 O  "O3'" . DG  D 4 3  ? 0.477   1.995   8.360   1.00 97.56  ? 3   DG  A "O3'" 1 
ATOM   786 C  "C2'" . DG  D 4 3  ? -0.350  1.207   6.186   1.00 88.83  ? 3   DG  A "C2'" 1 
ATOM   787 C  "C1'" . DG  D 4 3  ? 0.564   0.006   5.985   1.00 80.64  ? 3   DG  A "C1'" 1 
ATOM   788 N  N9    . DG  D 4 3  ? 0.351   -0.678  4.710   1.00 75.86  ? 3   DG  A N9    1 
ATOM   789 C  C8    . DG  D 4 3  ? -0.844  -1.132  4.208   1.00 78.44  ? 3   DG  A C8    1 
ATOM   790 N  N7    . DG  D 4 3  ? -0.733  -1.719  3.046   1.00 73.27  ? 3   DG  A N7    1 
ATOM   791 C  C5    . DG  D 4 3  ? 0.620   -1.647  2.758   1.00 70.25  ? 3   DG  A C5    1 
ATOM   792 C  C6    . DG  D 4 3  ? 1.335   -2.123  1.638   1.00 73.31  ? 3   DG  A C6    1 
ATOM   793 O  O6    . DG  D 4 3  ? 0.897   -2.713  0.635   1.00 74.16  ? 3   DG  A O6    1 
ATOM   794 N  N1    . DG  D 4 3  ? 2.695   -1.853  1.747   1.00 72.79  ? 3   DG  A N1    1 
ATOM   795 C  C2    . DG  D 4 3  ? 3.285   -1.210  2.805   1.00 73.04  ? 3   DG  A C2    1 
ATOM   796 N  N2    . DG  D 4 3  ? 4.610   -1.042  2.728   1.00 75.33  ? 3   DG  A N2    1 
ATOM   797 N  N3    . DG  D 4 3  ? 2.626   -0.754  3.859   1.00 74.36  ? 3   DG  A N3    1 
ATOM   798 C  C4    . DG  D 4 3  ? 1.303   -1.007  3.769   1.00 73.06  ? 3   DG  A C4    1 
ATOM   799 P  P     . DT  D 4 4  ? 0.614   3.578   8.109   1.00 109.41 ? 4   DT  A P     1 
ATOM   800 O  OP1   . DT  D 4 4  ? 1.015   4.178   9.404   1.00 104.59 ? 4   DT  A OP1   1 
ATOM   801 O  OP2   . DT  D 4 4  ? -0.606  4.069   7.417   1.00 97.40  ? 4   DT  A OP2   1 
ATOM   802 O  "O5'" . DT  D 4 4  ? 1.848   3.685   7.090   1.00 98.55  ? 4   DT  A "O5'" 1 
ATOM   803 C  "C5'" . DT  D 4 4  ? 3.042   2.964   7.360   1.00 91.24  ? 4   DT  A "C5'" 1 
ATOM   804 C  "C4'" . DT  D 4 4  ? 4.102   3.248   6.315   1.00 88.94  ? 4   DT  A "C4'" 1 
ATOM   805 O  "O4'" . DT  D 4 4  ? 3.863   2.435   5.135   1.00 88.92  ? 4   DT  A "O4'" 1 
ATOM   806 C  "C3'" . DT  D 4 4  ? 4.167   4.695   5.833   1.00 94.60  ? 4   DT  A "C3'" 1 
ATOM   807 O  "O3'" . DT  D 4 4  ? 5.529   5.111   5.761   1.00 99.06  ? 4   DT  A "O3'" 1 
ATOM   808 C  "C2'" . DT  D 4 4  ? 3.513   4.628   4.450   1.00 91.94  ? 4   DT  A "C2'" 1 
ATOM   809 C  "C1'" . DT  D 4 4  ? 3.946   3.247   3.989   1.00 87.37  ? 4   DT  A "C1'" 1 
ATOM   810 N  N1    . DT  D 4 4  ? 3.075   2.655   2.941   1.00 80.82  ? 4   DT  A N1    1 
ATOM   811 C  C2    . DT  D 4 4  ? 3.641   2.213   1.768   1.00 83.50  ? 4   DT  A C2    1 
ATOM   812 O  O2    . DT  D 4 4  ? 4.836   2.287   1.533   1.00 90.24  ? 4   DT  A O2    1 
ATOM   813 N  N3    . DT  D 4 4  ? 2.756   1.672   0.870   1.00 79.40  ? 4   DT  A N3    1 
ATOM   814 C  C4    . DT  D 4 4  ? 1.388   1.528   1.031   1.00 80.40  ? 4   DT  A C4    1 
ATOM   815 O  O4    . DT  D 4 4  ? 0.673   1.023   0.168   1.00 80.41  ? 4   DT  A O4    1 
ATOM   816 C  C5    . DT  D 4 4  ? 0.860   2.010   2.288   1.00 77.10  ? 4   DT  A C5    1 
ATOM   817 C  C7    . DT  D 4 4  ? -0.607  1.900   2.578   1.00 67.39  ? 4   DT  A C7    1 
ATOM   818 C  C6    . DT  D 4 4  ? 1.719   2.544   3.171   1.00 81.79  ? 4   DT  A C6    1 
ATOM   819 P  P     . DC  D 4 5  ? 5.893   6.658   5.516   1.00 103.85 ? 5   DC  A P     1 
ATOM   820 O  OP1   . DC  D 4 5  ? 7.098   6.967   6.322   1.00 98.49  ? 5   DC  A OP1   1 
ATOM   821 O  OP2   . DC  D 4 5  ? 4.651   7.441   5.698   1.00 99.49  ? 5   DC  A OP2   1 
ATOM   822 O  "O5'" . DC  D 4 5  ? 6.305   6.710   3.974   1.00 93.70  ? 5   DC  A "O5'" 1 
ATOM   823 C  "C5'" . DC  D 4 5  ? 7.481   6.044   3.557   1.00 89.95  ? 5   DC  A "C5'" 1 
ATOM   824 C  "C4'" . DC  D 4 5  ? 7.597   6.014   2.046   1.00 85.38  ? 5   DC  A "C4'" 1 
ATOM   825 O  "O4'" . DC  D 4 5  ? 6.474   5.308   1.463   1.00 86.37  ? 5   DC  A "O4'" 1 
ATOM   826 C  "C3'" . DC  D 4 5  ? 7.639   7.371   1.357   1.00 79.31  ? 5   DC  A "C3'" 1 
ATOM   827 O  "O3'" . DC  D 4 5  ? 8.633   7.316   0.379   1.00 74.07  ? 5   DC  A "O3'" 1 
ATOM   828 C  "C2'" . DC  D 4 5  ? 6.241   7.485   0.727   1.00 85.80  ? 5   DC  A "C2'" 1 
ATOM   829 C  "C1'" . DC  D 4 5  ? 5.981   6.037   0.364   1.00 84.00  ? 5   DC  A "C1'" 1 
ATOM   830 N  N1    . DC  D 4 5  ? 4.541   5.650   0.196   1.00 83.43  ? 5   DC  A N1    1 
ATOM   831 C  C2    . DC  D 4 5  ? 4.139   4.946   -0.953  1.00 84.25  ? 5   DC  A C2    1 
ATOM   832 O  O2    . DC  D 4 5  ? 4.974   4.704   -1.841  1.00 77.29  ? 5   DC  A O2    1 
ATOM   833 N  N3    . DC  D 4 5  ? 2.838   4.561   -1.064  1.00 82.68  ? 5   DC  A N3    1 
ATOM   834 C  C4    . DC  D 4 5  ? 1.973   4.836   -0.083  1.00 80.38  ? 5   DC  A C4    1 
ATOM   835 N  N4    . DC  D 4 5  ? 0.703   4.436   -0.231  1.00 77.57  ? 5   DC  A N4    1 
ATOM   836 C  C5    . DC  D 4 5  ? 2.373   5.530   1.096   1.00 82.17  ? 5   DC  A C5    1 
ATOM   837 C  C6    . DC  D 4 5  ? 3.654   5.905   1.195   1.00 83.72  ? 5   DC  A C6    1 
ATOM   838 P  P     . DA  D 4 6  ? 9.508   8.609   0.041   1.00 74.24  ? 6   DA  A P     1 
ATOM   839 O  OP1   . DA  D 4 6  ? 10.929  8.232   -0.129  1.00 65.55  ? 6   DA  A OP1   1 
ATOM   840 O  OP2   . DA  D 4 6  ? 9.130   9.600   1.078   1.00 87.11  ? 6   DA  A OP2   1 
ATOM   841 O  "O5'" . DA  D 4 6  ? 8.936   9.047   -1.388  1.00 76.63  ? 6   DA  A "O5'" 1 
ATOM   842 C  "C5'" . DA  D 4 6  ? 8.553   8.040   -2.315  1.00 77.52  ? 6   DA  A "C5'" 1 
ATOM   843 C  "C4'" . DA  D 4 6  ? 7.682   8.610   -3.418  1.00 80.00  ? 6   DA  A "C4'" 1 
ATOM   844 O  "O4'" . DA  D 4 6  ? 6.321   8.107   -3.288  1.00 77.46  ? 6   DA  A "O4'" 1 
ATOM   845 C  "C3'" . DA  D 4 6  ? 7.549   10.130  -3.414  1.00 82.83  ? 6   DA  A "C3'" 1 
ATOM   846 O  "O3'" . DA  D 4 6  ? 7.384   10.572  -4.732  1.00 73.45  ? 6   DA  A "O3'" 1 
ATOM   847 C  "C2'" . DA  D 4 6  ? 6.261   10.324  -2.639  1.00 83.29  ? 6   DA  A "C2'" 1 
ATOM   848 C  "C1'" . DA  D 4 6  ? 5.452   9.209   -3.265  1.00 82.75  ? 6   DA  A "C1'" 1 
ATOM   849 N  N9    . DA  D 4 6  ? 4.231   8.884   -2.540  1.00 83.52  ? 6   DA  A N9    1 
ATOM   850 C  C8    . DA  D 4 6  ? 3.828   9.390   -1.340  1.00 79.60  ? 6   DA  A C8    1 
ATOM   851 N  N7    . DA  D 4 6  ? 2.660   8.943   -0.944  1.00 81.12  ? 6   DA  A N7    1 
ATOM   852 C  C5    . DA  D 4 6  ? 2.263   8.101   -1.966  1.00 81.09  ? 6   DA  A C5    1 
ATOM   853 C  C6    . DA  D 4 6  ? 1.113   7.314   -2.154  1.00 83.14  ? 6   DA  A C6    1 
ATOM   854 N  N6    . DA  D 4 6  ? 0.110   7.257   -1.269  1.00 78.36  ? 6   DA  A N6    1 
ATOM   855 N  N1    . DA  D 4 6  ? 1.030   6.590   -3.291  1.00 84.85  ? 6   DA  A N1    1 
ATOM   856 C  C2    . DA  D 4 6  ? 2.035   6.651   -4.170  1.00 82.44  ? 6   DA  A C2    1 
ATOM   857 N  N3    . DA  D 4 6  ? 3.165   7.352   -4.101  1.00 81.10  ? 6   DA  A N3    1 
ATOM   858 C  C4    . DA  D 4 6  ? 3.216   8.061   -2.965  1.00 82.89  ? 6   DA  A C4    1 
HETATM 859 AS AS    . CAC E 5 .  ? 4.248   -11.532 -1.555  1.00 158.80 ? 101 CAC A AS    1 
HETATM 860 AS AS    . CAC F 5 .  ? -3.987  -3.383  -0.354  1.00 190.69 ? 102 CAC A AS    1 
# 
loop_
_pdbx_poly_seq_scheme.asym_id 
_pdbx_poly_seq_scheme.entity_id 
_pdbx_poly_seq_scheme.seq_id 
_pdbx_poly_seq_scheme.mon_id 
_pdbx_poly_seq_scheme.ndb_seq_num 
_pdbx_poly_seq_scheme.pdb_seq_num 
_pdbx_poly_seq_scheme.auth_seq_num 
_pdbx_poly_seq_scheme.pdb_mon_id 
_pdbx_poly_seq_scheme.auth_mon_id 
_pdbx_poly_seq_scheme.pdb_strand_id 
_pdbx_poly_seq_scheme.pdb_ins_code 
_pdbx_poly_seq_scheme.hetero 
A 1 1  DG 1  7  7  DG DG B . n 
A 1 2  DA 2  8  8  DA DA B . n 
A 1 3  DA 3  9  9  DA DA B . n 
A 1 4  DC 4  10 10 DC DC B . n 
A 1 5  DG 5  11 11 DG DG B . n 
A 1 6  DA 6  12 12 DA DA B . n 
A 1 7  DC 7  13 13 DC DC B . n 
A 1 8  DA 8  14 14 DA DA B . n 
A 1 9  DG 9  15 15 DG DG B . n 
A 1 10 DT 10 16 16 DT DT B . n 
A 1 11 DG 11 17 17 DG DG B . n 
A 1 12 DA 12 18 18 DA DA B . n 
A 1 13 DC 13 19 19 DC DC B . n 
A 1 14 DG 14 20 20 DG DG B . n 
A 1 15 DA 15 21 21 DA DA B . n 
A 1 16 DC 16 22 22 DC DC B . n 
A 1 17 DG 17 23 23 DG DG B . n 
A 1 18 DA 18 24 24 DA DA B . n 
A 1 19 DG 19 25 25 DG DG B . n 
A 1 20 DT 20 26 26 DT DT B . n 
A 1 21 DC 21 27 27 DC DC B . n 
B 2 1  DT 1  28 28 DT DT C . n 
B 2 2  DC 2  29 29 DC DC C . n 
B 2 3  DG 3  30 30 DG DG C . n 
B 2 4  DA 4  31 31 DA DA C . n 
B 2 5  DG 5  32 32 DG DG C . n 
B 2 6  DT 6  33 33 DT DT C . n 
B 2 7  DC 7  34 34 DC DC C . n 
B 2 8  DG 8  35 35 DG DG C . n 
C 3 1  DC 1  36 36 DC DC D . n 
C 3 2  DT 2  37 37 DT DT D . n 
C 3 3  DG 3  38 38 DG DG D . n 
C 3 4  DT 4  39 39 DT DT D . n 
C 3 5  DC 5  40 40 DC DC D . n 
C 3 6  DG 6  41 41 DG DG D . n 
C 3 7  DT 7  42 42 DT DT D . n 
D 4 1  DT 1  1  1  DT DT A . n 
D 4 2  DC 2  2  2  DC DC A . n 
D 4 3  DG 3  3  3  DG DG A . n 
D 4 4  DT 4  4  4  DT DT A . n 
D 4 5  DC 5  5  5  DC DC A . n 
D 4 6  DA 6  6  6  DA DA A . n 
# 
loop_
_pdbx_nonpoly_scheme.asym_id 
_pdbx_nonpoly_scheme.entity_id 
_pdbx_nonpoly_scheme.mon_id 
_pdbx_nonpoly_scheme.ndb_seq_num 
_pdbx_nonpoly_scheme.pdb_seq_num 
_pdbx_nonpoly_scheme.auth_seq_num 
_pdbx_nonpoly_scheme.pdb_mon_id 
_pdbx_nonpoly_scheme.auth_mon_id 
_pdbx_nonpoly_scheme.pdb_strand_id 
_pdbx_nonpoly_scheme.pdb_ins_code 
E 5 CAC 1 101 1 CAC AS A . 
F 5 CAC 1 102 2 CAC AS A . 
# 
_pdbx_struct_assembly.id                   1 
_pdbx_struct_assembly.details              author_and_software_defined_assembly 
_pdbx_struct_assembly.method_details       PISA 
_pdbx_struct_assembly.oligomeric_details   tetrameric 
_pdbx_struct_assembly.oligomeric_count     4 
# 
_pdbx_struct_assembly_gen.assembly_id       1 
_pdbx_struct_assembly_gen.oper_expression   1 
_pdbx_struct_assembly_gen.asym_id_list      A,B,C,D,E,F 
# 
loop_
_pdbx_struct_assembly_prop.biol_id 
_pdbx_struct_assembly_prop.type 
_pdbx_struct_assembly_prop.value 
_pdbx_struct_assembly_prop.details 
1 'ABSA (A^2)' 2480 ? 
1 MORE         -14  ? 
1 'SSA (A^2)'  7820 ? 
# 
_pdbx_struct_oper_list.id                   1 
_pdbx_struct_oper_list.type                 'identity operation' 
_pdbx_struct_oper_list.name                 1_555 
_pdbx_struct_oper_list.symmetry_operation   x,y,z 
_pdbx_struct_oper_list.matrix[1][1]         1.0000000000 
_pdbx_struct_oper_list.matrix[1][2]         0.0000000000 
_pdbx_struct_oper_list.matrix[1][3]         0.0000000000 
_pdbx_struct_oper_list.vector[1]            0.0000000000 
_pdbx_struct_oper_list.matrix[2][1]         0.0000000000 
_pdbx_struct_oper_list.matrix[2][2]         1.0000000000 
_pdbx_struct_oper_list.matrix[2][3]         0.0000000000 
_pdbx_struct_oper_list.vector[2]            0.0000000000 
_pdbx_struct_oper_list.matrix[3][1]         0.0000000000 
_pdbx_struct_oper_list.matrix[3][2]         0.0000000000 
_pdbx_struct_oper_list.matrix[3][3]         1.0000000000 
_pdbx_struct_oper_list.vector[3]            0.0000000000 
# 
loop_
_pdbx_audit_revision_history.ordinal 
_pdbx_audit_revision_history.data_content_type 
_pdbx_audit_revision_history.major_revision 
_pdbx_audit_revision_history.minor_revision 
_pdbx_audit_revision_history.revision_date 
1 'Structure model' 1 0 2021-07-14 
2 'Structure model' 1 1 2022-07-06 
3 'Structure model' 1 2 2023-10-18 
# 
_pdbx_audit_revision_details.ordinal             1 
_pdbx_audit_revision_details.revision_ordinal    1 
_pdbx_audit_revision_details.data_content_type   'Structure model' 
_pdbx_audit_revision_details.provider            repository 
_pdbx_audit_revision_details.type                'Initial release' 
_pdbx_audit_revision_details.description         ? 
_pdbx_audit_revision_details.details             ? 
# 
loop_
_pdbx_audit_revision_group.ordinal 
_pdbx_audit_revision_group.revision_ordinal 
_pdbx_audit_revision_group.data_content_type 
_pdbx_audit_revision_group.group 
1 2 'Structure model' 'Database references'    
2 3 'Structure model' 'Data collection'        
3 3 'Structure model' 'Refinement description' 
# 
loop_
_pdbx_audit_revision_category.ordinal 
_pdbx_audit_revision_category.revision_ordinal 
_pdbx_audit_revision_category.data_content_type 
_pdbx_audit_revision_category.category 
1 2 'Structure model' citation                      
2 2 'Structure model' citation_author               
3 2 'Structure model' database_2                    
4 3 'Structure model' chem_comp_atom                
5 3 'Structure model' chem_comp_bond                
6 3 'Structure model' pdbx_initial_refinement_model 
# 
loop_
_pdbx_audit_revision_item.ordinal 
_pdbx_audit_revision_item.revision_ordinal 
_pdbx_audit_revision_item.data_content_type 
_pdbx_audit_revision_item.item 
1  2 'Structure model' '_citation.country'                   
2  2 'Structure model' '_citation.journal_abbrev'            
3  2 'Structure model' '_citation.journal_id_CSD'            
4  2 'Structure model' '_citation.journal_id_ISSN'           
5  2 'Structure model' '_citation.journal_volume'            
6  2 'Structure model' '_citation.page_first'                
7  2 'Structure model' '_citation.page_last'                 
8  2 'Structure model' '_citation.pdbx_database_id_DOI'      
9  2 'Structure model' '_citation.pdbx_database_id_PubMed'   
10 2 'Structure model' '_citation.title'                     
11 2 'Structure model' '_citation.year'                      
12 2 'Structure model' '_database_2.pdbx_DOI'                
13 2 'Structure model' '_database_2.pdbx_database_accession' 
# 
loop_
_software.citation_id 
_software.classification 
_software.compiler_name 
_software.compiler_version 
_software.contact_author 
_software.contact_author_email 
_software.date 
_software.description 
_software.dependencies 
_software.hardware 
_software.language 
_software.location 
_software.mods 
_software.name 
_software.os 
_software.os_version 
_software.type 
_software.version 
_software.pdbx_ordinal 
? 'data reduction'  ? ? ? ? ? ? ? ? ? ? ? HKL-2000    ? ? ? .           1 
? 'data scaling'    ? ? ? ? ? ? ? ? ? ? ? HKL-2000    ? ? ? .           2 
? refinement        ? ? ? ? ? ? ? ? ? ? ? PHENIX      ? ? ? 1.11.1_2575 3 
? 'data extraction' ? ? ? ? ? ? ? ? ? ? ? PDB_EXTRACT ? ? ? 3.25        4 
? phasing           ? ? ? ? ? ? ? ? ? ? ? PHASER      ? ? ? .           5 
# 
_pdbx_entry_details.entry_id                 7JNM 
_pdbx_entry_details.has_ligand_of_interest   N 
_pdbx_entry_details.compound_details         ? 
_pdbx_entry_details.source_details           ? 
_pdbx_entry_details.nonpolymer_details       ? 
_pdbx_entry_details.sequence_details         ? 
# 
loop_
_pdbx_validate_rmsd_angle.id 
_pdbx_validate_rmsd_angle.PDB_model_num 
_pdbx_validate_rmsd_angle.auth_atom_id_1 
_pdbx_validate_rmsd_angle.auth_asym_id_1 
_pdbx_validate_rmsd_angle.auth_comp_id_1 
_pdbx_validate_rmsd_angle.auth_seq_id_1 
_pdbx_validate_rmsd_angle.PDB_ins_code_1 
_pdbx_validate_rmsd_angle.label_alt_id_1 
_pdbx_validate_rmsd_angle.auth_atom_id_2 
_pdbx_validate_rmsd_angle.auth_asym_id_2 
_pdbx_validate_rmsd_angle.auth_comp_id_2 
_pdbx_validate_rmsd_angle.auth_seq_id_2 
_pdbx_validate_rmsd_angle.PDB_ins_code_2 
_pdbx_validate_rmsd_angle.label_alt_id_2 
_pdbx_validate_rmsd_angle.auth_atom_id_3 
_pdbx_validate_rmsd_angle.auth_asym_id_3 
_pdbx_validate_rmsd_angle.auth_comp_id_3 
_pdbx_validate_rmsd_angle.auth_seq_id_3 
_pdbx_validate_rmsd_angle.PDB_ins_code_3 
_pdbx_validate_rmsd_angle.label_alt_id_3 
_pdbx_validate_rmsd_angle.angle_value 
_pdbx_validate_rmsd_angle.angle_target_value 
_pdbx_validate_rmsd_angle.angle_deviation 
_pdbx_validate_rmsd_angle.angle_standard_deviation 
_pdbx_validate_rmsd_angle.linker_flag 
1 1 "O4'" B DG 25 ? ? "C1'" B DG 25 ? ? N9 B DG 25 ? ? 110.68 108.30 2.38 0.30 N 
2 1 "O4'" A DA 6  ? ? "C1'" A DA 6  ? ? N9 A DA 6  ? ? 110.57 108.30 2.27 0.30 N 
# 
loop_
_pdbx_unobs_or_zero_occ_atoms.id 
_pdbx_unobs_or_zero_occ_atoms.PDB_model_num 
_pdbx_unobs_or_zero_occ_atoms.polymer_flag 
_pdbx_unobs_or_zero_occ_atoms.occupancy_flag 
_pdbx_unobs_or_zero_occ_atoms.auth_asym_id 
_pdbx_unobs_or_zero_occ_atoms.auth_comp_id 
_pdbx_unobs_or_zero_occ_atoms.auth_seq_id 
_pdbx_unobs_or_zero_occ_atoms.PDB_ins_code 
_pdbx_unobs_or_zero_occ_atoms.auth_atom_id 
_pdbx_unobs_or_zero_occ_atoms.label_alt_id 
_pdbx_unobs_or_zero_occ_atoms.label_asym_id 
_pdbx_unobs_or_zero_occ_atoms.label_comp_id 
_pdbx_unobs_or_zero_occ_atoms.label_seq_id 
_pdbx_unobs_or_zero_occ_atoms.label_atom_id 
1 1 N 1 A CAC 101 ? O1 ? E CAC 1 O1 
2 1 N 1 A CAC 101 ? O2 ? E CAC 1 O2 
3 1 N 1 A CAC 101 ? C1 ? E CAC 1 C1 
4 1 N 1 A CAC 101 ? C2 ? E CAC 1 C2 
5 1 N 1 A CAC 102 ? O1 ? F CAC 1 O1 
6 1 N 1 A CAC 102 ? O2 ? F CAC 1 O2 
7 1 N 1 A CAC 102 ? C1 ? F CAC 1 C1 
8 1 N 1 A CAC 102 ? C2 ? F CAC 1 C2 
# 
loop_
_chem_comp_atom.comp_id 
_chem_comp_atom.atom_id 
_chem_comp_atom.type_symbol 
_chem_comp_atom.pdbx_aromatic_flag 
_chem_comp_atom.pdbx_stereo_config 
_chem_comp_atom.pdbx_ordinal 
CAC AS     AS N N 1   
CAC O1     O  N N 2   
CAC O2     O  N N 3   
CAC C1     C  N N 4   
CAC C2     C  N N 5   
CAC H11    H  N N 6   
CAC H12    H  N N 7   
CAC H13    H  N N 8   
CAC H21    H  N N 9   
CAC H22    H  N N 10  
CAC H23    H  N N 11  
DA  OP3    O  N N 12  
DA  P      P  N N 13  
DA  OP1    O  N N 14  
DA  OP2    O  N N 15  
DA  "O5'"  O  N N 16  
DA  "C5'"  C  N N 17  
DA  "C4'"  C  N R 18  
DA  "O4'"  O  N N 19  
DA  "C3'"  C  N S 20  
DA  "O3'"  O  N N 21  
DA  "C2'"  C  N N 22  
DA  "C1'"  C  N R 23  
DA  N9     N  Y N 24  
DA  C8     C  Y N 25  
DA  N7     N  Y N 26  
DA  C5     C  Y N 27  
DA  C6     C  Y N 28  
DA  N6     N  N N 29  
DA  N1     N  Y N 30  
DA  C2     C  Y N 31  
DA  N3     N  Y N 32  
DA  C4     C  Y N 33  
DA  HOP3   H  N N 34  
DA  HOP2   H  N N 35  
DA  "H5'"  H  N N 36  
DA  "H5''" H  N N 37  
DA  "H4'"  H  N N 38  
DA  "H3'"  H  N N 39  
DA  "HO3'" H  N N 40  
DA  "H2'"  H  N N 41  
DA  "H2''" H  N N 42  
DA  "H1'"  H  N N 43  
DA  H8     H  N N 44  
DA  H61    H  N N 45  
DA  H62    H  N N 46  
DA  H2     H  N N 47  
DC  OP3    O  N N 48  
DC  P      P  N N 49  
DC  OP1    O  N N 50  
DC  OP2    O  N N 51  
DC  "O5'"  O  N N 52  
DC  "C5'"  C  N N 53  
DC  "C4'"  C  N R 54  
DC  "O4'"  O  N N 55  
DC  "C3'"  C  N S 56  
DC  "O3'"  O  N N 57  
DC  "C2'"  C  N N 58  
DC  "C1'"  C  N R 59  
DC  N1     N  N N 60  
DC  C2     C  N N 61  
DC  O2     O  N N 62  
DC  N3     N  N N 63  
DC  C4     C  N N 64  
DC  N4     N  N N 65  
DC  C5     C  N N 66  
DC  C6     C  N N 67  
DC  HOP3   H  N N 68  
DC  HOP2   H  N N 69  
DC  "H5'"  H  N N 70  
DC  "H5''" H  N N 71  
DC  "H4'"  H  N N 72  
DC  "H3'"  H  N N 73  
DC  "HO3'" H  N N 74  
DC  "H2'"  H  N N 75  
DC  "H2''" H  N N 76  
DC  "H1'"  H  N N 77  
DC  H41    H  N N 78  
DC  H42    H  N N 79  
DC  H5     H  N N 80  
DC  H6     H  N N 81  
DG  OP3    O  N N 82  
DG  P      P  N N 83  
DG  OP1    O  N N 84  
DG  OP2    O  N N 85  
DG  "O5'"  O  N N 86  
DG  "C5'"  C  N N 87  
DG  "C4'"  C  N R 88  
DG  "O4'"  O  N N 89  
DG  "C3'"  C  N S 90  
DG  "O3'"  O  N N 91  
DG  "C2'"  C  N N 92  
DG  "C1'"  C  N R 93  
DG  N9     N  Y N 94  
DG  C8     C  Y N 95  
DG  N7     N  Y N 96  
DG  C5     C  Y N 97  
DG  C6     C  N N 98  
DG  O6     O  N N 99  
DG  N1     N  N N 100 
DG  C2     C  N N 101 
DG  N2     N  N N 102 
DG  N3     N  N N 103 
DG  C4     C  Y N 104 
DG  HOP3   H  N N 105 
DG  HOP2   H  N N 106 
DG  "H5'"  H  N N 107 
DG  "H5''" H  N N 108 
DG  "H4'"  H  N N 109 
DG  "H3'"  H  N N 110 
DG  "HO3'" H  N N 111 
DG  "H2'"  H  N N 112 
DG  "H2''" H  N N 113 
DG  "H1'"  H  N N 114 
DG  H8     H  N N 115 
DG  H1     H  N N 116 
DG  H21    H  N N 117 
DG  H22    H  N N 118 
DT  OP3    O  N N 119 
DT  P      P  N N 120 
DT  OP1    O  N N 121 
DT  OP2    O  N N 122 
DT  "O5'"  O  N N 123 
DT  "C5'"  C  N N 124 
DT  "C4'"  C  N R 125 
DT  "O4'"  O  N N 126 
DT  "C3'"  C  N S 127 
DT  "O3'"  O  N N 128 
DT  "C2'"  C  N N 129 
DT  "C1'"  C  N R 130 
DT  N1     N  N N 131 
DT  C2     C  N N 132 
DT  O2     O  N N 133 
DT  N3     N  N N 134 
DT  C4     C  N N 135 
DT  O4     O  N N 136 
DT  C5     C  N N 137 
DT  C7     C  N N 138 
DT  C6     C  N N 139 
DT  HOP3   H  N N 140 
DT  HOP2   H  N N 141 
DT  "H5'"  H  N N 142 
DT  "H5''" H  N N 143 
DT  "H4'"  H  N N 144 
DT  "H3'"  H  N N 145 
DT  "HO3'" H  N N 146 
DT  "H2'"  H  N N 147 
DT  "H2''" H  N N 148 
DT  "H1'"  H  N N 149 
DT  H3     H  N N 150 
DT  H71    H  N N 151 
DT  H72    H  N N 152 
DT  H73    H  N N 153 
DT  H6     H  N N 154 
# 
loop_
_chem_comp_bond.comp_id 
_chem_comp_bond.atom_id_1 
_chem_comp_bond.atom_id_2 
_chem_comp_bond.value_order 
_chem_comp_bond.pdbx_aromatic_flag 
_chem_comp_bond.pdbx_stereo_config 
_chem_comp_bond.pdbx_ordinal 
CAC AS    O1     doub N N 1   
CAC AS    O2     sing N N 2   
CAC AS    C1     sing N N 3   
CAC AS    C2     sing N N 4   
CAC C1    H11    sing N N 5   
CAC C1    H12    sing N N 6   
CAC C1    H13    sing N N 7   
CAC C2    H21    sing N N 8   
CAC C2    H22    sing N N 9   
CAC C2    H23    sing N N 10  
DA  OP3   P      sing N N 11  
DA  OP3   HOP3   sing N N 12  
DA  P     OP1    doub N N 13  
DA  P     OP2    sing N N 14  
DA  P     "O5'"  sing N N 15  
DA  OP2   HOP2   sing N N 16  
DA  "O5'" "C5'"  sing N N 17  
DA  "C5'" "C4'"  sing N N 18  
DA  "C5'" "H5'"  sing N N 19  
DA  "C5'" "H5''" sing N N 20  
DA  "C4'" "O4'"  sing N N 21  
DA  "C4'" "C3'"  sing N N 22  
DA  "C4'" "H4'"  sing N N 23  
DA  "O4'" "C1'"  sing N N 24  
DA  "C3'" "O3'"  sing N N 25  
DA  "C3'" "C2'"  sing N N 26  
DA  "C3'" "H3'"  sing N N 27  
DA  "O3'" "HO3'" sing N N 28  
DA  "C2'" "C1'"  sing N N 29  
DA  "C2'" "H2'"  sing N N 30  
DA  "C2'" "H2''" sing N N 31  
DA  "C1'" N9     sing N N 32  
DA  "C1'" "H1'"  sing N N 33  
DA  N9    C8     sing Y N 34  
DA  N9    C4     sing Y N 35  
DA  C8    N7     doub Y N 36  
DA  C8    H8     sing N N 37  
DA  N7    C5     sing Y N 38  
DA  C5    C6     sing Y N 39  
DA  C5    C4     doub Y N 40  
DA  C6    N6     sing N N 41  
DA  C6    N1     doub Y N 42  
DA  N6    H61    sing N N 43  
DA  N6    H62    sing N N 44  
DA  N1    C2     sing Y N 45  
DA  C2    N3     doub Y N 46  
DA  C2    H2     sing N N 47  
DA  N3    C4     sing Y N 48  
DC  OP3   P      sing N N 49  
DC  OP3   HOP3   sing N N 50  
DC  P     OP1    doub N N 51  
DC  P     OP2    sing N N 52  
DC  P     "O5'"  sing N N 53  
DC  OP2   HOP2   sing N N 54  
DC  "O5'" "C5'"  sing N N 55  
DC  "C5'" "C4'"  sing N N 56  
DC  "C5'" "H5'"  sing N N 57  
DC  "C5'" "H5''" sing N N 58  
DC  "C4'" "O4'"  sing N N 59  
DC  "C4'" "C3'"  sing N N 60  
DC  "C4'" "H4'"  sing N N 61  
DC  "O4'" "C1'"  sing N N 62  
DC  "C3'" "O3'"  sing N N 63  
DC  "C3'" "C2'"  sing N N 64  
DC  "C3'" "H3'"  sing N N 65  
DC  "O3'" "HO3'" sing N N 66  
DC  "C2'" "C1'"  sing N N 67  
DC  "C2'" "H2'"  sing N N 68  
DC  "C2'" "H2''" sing N N 69  
DC  "C1'" N1     sing N N 70  
DC  "C1'" "H1'"  sing N N 71  
DC  N1    C2     sing N N 72  
DC  N1    C6     sing N N 73  
DC  C2    O2     doub N N 74  
DC  C2    N3     sing N N 75  
DC  N3    C4     doub N N 76  
DC  C4    N4     sing N N 77  
DC  C4    C5     sing N N 78  
DC  N4    H41    sing N N 79  
DC  N4    H42    sing N N 80  
DC  C5    C6     doub N N 81  
DC  C5    H5     sing N N 82  
DC  C6    H6     sing N N 83  
DG  OP3   P      sing N N 84  
DG  OP3   HOP3   sing N N 85  
DG  P     OP1    doub N N 86  
DG  P     OP2    sing N N 87  
DG  P     "O5'"  sing N N 88  
DG  OP2   HOP2   sing N N 89  
DG  "O5'" "C5'"  sing N N 90  
DG  "C5'" "C4'"  sing N N 91  
DG  "C5'" "H5'"  sing N N 92  
DG  "C5'" "H5''" sing N N 93  
DG  "C4'" "O4'"  sing N N 94  
DG  "C4'" "C3'"  sing N N 95  
DG  "C4'" "H4'"  sing N N 96  
DG  "O4'" "C1'"  sing N N 97  
DG  "C3'" "O3'"  sing N N 98  
DG  "C3'" "C2'"  sing N N 99  
DG  "C3'" "H3'"  sing N N 100 
DG  "O3'" "HO3'" sing N N 101 
DG  "C2'" "C1'"  sing N N 102 
DG  "C2'" "H2'"  sing N N 103 
DG  "C2'" "H2''" sing N N 104 
DG  "C1'" N9     sing N N 105 
DG  "C1'" "H1'"  sing N N 106 
DG  N9    C8     sing Y N 107 
DG  N9    C4     sing Y N 108 
DG  C8    N7     doub Y N 109 
DG  C8    H8     sing N N 110 
DG  N7    C5     sing Y N 111 
DG  C5    C6     sing N N 112 
DG  C5    C4     doub Y N 113 
DG  C6    O6     doub N N 114 
DG  C6    N1     sing N N 115 
DG  N1    C2     sing N N 116 
DG  N1    H1     sing N N 117 
DG  C2    N2     sing N N 118 
DG  C2    N3     doub N N 119 
DG  N2    H21    sing N N 120 
DG  N2    H22    sing N N 121 
DG  N3    C4     sing N N 122 
DT  OP3   P      sing N N 123 
DT  OP3   HOP3   sing N N 124 
DT  P     OP1    doub N N 125 
DT  P     OP2    sing N N 126 
DT  P     "O5'"  sing N N 127 
DT  OP2   HOP2   sing N N 128 
DT  "O5'" "C5'"  sing N N 129 
DT  "C5'" "C4'"  sing N N 130 
DT  "C5'" "H5'"  sing N N 131 
DT  "C5'" "H5''" sing N N 132 
DT  "C4'" "O4'"  sing N N 133 
DT  "C4'" "C3'"  sing N N 134 
DT  "C4'" "H4'"  sing N N 135 
DT  "O4'" "C1'"  sing N N 136 
DT  "C3'" "O3'"  sing N N 137 
DT  "C3'" "C2'"  sing N N 138 
DT  "C3'" "H3'"  sing N N 139 
DT  "O3'" "HO3'" sing N N 140 
DT  "C2'" "C1'"  sing N N 141 
DT  "C2'" "H2'"  sing N N 142 
DT  "C2'" "H2''" sing N N 143 
DT  "C1'" N1     sing N N 144 
DT  "C1'" "H1'"  sing N N 145 
DT  N1    C2     sing N N 146 
DT  N1    C6     sing N N 147 
DT  C2    O2     doub N N 148 
DT  C2    N3     sing N N 149 
DT  N3    C4     sing N N 150 
DT  N3    H3     sing N N 151 
DT  C4    O4     doub N N 152 
DT  C4    C5     sing N N 153 
DT  C5    C7     sing N N 154 
DT  C5    C6     doub N N 155 
DT  C7    H71    sing N N 156 
DT  C7    H72    sing N N 157 
DT  C7    H73    sing N N 158 
DT  C6    H6     sing N N 159 
# 
loop_
_ndb_struct_conf_na.entry_id 
_ndb_struct_conf_na.feature 
7JNM 'double helix'        
7JNM 'b-form double helix' 
# 
loop_
_ndb_struct_na_base_pair.model_number 
_ndb_struct_na_base_pair.i_label_asym_id 
_ndb_struct_na_base_pair.i_label_comp_id 
_ndb_struct_na_base_pair.i_label_seq_id 
_ndb_struct_na_base_pair.i_symmetry 
_ndb_struct_na_base_pair.j_label_asym_id 
_ndb_struct_na_base_pair.j_label_comp_id 
_ndb_struct_na_base_pair.j_label_seq_id 
_ndb_struct_na_base_pair.j_symmetry 
_ndb_struct_na_base_pair.shear 
_ndb_struct_na_base_pair.stretch 
_ndb_struct_na_base_pair.stagger 
_ndb_struct_na_base_pair.buckle 
_ndb_struct_na_base_pair.propeller 
_ndb_struct_na_base_pair.opening 
_ndb_struct_na_base_pair.pair_number 
_ndb_struct_na_base_pair.pair_name 
_ndb_struct_na_base_pair.i_auth_asym_id 
_ndb_struct_na_base_pair.i_auth_seq_id 
_ndb_struct_na_base_pair.i_PDB_ins_code 
_ndb_struct_na_base_pair.j_auth_asym_id 
_ndb_struct_na_base_pair.j_auth_seq_id 
_ndb_struct_na_base_pair.j_PDB_ins_code 
_ndb_struct_na_base_pair.hbond_type_28 
_ndb_struct_na_base_pair.hbond_type_12 
1 A DA 3  1_555 C DT 7 1_555 -0.314 0.075  0.207 -2.288 -7.356  0.337   1  B_DA9:DT42_D  B 9  ? D 42 ? 20 1 
1 A DC 4  1_555 C DG 6 1_555 -0.528 -0.220 0.019 0.590  -5.110  -6.790  2  B_DC10:DG41_D B 10 ? D 41 ? 19 1 
1 A DG 5  1_555 C DC 5 1_555 -0.190 -0.052 0.195 7.595  -10.164 -8.958  3  B_DG11:DC40_D B 11 ? D 40 ? 19 1 
1 A DA 6  1_555 C DT 4 1_555 0.880  -0.331 0.073 3.844  -12.312 -3.382  4  B_DA12:DT39_D B 12 ? D 39 ? 20 1 
1 A DC 7  1_555 C DG 3 1_555 -0.193 -0.466 0.458 -0.264 -13.151 -0.585  5  B_DC13:DG38_D B 13 ? D 38 ? 19 1 
1 A DA 8  1_555 C DT 2 1_555 -0.389 -0.260 0.334 0.155  -7.250  -9.470  6  B_DA14:DT37_D B 14 ? D 37 ? 20 1 
1 A DG 9  1_555 C DC 1 1_555 -0.110 -0.194 0.218 -2.228 -14.545 -7.675  7  B_DG15:DC36_D B 15 ? D 36 ? 19 1 
1 A DT 10 1_555 D DA 6 1_555 -0.844 -0.053 0.252 -8.768 -7.573  -2.125  8  B_DT16:DA6_A  B 16 ? A 6  ? 20 1 
1 A DG 11 1_555 D DC 5 1_555 -0.005 -0.202 0.330 5.929  -2.993  4.028   9  B_DG17:DC5_A  B 17 ? A 5  ? 19 1 
1 A DA 12 1_555 D DT 4 1_555 0.582  -0.162 0.384 4.016  -8.799  -4.720  10 B_DA18:DT4_A  B 18 ? A 4  ? 20 1 
1 A DC 13 1_555 D DG 3 1_555 -0.127 -0.255 0.026 -1.071 -2.580  -2.193  11 B_DC19:DG3_A  B 19 ? A 3  ? 19 1 
1 A DG 14 1_555 D DC 2 1_555 -0.235 -0.309 0.164 6.316  -8.776  -5.076  12 B_DG20:DC2_A  B 20 ? A 2  ? 19 1 
1 A DA 15 1_555 D DT 1 1_555 -0.074 -0.032 0.571 0.709  -15.289 -5.779  13 B_DA21:DT1_A  B 21 ? A 1  ? 20 1 
1 A DC 16 1_555 B DG 8 1_555 -0.115 -0.314 0.489 -4.434 -10.111 -2.887  14 B_DC22:DG35_C B 22 ? C 35 ? 19 1 
1 A DG 17 1_555 B DC 7 1_555 0.136  -0.161 0.692 5.027  -9.017  -2.886  15 B_DG23:DC34_C B 23 ? C 34 ? 19 1 
1 A DA 18 1_555 B DT 6 1_555 0.422  -0.216 0.415 -1.362 -5.320  1.149   16 B_DA24:DT33_C B 24 ? C 33 ? 20 1 
1 A DG 19 1_555 B DG 5 1_555 -0.567 1.233  0.524 0.931  1.997   -13.989 17 B_DG25:DG32_C B 25 ? C 32 ? ?  ? 
1 A DT 20 1_555 B DA 4 1_555 -0.374 -0.382 0.222 0.347  -2.131  -7.917  18 B_DT26:DA31_C B 26 ? C 31 ? 20 1 
1 A DC 21 1_555 B DG 3 1_555 0.375  -0.273 0.017 0.804  -5.157  0.528   19 B_DC27:DG30_C B 27 ? C 30 ? 19 1 
# 
loop_
_ndb_struct_na_base_pair_step.model_number 
_ndb_struct_na_base_pair_step.i_label_asym_id_1 
_ndb_struct_na_base_pair_step.i_label_comp_id_1 
_ndb_struct_na_base_pair_step.i_label_seq_id_1 
_ndb_struct_na_base_pair_step.i_symmetry_1 
_ndb_struct_na_base_pair_step.j_label_asym_id_1 
_ndb_struct_na_base_pair_step.j_label_comp_id_1 
_ndb_struct_na_base_pair_step.j_label_seq_id_1 
_ndb_struct_na_base_pair_step.j_symmetry_1 
_ndb_struct_na_base_pair_step.i_label_asym_id_2 
_ndb_struct_na_base_pair_step.i_label_comp_id_2 
_ndb_struct_na_base_pair_step.i_label_seq_id_2 
_ndb_struct_na_base_pair_step.i_symmetry_2 
_ndb_struct_na_base_pair_step.j_label_asym_id_2 
_ndb_struct_na_base_pair_step.j_label_comp_id_2 
_ndb_struct_na_base_pair_step.j_label_seq_id_2 
_ndb_struct_na_base_pair_step.j_symmetry_2 
_ndb_struct_na_base_pair_step.shift 
_ndb_struct_na_base_pair_step.slide 
_ndb_struct_na_base_pair_step.rise 
_ndb_struct_na_base_pair_step.tilt 
_ndb_struct_na_base_pair_step.roll 
_ndb_struct_na_base_pair_step.twist 
_ndb_struct_na_base_pair_step.x_displacement 
_ndb_struct_na_base_pair_step.y_displacement 
_ndb_struct_na_base_pair_step.helical_rise 
_ndb_struct_na_base_pair_step.inclination 
_ndb_struct_na_base_pair_step.tip 
_ndb_struct_na_base_pair_step.helical_twist 
_ndb_struct_na_base_pair_step.step_number 
_ndb_struct_na_base_pair_step.step_name 
_ndb_struct_na_base_pair_step.i_auth_asym_id_1 
_ndb_struct_na_base_pair_step.i_auth_seq_id_1 
_ndb_struct_na_base_pair_step.i_PDB_ins_code_1 
_ndb_struct_na_base_pair_step.j_auth_asym_id_1 
_ndb_struct_na_base_pair_step.j_auth_seq_id_1 
_ndb_struct_na_base_pair_step.j_PDB_ins_code_1 
_ndb_struct_na_base_pair_step.i_auth_asym_id_2 
_ndb_struct_na_base_pair_step.i_auth_seq_id_2 
_ndb_struct_na_base_pair_step.i_PDB_ins_code_2 
_ndb_struct_na_base_pair_step.j_auth_asym_id_2 
_ndb_struct_na_base_pair_step.j_auth_seq_id_2 
_ndb_struct_na_base_pair_step.j_PDB_ins_code_2 
1 A DA 3  1_555 C DT 7 1_555 A DC 4  1_555 C DG 6 1_555 -0.365 -0.726 3.223 0.852  2.181  32.817 -1.646 0.787  3.159 3.855  -1.506 
32.898 1  BB_DA9DC10:DG41DT42_DD  B 9  ? D 42 ? B 10 ? D 41 ? 
1 A DC 4  1_555 C DG 6 1_555 A DG 5  1_555 C DC 5 1_555 0.030  0.071  3.315 -1.158 2.547  34.309 -0.283 -0.233 3.309 4.309  1.958  
34.419 2  BB_DC10DG11:DC40DG41_DD B 10 ? D 41 ? B 11 ? D 40 ? 
1 A DG 5  1_555 C DC 5 1_555 A DA 6  1_555 C DT 4 1_555 0.134  -0.240 3.390 2.983  -0.224 41.002 -0.317 0.144  3.392 -0.320 -4.252 
41.106 3  BB_DG11DA12:DT39DC40_DD B 11 ? D 40 ? B 12 ? D 39 ? 
1 A DA 6  1_555 C DT 4 1_555 A DC 7  1_555 C DG 3 1_555 0.800  -0.852 3.333 -2.651 -2.206 25.754 -1.277 -2.522 3.296 -4.921 5.914  
25.980 4  BB_DA12DC13:DG38DT39_DD B 12 ? D 39 ? B 13 ? D 38 ? 
1 A DC 7  1_555 C DG 3 1_555 A DA 8  1_555 C DT 2 1_555 -0.023 -0.853 3.063 2.469  -0.192 38.898 -1.258 0.314  3.060 -0.288 -3.703 
38.973 5  BB_DC13DA14:DT37DG38_DD B 13 ? D 38 ? B 14 ? D 37 ? 
1 A DA 8  1_555 C DT 2 1_555 A DG 9  1_555 C DC 1 1_555 0.042  -1.057 3.366 -2.564 1.133  39.836 -1.681 -0.364 3.327 1.660  3.757  
39.931 6  BB_DA14DG15:DC36DT37_DD B 14 ? D 37 ? B 15 ? D 36 ? 
1 A DG 9  1_555 C DC 1 1_555 A DT 10 1_555 D DA 6 1_555 -0.740 -0.986 3.295 -0.954 0.508  27.068 -2.235 1.337  3.300 1.084  2.037  
27.089 7  BB_DG15DT16:DA6DC36_AD  B 15 ? D 36 ? B 16 ? A 6  ? 
1 A DT 10 1_555 D DA 6 1_555 A DG 11 1_555 D DC 5 1_555 -0.424 0.554  3.095 -2.941 9.753  33.669 -0.506 0.274  3.154 16.377 4.939  
35.134 8  BB_DT16DG17:DC5DA6_AA   B 16 ? A 6  ? B 17 ? A 5  ? 
1 A DG 11 1_555 D DC 5 1_555 A DA 12 1_555 D DT 4 1_555 -0.553 0.140  3.307 -1.812 3.560  38.455 -0.233 0.609  3.328 5.387  2.742  
38.654 9  BB_DG17DA18:DT4DC5_AA   B 17 ? A 5  ? B 18 ? A 4  ? 
1 A DA 12 1_555 D DT 4 1_555 A DC 13 1_555 D DG 3 1_555 0.463  -1.074 3.386 1.904  1.872  28.868 -2.570 -0.493 3.334 3.745  -3.808 
28.988 10 BB_DA18DC19:DG3DT4_AA   B 18 ? A 4  ? B 19 ? A 3  ? 
1 A DC 13 1_555 D DG 3 1_555 A DG 14 1_555 D DC 2 1_555 -0.029 0.220  3.319 -2.430 1.612  32.937 0.109  -0.367 3.319 2.836  4.275  
33.062 11 BB_DC19DG20:DC2DG3_AA   B 19 ? A 3  ? B 20 ? A 2  ? 
1 A DG 14 1_555 D DC 2 1_555 A DA 15 1_555 D DT 1 1_555 0.300  -0.885 3.245 -5.562 2.385  36.738 -1.697 -1.193 3.107 3.752  8.752  
37.216 12 BB_DG20DA21:DT1DC2_AA   B 20 ? A 2  ? B 21 ? A 1  ? 
1 A DA 15 1_555 D DT 1 1_555 A DC 16 1_555 B DG 8 1_555 -0.653 -1.068 3.353 0.064  1.648  31.187 -2.301 1.226  3.292 3.063  -0.120 
31.230 13 BB_DA21DC22:DG35DT1_CA  B 21 ? A 1  ? B 22 ? C 35 ? 
1 A DC 16 1_555 B DG 8 1_555 A DG 17 1_555 B DC 7 1_555 -0.532 0.058  3.120 -0.860 7.274  33.900 -0.974 0.767  3.078 12.298 1.454  
34.659 14 BB_DC22DG23:DC34DG35_CC B 22 ? C 35 ? B 23 ? C 34 ? 
1 A DG 17 1_555 B DC 7 1_555 A DA 18 1_555 B DT 6 1_555 0.051  -0.286 3.398 0.521  5.410  38.037 -1.132 -0.010 3.328 8.250  -0.795 
38.409 15 BB_DG23DA24:DT33DC34_CC B 23 ? C 34 ? B 24 ? C 33 ? 
1 A DA 18 1_555 B DT 6 1_555 A DG 19 1_555 B DG 5 1_555 -0.256 -0.854 3.196 -1.898 2.346  29.361 -2.160 0.110  3.130 4.614  3.732  
29.513 16 BB_DA24DG25:DG32DT33_CC B 24 ? C 33 ? B 25 ? C 32 ? 
1 A DG 19 1_555 B DG 5 1_555 A DT 20 1_555 B DA 4 1_555 0.157  -1.211 3.374 3.126  0.996  33.786 -2.239 0.247  3.338 1.708  -5.362 
33.940 17 BB_DG25DT26:DA31DG32_CC B 25 ? C 32 ? B 26 ? C 31 ? 
1 A DT 20 1_555 B DA 4 1_555 A DC 21 1_555 B DG 3 1_555 0.458  -0.126 3.390 3.743  1.051  37.076 -0.342 -0.200 3.413 1.647  -5.866 
37.272 18 BB_DT26DC27:DG30DA31_CC B 26 ? C 31 ? B 27 ? C 30 ? 
# 
loop_
_pdbx_audit_support.funding_organization 
_pdbx_audit_support.country 
_pdbx_audit_support.grant_number 
_pdbx_audit_support.ordinal 
'National Science Foundation (NSF, United States)'                                         'United States' 1360635     1 
'National Institutes of Health/National Institute of General Medical Sciences (NIH/NIGMS)' 'United States' R01GM104960 2 
'National Science Foundation (NSF, United States)'                                         'United States' NSF2004250  3 
# 
_pdbx_entity_nonpoly.entity_id   5 
_pdbx_entity_nonpoly.name        'CACODYLATE ION' 
_pdbx_entity_nonpoly.comp_id     CAC 
# 
_pdbx_initial_refinement_model.id               1 
_pdbx_initial_refinement_model.entity_id_list   ? 
_pdbx_initial_refinement_model.type             'experimental model' 
_pdbx_initial_refinement_model.source_name      PDB 
_pdbx_initial_refinement_model.accession_code   5VY6 
_pdbx_initial_refinement_model.details          ? 
# 
_pdbx_struct_assembly_auth_evidence.id                     1 
_pdbx_struct_assembly_auth_evidence.assembly_id            1 
_pdbx_struct_assembly_auth_evidence.experimental_support   none 
_pdbx_struct_assembly_auth_evidence.details                ? 
# 
